data_8DN3
#
_entry.id   8DN3
#
_cell.length_a   1.00
_cell.length_b   1.00
_cell.length_c   1.00
_cell.angle_alpha   90.00
_cell.angle_beta   90.00
_cell.angle_gamma   90.00
#
_symmetry.space_group_name_H-M   'P 1'
#
loop_
_entity.id
_entity.type
_entity.pdbx_description
1 polymer 'Glycine receptor subunit alpha-1'
2 polymer 'Glycine receptor subunit beta,Green fluorescent protein,Glycine receptor beta'
3 non-polymer 2-acetamido-2-deoxy-beta-D-glucopyranose
4 non-polymer HEXANE
5 non-polymer UNDECANE
6 non-polymer nonane
7 non-polymer N-BUTANE
8 non-polymer HEPTANE
9 non-polymer DECANE
10 non-polymer 'CHLORIDE ION'
#
loop_
_entity_poly.entity_id
_entity_poly.type
_entity_poly.pdbx_seq_one_letter_code
_entity_poly.pdbx_strand_id
1 'polypeptide(L)'
;ARSAPKPMSPSDFLDKLMGRTSGYDARIRPNFKGPPVNVSCNIFINSFGSIAETTMDYRVNIFLRQQWNDPRLAYNEYPD
DSLDLDPSMLDSIWKPDLFFANEKGAHFHEITTDNKLLRISRNGNVLYSIRITLTLACPMDLKNFPMDVQTCIMQLESFG
YTMNDLIFEWQEQGAVQVADGLTLPQFILKEEKDLRYCTKHYNTGKFTCIEARFHLERQMGYYLIQMYIPSLLIVILSWI
SFWINMDAAPARVGLGITTVLTMTTQSSGSRASLPKVSYVKAIDIWMAVCLLFVFSALLEYAAVNFVSRQHKELLGSSGE
EMRKLFIQRAKKIDKISRIGFPMAFLIFNMFYWIIYKIVRREDVHNQ
;
D,A,B,C
2 'polypeptide(L)'
;KSSKKGKGKKKQYLCPSQQSAEDLARVPANSTSNILNRLLVSYDPRIRPNFKGIPVDVVVNIFINSFGSIQETTMDYRVN
IFLRQKWNDPRLKLPSDFRGSDALTVDPTMYKCLWKPDLFFANEKSANFHDVTQENILLFIFRDGDVLVSMRLSITLSCP
LDLTLFPMDTQRCKMQLESFGYTTDDLRFIWQSGDPVQLEKIALPQFDIKKEDIEYGNCTKYYKGTGYYTCVEVIFTLRR
QVGFYMMGVYAPTLLIVVLSWLSFWINPDASAARVPLGIFSVLSLASECTTLAAELPKVSYVKALDVWLIACLLFGFASL
VEYAVVQVMLNGGSSAAAVSKGEELFTGVVPILVELDGDVNGHKFSVSGEGEGDATYGKLTLKFICTTGKLPVPWPTLVT
TFSYGVQCFSRYPDHMKQHDFFKSAMPEGYVQERTIFFKDDGNYKTRAEVKFEGDTLVNRIELKGIDFKEDGNILGHKLE
YNYNSHNVYIMADKQKNGIKVNFKIRHNIEDGSVQLADHYQQNTPIGDGPVLLPDNHYLSTQSALSKDPNEKRDHMVLLE
FVTAAGITHGMDELYKSGSGSGVGETRCKKVCTSKSDLRSNDFSIVGSLPRDFELSNYDCYGKPIEVNNGLGKSQAKNNK
KPPPAKPVIPTAAKRIDLYARALFPFCFLFFNVIYWSIYL
;
E
#
loop_
_chem_comp.id
_chem_comp.type
_chem_comp.name
_chem_comp.formula
CL non-polymer 'CHLORIDE ION' 'Cl -1'
D10 non-polymer DECANE 'C10 H22'
DD9 non-polymer nonane 'C9 H20'
HEX non-polymer HEXANE 'C6 H14'
HP6 non-polymer HEPTANE 'C7 H16'
NAG D-saccharide, beta linking 2-acetamido-2-deoxy-beta-D-glucopyranose 'C8 H15 N O6'
NBU non-polymer N-BUTANE 'C4 H10'
UND non-polymer UNDECANE 'C11 H24'
#
# COMPACT_ATOMS: atom_id res chain seq x y z
N SER A 9 8.56 -13.66 -52.38
CA SER A 9 8.33 -12.73 -51.28
C SER A 9 8.69 -13.39 -49.94
N PRO A 10 9.36 -12.63 -49.06
CA PRO A 10 9.76 -13.19 -47.77
C PRO A 10 8.59 -13.61 -46.89
N SER A 11 7.44 -12.96 -47.02
CA SER A 11 6.32 -13.24 -46.11
C SER A 11 5.84 -14.68 -46.26
N ASP A 12 5.60 -15.12 -47.50
CA ASP A 12 5.17 -16.49 -47.74
C ASP A 12 6.35 -17.45 -47.87
N PHE A 13 7.59 -16.95 -47.92
CA PHE A 13 8.73 -17.84 -47.92
C PHE A 13 8.84 -18.62 -46.61
N LEU A 14 8.42 -18.00 -45.49
CA LEU A 14 8.35 -18.74 -44.23
C LEU A 14 7.37 -19.90 -44.34
N ASP A 15 6.21 -19.66 -44.95
CA ASP A 15 5.24 -20.74 -45.14
C ASP A 15 5.80 -21.84 -46.04
N LYS A 16 6.52 -21.45 -47.10
CA LYS A 16 7.11 -22.44 -47.99
C LYS A 16 8.16 -23.27 -47.26
N LEU A 17 8.98 -22.63 -46.42
CA LEU A 17 10.04 -23.33 -45.72
C LEU A 17 9.47 -24.26 -44.63
N MET A 18 8.48 -23.78 -43.88
CA MET A 18 7.88 -24.55 -42.81
C MET A 18 6.38 -24.26 -42.76
N GLY A 19 5.60 -25.28 -42.45
CA GLY A 19 4.17 -25.12 -42.36
C GLY A 19 3.36 -26.22 -43.03
N ARG A 20 2.16 -25.87 -43.50
CA ARG A 20 1.28 -26.86 -44.09
C ARG A 20 1.86 -27.45 -45.36
N THR A 21 2.47 -26.62 -46.21
CA THR A 21 2.99 -27.05 -47.49
C THR A 21 4.40 -27.61 -47.42
N SER A 22 5.03 -27.60 -46.24
CA SER A 22 6.40 -28.07 -46.10
C SER A 22 6.53 -29.34 -45.29
N GLY A 23 5.70 -29.52 -44.26
CA GLY A 23 5.75 -30.69 -43.42
C GLY A 23 6.53 -30.53 -42.12
N TYR A 24 7.10 -29.35 -41.87
CA TYR A 24 7.80 -29.12 -40.62
C TYR A 24 6.82 -29.17 -39.45
N ASP A 25 7.25 -29.80 -38.36
CA ASP A 25 6.45 -29.92 -37.15
C ASP A 25 6.96 -28.94 -36.10
N ALA A 26 6.05 -28.18 -35.50
CA ALA A 26 6.41 -27.14 -34.55
C ALA A 26 6.37 -27.62 -33.11
N ARG A 27 6.13 -28.91 -32.87
CA ARG A 27 6.07 -29.46 -31.52
C ARG A 27 7.14 -30.51 -31.27
N ILE A 28 8.13 -30.63 -32.16
CA ILE A 28 9.21 -31.59 -32.02
C ILE A 28 10.53 -30.82 -32.03
N ARG A 29 11.38 -31.10 -31.05
CA ARG A 29 12.67 -30.43 -30.96
C ARG A 29 13.55 -30.84 -32.13
N PRO A 30 14.40 -29.92 -32.62
CA PRO A 30 15.35 -30.29 -33.66
C PRO A 30 16.35 -31.33 -33.15
N ASN A 31 16.87 -32.13 -34.07
CA ASN A 31 17.72 -33.27 -33.75
C ASN A 31 16.99 -34.24 -32.81
N PHE A 32 15.79 -34.63 -33.23
CA PHE A 32 14.95 -35.48 -32.41
C PHE A 32 15.60 -36.85 -32.21
N LYS A 33 15.52 -37.35 -30.97
CA LYS A 33 16.15 -38.61 -30.59
C LYS A 33 17.63 -38.62 -30.93
N GLY A 34 18.31 -37.52 -30.66
CA GLY A 34 19.72 -37.39 -30.92
C GLY A 34 20.43 -36.53 -29.90
N PRO A 35 21.43 -35.78 -30.35
CA PRO A 35 22.16 -34.92 -29.41
C PRO A 35 21.27 -33.82 -28.87
N PRO A 36 21.51 -33.36 -27.66
CA PRO A 36 20.72 -32.24 -27.12
C PRO A 36 20.98 -30.96 -27.89
N VAL A 37 19.96 -30.09 -27.91
CA VAL A 37 20.06 -28.80 -28.65
C VAL A 37 20.51 -27.69 -27.69
N ASN A 38 21.77 -27.29 -27.78
CA ASN A 38 22.33 -26.26 -26.87
C ASN A 38 21.63 -24.92 -27.11
N VAL A 39 21.37 -24.14 -26.05
CA VAL A 39 20.74 -22.80 -26.19
C VAL A 39 21.61 -21.76 -25.48
N SER A 40 22.39 -20.97 -26.23
CA SER A 40 23.26 -19.95 -25.65
C SER A 40 22.43 -18.72 -25.36
N CYS A 41 21.97 -18.58 -24.12
CA CYS A 41 21.07 -17.51 -23.72
C CYS A 41 21.79 -16.52 -22.82
N ASN A 42 21.69 -15.24 -23.15
CA ASN A 42 22.28 -14.17 -22.37
C ASN A 42 21.22 -13.10 -22.09
N ILE A 43 21.31 -12.48 -20.92
CA ILE A 43 20.31 -11.53 -20.47
C ILE A 43 20.92 -10.13 -20.48
N PHE A 44 20.06 -9.14 -20.26
CA PHE A 44 20.47 -7.73 -20.22
C PHE A 44 19.57 -7.03 -19.20
N ILE A 45 20.09 -6.85 -17.99
CA ILE A 45 19.34 -6.19 -16.93
C ILE A 45 19.08 -4.74 -17.32
N ASN A 46 17.82 -4.40 -17.57
CA ASN A 46 17.45 -3.07 -18.02
C ASN A 46 17.04 -2.15 -16.88
N SER A 47 16.46 -2.70 -15.82
CA SER A 47 16.03 -1.88 -14.67
C SER A 47 15.99 -2.78 -13.46
N PHE A 48 16.91 -2.57 -12.52
CA PHE A 48 17.03 -3.37 -11.31
C PHE A 48 16.66 -2.52 -10.11
N GLY A 49 15.77 -3.02 -9.27
CA GLY A 49 15.36 -2.27 -8.10
C GLY A 49 14.10 -2.87 -7.49
N SER A 50 13.41 -2.04 -6.71
CA SER A 50 12.19 -2.42 -6.00
C SER A 50 12.43 -3.58 -5.05
N ILE A 51 13.59 -3.57 -4.39
CA ILE A 51 13.93 -4.59 -3.40
C ILE A 51 13.22 -4.27 -2.10
N ALA A 52 12.46 -5.23 -1.58
CA ALA A 52 11.68 -5.04 -0.36
C ALA A 52 11.99 -6.16 0.62
N GLU A 53 12.10 -5.80 1.91
CA GLU A 53 12.31 -6.78 2.96
C GLU A 53 11.02 -7.41 3.46
N THR A 54 9.86 -6.89 3.06
CA THR A 54 8.60 -7.43 3.54
C THR A 54 8.24 -8.74 2.86
N THR A 55 8.52 -8.86 1.55
CA THR A 55 8.16 -10.05 0.79
C THR A 55 9.35 -10.79 0.22
N MET A 56 10.58 -10.33 0.49
CA MET A 56 11.80 -10.99 0.03
C MET A 56 11.80 -11.18 -1.49
N ASP A 57 11.79 -10.06 -2.20
CA ASP A 57 11.68 -10.11 -3.65
C ASP A 57 12.34 -8.89 -4.28
N TYR A 58 12.57 -8.97 -5.58
CA TYR A 58 13.09 -7.87 -6.36
C TYR A 58 12.57 -7.98 -7.78
N ARG A 59 12.60 -6.86 -8.51
CA ARG A 59 12.03 -6.79 -9.85
C ARG A 59 13.10 -6.38 -10.85
N VAL A 60 13.07 -7.03 -12.02
CA VAL A 60 14.03 -6.76 -13.09
C VAL A 60 13.30 -6.67 -14.42
N ASN A 61 13.95 -6.02 -15.38
CA ASN A 61 13.54 -6.02 -16.78
C ASN A 61 14.67 -6.61 -17.60
N ILE A 62 14.36 -7.62 -18.41
CA ILE A 62 15.37 -8.45 -19.05
C ILE A 62 15.14 -8.46 -20.56
N PHE A 63 16.19 -8.20 -21.32
CA PHE A 63 16.19 -8.41 -22.77
C PHE A 63 16.71 -9.81 -23.09
N LEU A 64 15.99 -10.82 -22.58
CA LEU A 64 16.42 -12.20 -22.73
C LEU A 64 16.43 -12.61 -24.19
N ARG A 65 17.58 -13.09 -24.65
CA ARG A 65 17.72 -13.59 -26.02
C ARG A 65 18.54 -14.87 -25.99
N GLN A 66 18.34 -15.72 -27.00
CA GLN A 66 18.93 -17.04 -27.00
C GLN A 66 19.00 -17.58 -28.41
N GLN A 67 20.09 -18.30 -28.70
CA GLN A 67 20.30 -18.89 -30.01
C GLN A 67 20.39 -20.41 -29.91
N TRP A 68 19.95 -21.08 -30.98
CA TRP A 68 20.05 -22.53 -31.06
C TRP A 68 19.96 -22.93 -32.52
N ASN A 69 20.77 -23.91 -32.92
CA ASN A 69 20.79 -24.36 -34.30
C ASN A 69 19.52 -25.13 -34.63
N ASP A 70 19.11 -25.03 -35.89
CA ASP A 70 17.88 -25.70 -36.36
C ASP A 70 18.05 -26.08 -37.81
N PRO A 71 18.53 -27.30 -38.08
CA PRO A 71 18.67 -27.73 -39.48
C PRO A 71 17.37 -27.76 -40.24
N ARG A 72 16.24 -28.01 -39.58
CA ARG A 72 14.95 -27.97 -40.26
C ARG A 72 14.64 -26.57 -40.77
N LEU A 73 14.94 -25.55 -39.98
CA LEU A 73 14.74 -24.16 -40.41
C LEU A 73 15.87 -23.65 -41.29
N ALA A 74 16.98 -24.37 -41.39
CA ALA A 74 18.07 -23.94 -42.26
C ALA A 74 17.60 -23.88 -43.71
N TYR A 75 18.00 -22.82 -44.41
CA TYR A 75 17.60 -22.60 -45.79
C TYR A 75 18.79 -22.07 -46.58
N ASN A 76 18.76 -22.29 -47.90
CA ASN A 76 19.82 -21.81 -48.77
C ASN A 76 19.34 -21.16 -50.06
N GLU A 77 18.07 -21.30 -50.43
CA GLU A 77 17.61 -20.77 -51.71
C GLU A 77 17.42 -19.27 -51.68
N TYR A 78 16.95 -18.72 -50.56
CA TYR A 78 16.62 -17.30 -50.50
C TYR A 78 17.90 -16.46 -50.48
N PRO A 79 18.03 -15.48 -51.37
CA PRO A 79 19.27 -14.69 -51.43
C PRO A 79 19.55 -13.90 -50.14
N ASP A 80 18.52 -13.47 -49.43
CA ASP A 80 18.73 -12.63 -48.26
C ASP A 80 19.46 -13.40 -47.17
N ASP A 81 20.37 -12.71 -46.48
CA ASP A 81 21.17 -13.36 -45.43
C ASP A 81 20.31 -13.69 -44.22
N SER A 82 19.50 -12.74 -43.76
CA SER A 82 18.65 -12.92 -42.59
C SER A 82 17.19 -13.06 -43.04
N LEU A 83 16.35 -13.44 -42.08
CA LEU A 83 14.92 -13.64 -42.36
C LEU A 83 14.17 -13.43 -41.05
N ASP A 84 13.56 -12.26 -40.89
CA ASP A 84 12.86 -11.92 -39.65
C ASP A 84 11.50 -12.62 -39.60
N LEU A 85 10.78 -12.38 -38.51
CA LEU A 85 9.48 -12.99 -38.30
C LEU A 85 8.67 -12.12 -37.34
N ASP A 86 7.36 -12.32 -37.36
CA ASP A 86 6.42 -11.63 -36.49
C ASP A 86 5.85 -12.60 -35.46
N PRO A 87 5.34 -12.09 -34.34
CA PRO A 87 4.81 -12.99 -33.29
C PRO A 87 3.68 -13.89 -33.76
N SER A 88 2.88 -13.45 -34.73
CA SER A 88 1.74 -14.23 -35.18
C SER A 88 2.20 -15.59 -35.73
N MET A 89 3.25 -15.59 -36.54
CA MET A 89 3.82 -16.85 -37.02
C MET A 89 4.83 -17.44 -36.03
N LEU A 90 5.41 -16.61 -35.16
CA LEU A 90 6.28 -17.11 -34.10
C LEU A 90 5.54 -18.06 -33.18
N ASP A 91 4.23 -17.85 -33.02
CA ASP A 91 3.41 -18.74 -32.20
C ASP A 91 3.30 -20.15 -32.79
N SER A 92 3.93 -20.43 -33.93
CA SER A 92 3.87 -21.73 -34.57
C SER A 92 5.26 -22.21 -34.96
N ILE A 93 6.21 -22.11 -34.02
CA ILE A 93 7.56 -22.60 -34.23
C ILE A 93 8.09 -23.09 -32.88
N TRP A 94 8.94 -24.11 -32.94
CA TRP A 94 9.47 -24.69 -31.71
C TRP A 94 10.39 -23.71 -30.99
N LYS A 95 10.16 -23.56 -29.68
CA LYS A 95 10.97 -22.71 -28.83
C LYS A 95 11.29 -23.45 -27.54
N PRO A 96 12.46 -23.19 -26.96
CA PRO A 96 12.79 -23.85 -25.68
C PRO A 96 11.83 -23.43 -24.58
N ASP A 97 11.48 -24.40 -23.73
CA ASP A 97 10.56 -24.15 -22.61
C ASP A 97 11.38 -23.65 -21.43
N LEU A 98 11.78 -22.38 -21.51
CA LEU A 98 12.60 -21.73 -20.49
C LEU A 98 11.70 -21.00 -19.51
N PHE A 99 11.75 -21.42 -18.25
CA PHE A 99 10.99 -20.75 -17.19
C PHE A 99 11.91 -20.53 -16.01
N PHE A 100 11.67 -19.42 -15.30
CA PHE A 100 12.47 -19.07 -14.14
C PHE A 100 11.97 -19.82 -12.91
N ALA A 101 12.90 -20.44 -12.17
CA ALA A 101 12.53 -21.28 -11.03
C ALA A 101 12.02 -20.49 -9.85
N ASN A 102 12.22 -19.17 -9.82
CA ASN A 102 11.75 -18.32 -8.73
C ASN A 102 11.12 -17.05 -9.28
N GLU A 103 10.30 -17.19 -10.32
CA GLU A 103 9.73 -16.02 -11.00
C GLU A 103 8.79 -15.25 -10.08
N LYS A 104 7.93 -15.97 -9.34
CA LYS A 104 6.95 -15.35 -8.44
C LYS A 104 6.06 -14.35 -9.16
N GLY A 105 5.92 -14.48 -10.48
CA GLY A 105 5.12 -13.55 -11.26
C GLY A 105 5.86 -13.03 -12.47
N ALA A 106 5.19 -12.99 -13.62
CA ALA A 106 5.82 -12.52 -14.85
C ALA A 106 4.74 -12.07 -15.83
N HIS A 107 5.15 -11.27 -16.80
CA HIS A 107 4.27 -10.80 -17.86
C HIS A 107 5.10 -10.14 -18.95
N PHE A 108 4.63 -10.25 -20.18
CA PHE A 108 5.31 -9.68 -21.33
C PHE A 108 5.03 -8.18 -21.42
N HIS A 109 5.48 -7.56 -22.50
CA HIS A 109 5.15 -6.17 -22.82
C HIS A 109 4.59 -6.13 -24.24
N GLU A 110 3.45 -5.47 -24.41
CA GLU A 110 2.71 -5.46 -25.66
C GLU A 110 2.29 -4.04 -26.03
N ILE A 111 3.24 -3.10 -26.00
CA ILE A 111 2.95 -1.69 -26.26
C ILE A 111 3.21 -1.40 -27.73
N THR A 112 2.12 -1.14 -28.48
CA THR A 112 2.11 -0.75 -29.88
C THR A 112 2.54 -1.89 -30.79
N THR A 113 3.04 -2.98 -30.20
CA THR A 113 3.45 -4.21 -30.86
C THR A 113 3.89 -5.16 -29.75
N ASP A 114 3.86 -6.45 -30.04
CA ASP A 114 4.44 -7.42 -29.12
C ASP A 114 5.95 -7.24 -29.08
N ASN A 115 6.51 -7.17 -27.87
CA ASN A 115 7.95 -6.94 -27.70
C ASN A 115 8.71 -8.27 -27.82
N LYS A 116 8.65 -8.84 -29.02
CA LYS A 116 9.33 -10.08 -29.35
C LYS A 116 10.03 -9.93 -30.69
N LEU A 117 11.08 -10.72 -30.88
CA LEU A 117 11.86 -10.68 -32.10
C LEU A 117 12.35 -12.08 -32.43
N LEU A 118 12.36 -12.41 -33.72
CA LEU A 118 12.83 -13.72 -34.16
C LEU A 118 13.30 -13.61 -35.59
N ARG A 119 14.57 -13.91 -35.83
CA ARG A 119 15.13 -13.94 -37.17
C ARG A 119 15.95 -15.21 -37.35
N ILE A 120 15.96 -15.72 -38.59
CA ILE A 120 16.59 -16.99 -38.93
C ILE A 120 17.67 -16.73 -39.97
N SER A 121 18.87 -17.24 -39.71
CA SER A 121 19.98 -17.09 -40.64
C SER A 121 20.00 -18.25 -41.63
N ARG A 122 20.93 -18.19 -42.58
CA ARG A 122 21.04 -19.25 -43.59
C ARG A 122 21.41 -20.58 -42.96
N ASN A 123 22.38 -20.57 -42.03
CA ASN A 123 22.88 -21.81 -41.45
C ASN A 123 21.87 -22.48 -40.51
N GLY A 124 20.77 -21.80 -40.18
CA GLY A 124 19.76 -22.36 -39.31
C GLY A 124 19.74 -21.77 -37.92
N ASN A 125 20.74 -20.98 -37.54
CA ASN A 125 20.74 -20.35 -36.23
C ASN A 125 19.57 -19.40 -36.10
N VAL A 126 18.90 -19.44 -34.94
CA VAL A 126 17.71 -18.66 -34.68
C VAL A 126 17.98 -17.74 -33.49
N LEU A 127 17.56 -16.49 -33.61
CA LEU A 127 17.64 -15.52 -32.53
C LEU A 127 16.24 -15.23 -32.03
N TYR A 128 16.08 -15.16 -30.71
CA TYR A 128 14.76 -15.01 -30.08
C TYR A 128 14.91 -14.13 -28.85
N SER A 129 14.64 -12.84 -29.01
CA SER A 129 14.79 -11.85 -27.94
C SER A 129 13.40 -11.35 -27.53
N ILE A 130 13.11 -11.43 -26.23
CA ILE A 130 11.85 -10.96 -25.68
C ILE A 130 12.14 -10.07 -24.47
N ARG A 131 11.20 -9.19 -24.17
CA ARG A 131 11.31 -8.27 -23.04
C ARG A 131 10.34 -8.73 -21.96
N ILE A 132 10.87 -9.02 -20.77
CA ILE A 132 10.09 -9.59 -19.67
C ILE A 132 10.29 -8.72 -18.44
N THR A 133 9.31 -8.77 -17.54
CA THR A 133 9.38 -8.09 -16.24
C THR A 133 9.13 -9.12 -15.15
N LEU A 134 10.18 -9.48 -14.43
CA LEU A 134 10.13 -10.55 -13.44
C LEU A 134 10.21 -9.99 -12.04
N THR A 135 9.26 -10.39 -11.19
CA THR A 135 9.31 -10.06 -9.76
C THR A 135 9.90 -11.25 -9.00
N LEU A 136 11.19 -11.49 -9.27
CA LEU A 136 11.90 -12.62 -8.68
C LEU A 136 11.96 -12.48 -7.17
N ALA A 137 12.28 -13.59 -6.50
CA ALA A 137 12.31 -13.66 -5.06
C ALA A 137 13.62 -14.26 -4.59
N CYS A 138 14.17 -13.71 -3.49
CA CYS A 138 15.40 -14.19 -2.89
C CYS A 138 15.31 -14.03 -1.38
N PRO A 139 15.71 -15.03 -0.60
CA PRO A 139 15.74 -14.88 0.86
C PRO A 139 16.90 -14.01 1.29
N MET A 140 16.60 -12.97 2.07
CA MET A 140 17.59 -12.02 2.56
C MET A 140 17.73 -12.16 4.06
N ASP A 141 18.95 -12.35 4.53
CA ASP A 141 19.23 -12.55 5.94
C ASP A 141 19.74 -11.23 6.53
N LEU A 142 19.01 -10.71 7.51
CA LEU A 142 19.31 -9.41 8.12
C LEU A 142 19.88 -9.55 9.53
N LYS A 143 20.72 -10.56 9.77
CA LYS A 143 21.33 -10.71 11.09
C LYS A 143 22.20 -9.50 11.41
N ASN A 144 23.00 -9.06 10.45
CA ASN A 144 23.80 -7.85 10.57
C ASN A 144 23.21 -6.82 9.61
N PHE A 145 22.21 -6.06 10.09
CA PHE A 145 21.41 -5.26 9.18
C PHE A 145 22.18 -4.08 8.58
N PRO A 146 22.75 -3.17 9.36
CA PRO A 146 23.42 -2.01 8.73
C PRO A 146 24.63 -2.38 7.88
N MET A 147 25.22 -3.54 8.07
CA MET A 147 26.43 -3.95 7.37
C MET A 147 26.25 -5.31 6.71
N ASP A 148 25.13 -5.48 6.01
CA ASP A 148 24.85 -6.73 5.32
C ASP A 148 25.31 -6.68 3.87
N VAL A 149 25.43 -7.87 3.27
CA VAL A 149 25.75 -8.01 1.86
C VAL A 149 24.85 -9.14 1.32
N GLN A 150 23.87 -8.78 0.50
CA GLN A 150 22.90 -9.75 0.04
C GLN A 150 23.42 -10.49 -1.19
N THR A 151 22.72 -11.58 -1.55
CA THR A 151 23.05 -12.38 -2.73
C THR A 151 21.74 -12.90 -3.30
N CYS A 152 21.20 -12.17 -4.28
CA CYS A 152 19.95 -12.53 -4.94
C CYS A 152 20.25 -13.08 -6.33
N ILE A 153 19.56 -14.16 -6.68
CA ILE A 153 19.88 -14.93 -7.88
C ILE A 153 18.61 -15.20 -8.68
N MET A 154 18.80 -15.51 -9.95
CA MET A 154 17.74 -15.99 -10.83
C MET A 154 18.17 -17.33 -11.43
N GLN A 155 17.22 -18.23 -11.60
CA GLN A 155 17.50 -19.58 -12.06
C GLN A 155 16.70 -19.86 -13.33
N LEU A 156 17.39 -19.96 -14.46
CA LEU A 156 16.77 -20.34 -15.72
C LEU A 156 16.84 -21.85 -15.86
N GLU A 157 15.68 -22.49 -16.02
CA GLU A 157 15.62 -23.95 -16.08
C GLU A 157 14.61 -24.37 -17.14
N SER A 158 14.87 -25.54 -17.74
CA SER A 158 13.88 -26.17 -18.60
C SER A 158 12.77 -26.79 -17.76
N PHE A 159 11.67 -27.12 -18.41
CA PHE A 159 10.51 -27.68 -17.72
C PHE A 159 10.12 -29.05 -18.23
N GLY A 160 10.10 -29.27 -19.54
CA GLY A 160 9.65 -30.54 -20.08
C GLY A 160 10.70 -31.28 -20.86
N TYR A 161 11.98 -31.01 -20.57
CA TYR A 161 13.08 -31.66 -21.25
C TYR A 161 14.19 -31.94 -20.26
N THR A 162 14.81 -33.12 -20.39
CA THR A 162 15.93 -33.51 -19.55
C THR A 162 17.21 -32.92 -20.14
N MET A 163 18.36 -33.33 -19.61
CA MET A 163 19.64 -32.87 -20.14
C MET A 163 20.08 -33.65 -21.38
N ASN A 164 19.34 -34.69 -21.77
CA ASN A 164 19.61 -35.38 -23.01
C ASN A 164 18.85 -34.79 -24.19
N ASP A 165 17.98 -33.80 -23.96
CA ASP A 165 17.21 -33.15 -24.99
C ASP A 165 17.51 -31.68 -25.12
N LEU A 166 17.51 -30.94 -24.01
CA LEU A 166 17.74 -29.50 -24.01
C LEU A 166 18.82 -29.16 -22.99
N ILE A 167 19.82 -28.41 -23.43
CA ILE A 167 20.93 -27.99 -22.57
C ILE A 167 21.13 -26.49 -22.72
N PHE A 168 21.12 -25.77 -21.60
CA PHE A 168 21.38 -24.34 -21.58
C PHE A 168 22.86 -24.07 -21.29
N GLU A 169 23.31 -22.90 -21.71
CA GLU A 169 24.69 -22.49 -21.49
C GLU A 169 24.79 -20.99 -21.69
N TRP A 170 25.50 -20.32 -20.77
CA TRP A 170 25.71 -18.88 -20.91
C TRP A 170 26.63 -18.59 -22.08
N GLN A 171 26.51 -17.36 -22.60
CA GLN A 171 27.35 -16.94 -23.72
C GLN A 171 28.81 -16.88 -23.29
N GLU A 172 29.69 -17.12 -24.27
CA GLU A 172 31.13 -17.20 -23.97
C GLU A 172 31.66 -15.91 -23.39
N GLN A 173 31.12 -14.76 -23.79
CA GLN A 173 31.56 -13.47 -23.29
C GLN A 173 30.37 -12.54 -23.14
N GLY A 174 30.38 -11.74 -22.06
CA GLY A 174 29.32 -10.78 -21.82
C GLY A 174 27.95 -11.41 -21.66
N ALA A 175 27.87 -12.48 -20.85
CA ALA A 175 26.60 -13.17 -20.68
C ALA A 175 25.57 -12.30 -19.99
N VAL A 176 25.92 -11.71 -18.85
CA VAL A 176 25.04 -10.84 -18.09
C VAL A 176 25.58 -9.43 -18.17
N GLN A 177 24.75 -8.51 -18.66
CA GLN A 177 25.13 -7.12 -18.81
C GLN A 177 24.16 -6.24 -18.02
N VAL A 178 24.63 -5.03 -17.71
CA VAL A 178 23.83 -4.06 -16.96
C VAL A 178 23.71 -2.79 -17.79
N ALA A 179 22.65 -2.04 -17.54
CA ALA A 179 22.38 -0.79 -18.23
C ALA A 179 23.24 0.32 -17.64
N ASP A 180 22.89 1.56 -17.93
CA ASP A 180 23.67 2.71 -17.49
C ASP A 180 23.53 2.86 -15.96
N GLY A 181 24.07 3.94 -15.43
CA GLY A 181 24.23 4.07 -13.99
C GLY A 181 22.93 4.24 -13.21
N LEU A 182 22.05 3.25 -13.33
CA LEU A 182 20.83 3.25 -12.53
C LEU A 182 21.16 3.19 -11.04
N THR A 183 20.37 3.88 -10.24
CA THR A 183 20.63 4.03 -8.81
C THR A 183 19.50 3.42 -8.01
N LEU A 184 19.85 2.63 -7.00
CA LEU A 184 18.86 2.03 -6.12
C LEU A 184 18.86 2.73 -4.77
N PRO A 185 17.71 2.77 -4.08
CA PRO A 185 17.71 3.22 -2.69
C PRO A 185 18.11 2.08 -1.76
N GLN A 186 19.09 2.34 -0.90
CA GLN A 186 19.58 1.46 0.16
C GLN A 186 20.43 0.30 -0.34
N PHE A 187 20.83 0.29 -1.61
CA PHE A 187 21.66 -0.80 -2.12
C PHE A 187 22.52 -0.30 -3.26
N ILE A 188 23.74 -0.83 -3.34
CA ILE A 188 24.67 -0.58 -4.43
C ILE A 188 25.01 -1.93 -5.07
N LEU A 189 24.62 -2.11 -6.32
CA LEU A 189 24.86 -3.37 -7.00
C LEU A 189 26.32 -3.46 -7.41
N LYS A 190 27.01 -4.50 -6.93
CA LYS A 190 28.41 -4.68 -7.25
C LYS A 190 28.59 -4.97 -8.74
N GLU A 191 29.65 -4.39 -9.32
CA GLU A 191 29.92 -4.60 -10.74
C GLU A 191 30.20 -6.07 -11.04
N GLU A 192 30.95 -6.74 -10.17
CA GLU A 192 31.21 -8.16 -10.35
C GLU A 192 29.95 -8.96 -10.07
N LYS A 193 29.69 -9.95 -10.93
CA LYS A 193 28.53 -10.82 -10.77
C LYS A 193 28.88 -12.19 -11.36
N ASP A 194 29.18 -13.14 -10.50
CA ASP A 194 29.58 -14.47 -10.95
C ASP A 194 28.39 -15.21 -11.57
N LEU A 195 28.72 -16.18 -12.42
CA LEU A 195 27.73 -16.96 -13.17
C LEU A 195 27.95 -18.43 -12.86
N ARG A 196 27.32 -18.91 -11.80
CA ARG A 196 27.41 -20.31 -11.44
C ARG A 196 26.66 -21.18 -12.44
N TYR A 197 26.83 -22.50 -12.30
CA TYR A 197 26.22 -23.49 -13.19
C TYR A 197 25.49 -24.51 -12.32
N CYS A 198 24.24 -24.20 -11.97
CA CYS A 198 23.43 -25.12 -11.19
C CYS A 198 22.96 -26.29 -12.06
N THR A 199 22.49 -27.33 -11.38
CA THR A 199 21.89 -28.48 -12.06
C THR A 199 21.03 -29.24 -11.06
N LYS A 200 19.72 -29.23 -11.27
CA LYS A 200 18.81 -29.91 -10.37
C LYS A 200 18.75 -31.39 -10.68
N HIS A 201 18.71 -32.21 -9.63
CA HIS A 201 18.64 -33.67 -9.75
C HIS A 201 17.31 -34.14 -9.18
N TYR A 202 16.41 -34.56 -10.06
CA TYR A 202 15.12 -35.11 -9.68
C TYR A 202 15.12 -36.62 -9.90
N ASN A 203 14.03 -37.25 -9.45
CA ASN A 203 13.88 -38.68 -9.63
C ASN A 203 13.65 -39.07 -11.08
N THR A 204 13.21 -38.13 -11.92
CA THR A 204 12.92 -38.41 -13.31
C THR A 204 14.08 -38.11 -14.25
N GLY A 205 15.21 -37.66 -13.72
CA GLY A 205 16.37 -37.38 -14.54
C GLY A 205 17.05 -36.10 -14.10
N LYS A 206 17.77 -35.49 -15.03
CA LYS A 206 18.48 -34.24 -14.79
C LYS A 206 17.84 -33.12 -15.59
N PHE A 207 17.49 -32.04 -14.92
CA PHE A 207 16.91 -30.87 -15.56
C PHE A 207 17.95 -29.75 -15.60
N THR A 208 18.06 -29.09 -16.74
CA THR A 208 19.06 -28.05 -16.93
C THR A 208 18.81 -26.86 -16.01
N CYS A 209 19.90 -26.20 -15.63
CA CYS A 209 19.83 -25.06 -14.71
C CYS A 209 20.99 -24.14 -14.99
N ILE A 210 20.75 -22.83 -14.94
CA ILE A 210 21.79 -21.82 -15.01
C ILE A 210 21.36 -20.65 -14.14
N GLU A 211 22.31 -20.08 -13.41
CA GLU A 211 21.99 -19.01 -12.48
C GLU A 211 23.01 -17.89 -12.60
N ALA A 212 22.56 -16.67 -12.30
CA ALA A 212 23.41 -15.50 -12.22
C ALA A 212 23.17 -14.83 -10.87
N ARG A 213 24.25 -14.51 -10.17
CA ARG A 213 24.18 -13.99 -8.82
C ARG A 213 24.49 -12.49 -8.83
N PHE A 214 23.62 -11.71 -8.21
CA PHE A 214 23.77 -10.25 -8.12
C PHE A 214 24.13 -9.89 -6.68
N HIS A 215 25.42 -9.70 -6.43
CA HIS A 215 25.86 -9.28 -5.11
C HIS A 215 25.45 -7.84 -4.84
N LEU A 216 24.83 -7.61 -3.68
CA LEU A 216 24.32 -6.30 -3.31
C LEU A 216 24.95 -5.86 -1.99
N GLU A 217 25.37 -4.60 -1.93
CA GLU A 217 25.90 -3.99 -0.72
C GLU A 217 25.02 -2.82 -0.31
N ARG A 218 24.93 -2.59 0.99
CA ARG A 218 24.03 -1.58 1.55
C ARG A 218 24.84 -0.39 2.03
N GLN A 219 24.47 0.80 1.55
CA GLN A 219 25.06 2.03 2.06
C GLN A 219 24.62 2.26 3.51
N MET A 220 25.49 2.91 4.29
CA MET A 220 25.25 3.04 5.72
C MET A 220 25.38 4.48 6.22
N GLY A 221 25.42 5.47 5.34
CA GLY A 221 25.55 6.84 5.77
C GLY A 221 24.40 7.35 6.62
N TYR A 222 23.18 7.25 6.09
CA TYR A 222 22.02 7.74 6.82
C TYR A 222 21.78 6.95 8.10
N TYR A 223 21.88 5.61 8.02
CA TYR A 223 21.73 4.80 9.23
C TYR A 223 22.77 5.20 10.27
N LEU A 224 24.04 5.22 9.86
CA LEU A 224 25.14 5.62 10.75
C LEU A 224 24.81 6.92 11.46
N ILE A 225 24.62 7.99 10.71
CA ILE A 225 24.35 9.29 11.34
C ILE A 225 23.14 9.19 12.24
N GLN A 226 21.97 8.97 11.63
CA GLN A 226 20.70 9.20 12.31
C GLN A 226 20.41 8.20 13.42
N MET A 227 21.19 7.13 13.55
CA MET A 227 20.99 6.24 14.69
C MET A 227 22.18 6.23 15.63
N TYR A 228 23.40 6.06 15.12
CA TYR A 228 24.55 5.96 16.01
C TYR A 228 24.88 7.29 16.67
N ILE A 229 24.85 8.40 15.92
CA ILE A 229 25.29 9.68 16.48
C ILE A 229 24.44 10.12 17.66
N PRO A 230 23.10 10.15 17.57
CA PRO A 230 22.33 10.56 18.75
C PRO A 230 22.55 9.68 19.97
N SER A 231 22.72 8.37 19.79
CA SER A 231 22.96 7.49 20.93
C SER A 231 24.29 7.82 21.61
N LEU A 232 25.33 8.04 20.81
CA LEU A 232 26.62 8.42 21.38
C LEU A 232 26.52 9.75 22.11
N LEU A 233 25.80 10.71 21.53
CA LEU A 233 25.62 12.00 22.19
C LEU A 233 24.89 11.85 23.52
N ILE A 234 23.87 11.00 23.57
CA ILE A 234 23.15 10.80 24.82
C ILE A 234 24.04 10.12 25.86
N VAL A 235 24.90 9.20 25.42
CA VAL A 235 25.85 8.60 26.36
C VAL A 235 26.80 9.65 26.92
N ILE A 236 27.29 10.55 26.05
CA ILE A 236 28.13 11.63 26.52
C ILE A 236 27.38 12.52 27.51
N LEU A 237 26.08 12.74 27.27
CA LEU A 237 25.28 13.52 28.21
C LEU A 237 25.14 12.81 29.55
N SER A 238 25.03 11.48 29.54
CA SER A 238 25.02 10.74 30.79
C SER A 238 26.34 10.91 31.54
N TRP A 239 27.46 10.91 30.81
CA TRP A 239 28.74 11.17 31.45
C TRP A 239 28.80 12.60 31.98
N ILE A 240 28.14 13.54 31.30
CA ILE A 240 28.02 14.89 31.83
C ILE A 240 27.26 14.87 33.15
N SER A 241 26.20 14.07 33.23
CA SER A 241 25.47 13.89 34.48
C SER A 241 26.40 13.33 35.56
N PHE A 242 27.31 12.45 35.18
CA PHE A 242 28.35 12.00 36.10
C PHE A 242 29.17 13.20 36.60
N TRP A 243 29.51 14.10 35.69
CA TRP A 243 30.37 15.24 36.02
C TRP A 243 29.60 16.37 36.70
N ILE A 244 28.86 16.07 37.77
CA ILE A 244 28.15 17.09 38.54
C ILE A 244 28.30 16.75 40.01
N ASN A 245 28.12 17.77 40.86
CA ASN A 245 28.23 17.57 42.30
C ASN A 245 27.08 16.70 42.81
N MET A 246 27.35 16.00 43.92
CA MET A 246 26.39 15.02 44.43
C MET A 246 25.14 15.70 44.99
N ASP A 247 25.29 16.88 45.60
CA ASP A 247 24.14 17.53 46.22
C ASP A 247 23.13 18.06 45.20
N ALA A 248 23.50 18.16 43.93
CA ALA A 248 22.58 18.64 42.90
C ALA A 248 21.61 17.52 42.48
N ALA A 249 20.83 17.08 43.47
CA ALA A 249 19.90 15.97 43.25
C ALA A 249 18.87 16.26 42.17
N PRO A 250 18.15 17.39 42.18
CA PRO A 250 17.18 17.61 41.09
C PRO A 250 17.83 17.63 39.72
N ALA A 251 18.96 18.32 39.58
CA ALA A 251 19.62 18.40 38.28
C ALA A 251 20.07 17.04 37.79
N ARG A 252 20.68 16.25 38.68
CA ARG A 252 21.20 14.95 38.26
C ARG A 252 20.07 13.98 37.94
N VAL A 253 19.01 13.95 38.76
CA VAL A 253 17.89 13.08 38.48
C VAL A 253 17.23 13.47 37.16
N GLY A 254 17.00 14.75 36.95
CA GLY A 254 16.40 15.20 35.72
C GLY A 254 17.25 14.84 34.50
N LEU A 255 18.56 15.06 34.60
CA LEU A 255 19.44 14.75 33.48
C LEU A 255 19.42 13.27 33.17
N GLY A 256 19.53 12.42 34.19
CA GLY A 256 19.54 10.98 33.95
C GLY A 256 18.24 10.47 33.38
N ILE A 257 17.12 10.88 33.97
CA ILE A 257 15.84 10.35 33.50
C ILE A 257 15.50 10.91 32.12
N THR A 258 15.91 12.15 31.83
CA THR A 258 15.63 12.70 30.51
C THR A 258 16.53 12.08 29.45
N THR A 259 17.76 11.70 29.81
CA THR A 259 18.57 10.93 28.87
C THR A 259 17.97 9.56 28.60
N VAL A 260 17.43 8.92 29.64
CA VAL A 260 16.75 7.63 29.44
C VAL A 260 15.56 7.81 28.50
N LEU A 261 14.76 8.86 28.73
CA LEU A 261 13.61 9.12 27.87
C LEU A 261 14.05 9.41 26.45
N THR A 262 15.13 10.16 26.28
CA THR A 262 15.63 10.48 24.94
C THR A 262 16.06 9.22 24.21
N MET A 263 16.78 8.32 24.89
CA MET A 263 17.17 7.06 24.26
C MET A 263 15.94 6.23 23.88
N THR A 264 14.96 6.17 24.78
CA THR A 264 13.75 5.39 24.50
C THR A 264 13.01 5.94 23.29
N THR A 265 12.84 7.27 23.22
CA THR A 265 12.12 7.85 22.10
C THR A 265 12.93 7.76 20.81
N GLN A 266 14.26 7.82 20.90
CA GLN A 266 15.09 7.62 19.72
C GLN A 266 14.91 6.22 19.16
N SER A 267 14.93 5.20 20.02
CA SER A 267 14.69 3.84 19.57
C SER A 267 13.28 3.69 18.99
N SER A 268 12.29 4.27 19.66
CA SER A 268 10.91 4.14 19.19
C SER A 268 10.73 4.79 17.82
N GLY A 269 11.32 5.96 17.60
CA GLY A 269 11.26 6.60 16.30
C GLY A 269 12.07 5.87 15.25
N SER A 270 13.13 5.18 15.67
CA SER A 270 13.93 4.40 14.73
C SER A 270 13.25 3.10 14.31
N ARG A 271 12.38 2.54 15.14
CA ARG A 271 11.71 1.28 14.79
C ARG A 271 10.81 1.41 13.57
N ALA A 272 10.33 2.61 13.24
CA ALA A 272 9.43 2.77 12.11
C ALA A 272 10.16 2.67 10.77
N SER A 273 11.35 3.25 10.67
CA SER A 273 12.07 3.27 9.40
C SER A 273 12.70 1.91 9.08
N LEU A 274 13.18 1.21 10.11
CA LEU A 274 13.85 -0.05 9.88
C LEU A 274 12.87 -1.12 9.39
N PRO A 275 13.35 -2.10 8.64
CA PRO A 275 12.47 -3.20 8.22
C PRO A 275 11.88 -3.94 9.41
N LYS A 276 10.65 -4.39 9.24
CA LYS A 276 9.92 -5.09 10.30
C LYS A 276 10.29 -6.56 10.24
N VAL A 277 11.25 -6.97 11.07
CA VAL A 277 11.71 -8.35 11.13
C VAL A 277 11.61 -8.82 12.57
N SER A 278 11.57 -10.13 12.76
CA SER A 278 11.31 -10.72 14.06
C SER A 278 12.56 -11.19 14.79
N TYR A 279 13.71 -11.26 14.12
CA TYR A 279 14.95 -11.63 14.79
C TYR A 279 15.83 -10.40 15.01
N VAL A 280 16.74 -10.52 15.97
CA VAL A 280 17.54 -9.38 16.41
C VAL A 280 18.47 -8.92 15.29
N LYS A 281 18.51 -7.62 15.06
CA LYS A 281 19.38 -7.02 14.06
C LYS A 281 20.61 -6.42 14.74
N ALA A 282 21.60 -6.07 13.92
CA ALA A 282 22.85 -5.54 14.43
C ALA A 282 22.72 -4.12 14.99
N ILE A 283 21.59 -3.46 14.77
CA ILE A 283 21.40 -2.09 15.25
C ILE A 283 20.62 -2.14 16.55
N ASP A 284 19.78 -3.16 16.70
CA ASP A 284 19.05 -3.34 17.96
C ASP A 284 20.01 -3.59 19.12
N ILE A 285 21.08 -4.35 18.86
CA ILE A 285 22.09 -4.58 19.90
C ILE A 285 22.70 -3.26 20.34
N TRP A 286 23.08 -2.42 19.38
CA TRP A 286 23.69 -1.14 19.69
C TRP A 286 22.75 -0.25 20.50
N MET A 287 21.49 -0.17 20.06
CA MET A 287 20.52 0.68 20.77
C MET A 287 20.27 0.16 22.18
N ALA A 288 20.14 -1.17 22.33
CA ALA A 288 19.92 -1.75 23.65
C ALA A 288 21.10 -1.49 24.57
N VAL A 289 22.33 -1.62 24.05
CA VAL A 289 23.50 -1.39 24.89
C VAL A 289 23.59 0.07 25.29
N CYS A 290 23.31 1.00 24.38
CA CYS A 290 23.34 2.42 24.74
C CYS A 290 22.29 2.73 25.80
N LEU A 291 21.08 2.20 25.65
CA LEU A 291 20.04 2.42 26.64
C LEU A 291 20.42 1.81 27.98
N LEU A 292 21.06 0.63 27.96
CA LEU A 292 21.54 0.00 29.19
C LEU A 292 22.60 0.86 29.85
N PHE A 293 23.48 1.48 29.06
CA PHE A 293 24.50 2.35 29.63
C PHE A 293 23.88 3.57 30.31
N VAL A 294 22.87 4.16 29.68
CA VAL A 294 22.18 5.30 30.31
C VAL A 294 21.51 4.86 31.60
N PHE A 295 20.84 3.71 31.58
CA PHE A 295 20.23 3.17 32.79
C PHE A 295 21.27 2.93 33.87
N SER A 296 22.44 2.42 33.49
CA SER A 296 23.50 2.17 34.46
C SER A 296 24.03 3.47 35.05
N ALA A 297 24.09 4.53 34.23
CA ALA A 297 24.49 5.83 34.74
C ALA A 297 23.51 6.33 35.80
N LEU A 298 22.21 6.19 35.52
CA LEU A 298 21.20 6.59 36.50
C LEU A 298 21.31 5.74 37.77
N LEU A 299 21.57 4.44 37.62
CA LEU A 299 21.72 3.56 38.76
C LEU A 299 22.94 3.94 39.59
N GLU A 300 24.05 4.30 38.94
CA GLU A 300 25.24 4.73 39.65
C GLU A 300 24.96 6.01 40.44
N TYR A 301 24.22 6.95 39.83
CA TYR A 301 23.86 8.15 40.59
C TYR A 301 23.01 7.79 41.80
N ALA A 302 22.07 6.87 41.64
CA ALA A 302 21.25 6.46 42.78
C ALA A 302 22.11 5.86 43.88
N ALA A 303 23.07 5.02 43.51
CA ALA A 303 23.95 4.41 44.51
C ALA A 303 24.78 5.45 45.24
N VAL A 304 25.35 6.41 44.49
CA VAL A 304 26.18 7.42 45.14
C VAL A 304 25.33 8.33 46.02
N ASN A 305 24.09 8.62 45.62
CA ASN A 305 23.22 9.42 46.46
C ASN A 305 22.84 8.68 47.73
N PHE A 306 22.55 7.39 47.63
CA PHE A 306 22.23 6.61 48.82
C PHE A 306 23.42 6.51 49.77
N VAL A 307 24.62 6.34 49.22
CA VAL A 307 25.80 6.24 50.08
C VAL A 307 26.13 7.58 50.72
N SER A 308 26.07 8.66 49.95
CA SER A 308 26.44 9.98 50.47
C SER A 308 25.53 10.41 51.61
N ARG A 309 24.22 10.39 51.37
CA ARG A 309 23.26 10.76 52.45
C ARG A 309 23.43 9.81 53.63
N GLN A 310 22.69 8.71 53.66
CA GLN A 310 22.83 7.64 54.70
C GLN A 310 23.37 8.10 56.07
N HIS A 311 24.69 8.28 56.23
CA HIS A 311 25.29 8.54 57.56
C HIS A 311 24.64 7.62 58.60
N ARG A 323 30.77 9.42 60.19
CA ARG A 323 31.55 10.63 59.94
C ARG A 323 31.71 10.83 58.44
N LYS A 324 32.60 11.75 58.05
CA LYS A 324 32.77 12.12 56.65
C LYS A 324 33.28 10.99 55.78
N LEU A 325 33.59 9.83 56.36
CA LEU A 325 34.08 8.71 55.55
C LEU A 325 33.01 8.25 54.56
N PHE A 326 31.74 8.26 54.97
CA PHE A 326 30.66 7.91 54.03
C PHE A 326 30.59 8.89 52.88
N ILE A 327 30.68 10.19 53.17
CA ILE A 327 30.73 11.17 52.10
C ILE A 327 32.03 11.03 51.31
N GLN A 328 33.12 10.69 52.00
CA GLN A 328 34.37 10.38 51.30
C GLN A 328 34.21 9.16 50.41
N ARG A 329 33.46 8.15 50.88
CA ARG A 329 33.22 6.97 50.06
C ARG A 329 32.41 7.33 48.82
N ALA A 330 31.42 8.21 48.97
CA ALA A 330 30.65 8.67 47.80
C ALA A 330 31.55 9.43 46.82
N LYS A 331 32.42 10.29 47.34
CA LYS A 331 33.34 11.01 46.47
C LYS A 331 34.24 10.04 45.72
N LYS A 332 34.74 9.01 46.41
CA LYS A 332 35.57 8.01 45.75
C LYS A 332 34.79 7.21 44.72
N ILE A 333 33.51 6.94 44.98
CA ILE A 333 32.68 6.26 43.99
C ILE A 333 32.55 7.12 42.74
N ASP A 334 32.31 8.42 42.92
CA ASP A 334 32.25 9.30 41.77
C ASP A 334 33.59 9.35 41.04
N LYS A 335 34.68 9.38 41.79
CA LYS A 335 36.01 9.44 41.17
C LYS A 335 36.30 8.18 40.36
N ILE A 336 35.89 7.01 40.86
CA ILE A 336 36.19 5.76 40.18
C ILE A 336 35.22 5.48 39.04
N SER A 337 34.01 6.04 39.07
CA SER A 337 33.06 5.91 37.98
C SER A 337 33.12 7.05 36.99
N ARG A 338 33.94 8.07 37.26
CA ARG A 338 34.07 9.18 36.32
C ARG A 338 34.79 8.75 35.04
N ILE A 339 35.80 7.90 35.16
CA ILE A 339 36.54 7.42 33.99
C ILE A 339 36.27 5.95 33.68
N GLY A 340 35.59 5.22 34.56
CA GLY A 340 35.31 3.82 34.27
C GLY A 340 34.36 3.63 33.11
N PHE A 341 33.30 4.42 33.05
CA PHE A 341 32.30 4.33 32.00
C PHE A 341 32.86 4.65 30.61
N PRO A 342 33.67 5.71 30.43
CA PRO A 342 34.27 5.92 29.11
C PRO A 342 35.09 4.75 28.60
N MET A 343 35.87 4.10 29.48
CA MET A 343 36.64 2.94 29.05
C MET A 343 35.74 1.78 28.66
N ALA A 344 34.67 1.56 29.43
CA ALA A 344 33.73 0.50 29.10
C ALA A 344 33.06 0.75 27.75
N PHE A 345 32.66 2.01 27.50
CA PHE A 345 32.02 2.33 26.23
C PHE A 345 33.01 2.19 25.06
N LEU A 346 34.27 2.58 25.27
CA LEU A 346 35.26 2.41 24.21
C LEU A 346 35.49 0.94 23.91
N ILE A 347 35.57 0.10 24.96
CA ILE A 347 35.75 -1.33 24.76
C ILE A 347 34.57 -1.92 24.01
N PHE A 348 33.35 -1.54 24.40
CA PHE A 348 32.16 -2.03 23.71
C PHE A 348 32.15 -1.58 22.25
N ASN A 349 32.52 -0.32 22.00
CA ASN A 349 32.53 0.19 20.63
C ASN A 349 33.51 -0.58 19.77
N MET A 350 34.70 -0.87 20.33
CA MET A 350 35.76 -1.58 19.57
C MET A 350 35.37 -3.04 19.34
N PHE A 351 34.62 -3.64 20.26
CA PHE A 351 34.25 -5.07 20.09
C PHE A 351 33.00 -5.17 19.21
N TYR A 352 32.20 -4.10 19.15
CA TYR A 352 31.04 -4.10 18.26
C TYR A 352 31.45 -3.83 16.82
N TRP A 353 32.37 -2.89 16.59
CA TRP A 353 32.76 -2.60 15.22
C TRP A 353 33.69 -3.65 14.65
N ILE A 354 34.53 -4.29 15.48
CA ILE A 354 35.40 -5.34 14.98
C ILE A 354 34.59 -6.56 14.56
N ILE A 355 33.58 -6.94 15.36
CA ILE A 355 32.87 -8.18 15.11
C ILE A 355 31.95 -8.07 13.89
N TYR A 356 31.53 -6.85 13.54
CA TYR A 356 30.58 -6.67 12.45
C TYR A 356 31.20 -6.07 11.19
N LYS A 357 32.43 -5.56 11.26
CA LYS A 357 33.12 -5.07 10.07
C LYS A 357 34.30 -5.93 9.67
N ILE A 358 34.74 -6.85 10.52
CA ILE A 358 35.86 -7.72 10.20
C ILE A 358 35.44 -9.18 10.34
N MET B 8 -25.63 -44.18 -24.44
CA MET B 8 -25.75 -42.87 -25.06
C MET B 8 -24.91 -41.85 -24.31
N SER B 9 -24.05 -41.14 -25.04
CA SER B 9 -23.19 -40.14 -24.41
C SER B 9 -24.01 -38.95 -23.95
N PRO B 10 -23.90 -38.55 -22.67
CA PRO B 10 -24.64 -37.36 -22.22
C PRO B 10 -24.24 -36.10 -22.96
N SER B 11 -22.98 -35.96 -23.36
CA SER B 11 -22.58 -34.80 -24.16
C SER B 11 -23.31 -34.79 -25.50
N ASP B 12 -23.40 -35.94 -26.16
CA ASP B 12 -24.13 -36.02 -27.43
C ASP B 12 -25.61 -35.73 -27.22
N PHE B 13 -26.18 -36.25 -26.11
CA PHE B 13 -27.59 -35.99 -25.84
C PHE B 13 -27.85 -34.50 -25.61
N LEU B 14 -26.95 -33.83 -24.89
CA LEU B 14 -27.10 -32.39 -24.66
C LEU B 14 -26.91 -31.61 -25.96
N ASP B 15 -25.98 -32.04 -26.81
CA ASP B 15 -25.82 -31.39 -28.11
C ASP B 15 -27.07 -31.54 -28.96
N LYS B 16 -27.70 -32.72 -28.93
CA LYS B 16 -28.95 -32.92 -29.64
C LYS B 16 -30.06 -32.05 -29.05
N LEU B 17 -30.11 -31.93 -27.73
CA LEU B 17 -31.16 -31.16 -27.08
C LEU B 17 -31.03 -29.67 -27.38
N MET B 18 -29.81 -29.14 -27.35
CA MET B 18 -29.55 -27.75 -27.69
C MET B 18 -28.40 -27.69 -28.68
N GLY B 19 -28.66 -27.11 -29.86
CA GLY B 19 -27.66 -27.05 -30.89
C GLY B 19 -28.24 -26.48 -32.17
N ARG B 20 -27.46 -26.62 -33.24
CA ARG B 20 -27.89 -26.10 -34.54
C ARG B 20 -29.14 -26.81 -35.03
N THR B 21 -29.21 -28.12 -34.86
CA THR B 21 -30.34 -28.94 -35.31
C THR B 21 -31.30 -29.26 -34.17
N SER B 22 -31.46 -28.35 -33.22
CA SER B 22 -32.34 -28.57 -32.07
C SER B 22 -33.50 -27.59 -31.99
N GLY B 23 -33.32 -26.35 -32.42
CA GLY B 23 -34.35 -25.34 -32.33
C GLY B 23 -34.36 -24.58 -31.02
N TYR B 24 -33.55 -24.95 -30.05
CA TYR B 24 -33.48 -24.24 -28.79
C TYR B 24 -32.71 -22.92 -28.97
N ASP B 25 -33.30 -21.84 -28.49
CA ASP B 25 -32.68 -20.51 -28.56
C ASP B 25 -32.22 -20.12 -27.16
N ALA B 26 -30.92 -19.84 -27.02
CA ALA B 26 -30.34 -19.50 -25.74
C ALA B 26 -30.49 -18.02 -25.38
N ARG B 27 -31.05 -17.22 -26.27
CA ARG B 27 -31.18 -15.78 -26.05
C ARG B 27 -32.60 -15.38 -25.64
N ILE B 28 -33.48 -16.35 -25.40
CA ILE B 28 -34.87 -16.08 -25.05
C ILE B 28 -35.17 -16.73 -23.72
N ARG B 29 -35.88 -15.99 -22.86
CA ARG B 29 -36.19 -16.48 -21.53
C ARG B 29 -37.21 -17.63 -21.60
N PRO B 30 -37.20 -18.53 -20.62
CA PRO B 30 -38.25 -19.55 -20.55
C PRO B 30 -39.59 -18.91 -20.25
N ASN B 31 -40.66 -19.56 -20.72
CA ASN B 31 -42.02 -19.05 -20.57
C ASN B 31 -42.14 -17.66 -21.17
N PHE B 32 -41.69 -17.52 -22.42
CA PHE B 32 -41.71 -16.23 -23.10
C PHE B 32 -43.14 -15.76 -23.30
N LYS B 33 -43.38 -14.47 -23.05
CA LYS B 33 -44.71 -13.88 -23.10
C LYS B 33 -45.68 -14.65 -22.22
N GLY B 34 -45.22 -15.03 -21.03
CA GLY B 34 -46.04 -15.77 -20.09
C GLY B 34 -45.76 -15.36 -18.67
N PRO B 35 -45.93 -16.31 -17.73
CA PRO B 35 -45.67 -16.00 -16.32
C PRO B 35 -44.18 -15.73 -16.10
N PRO B 36 -43.85 -14.87 -15.14
CA PRO B 36 -42.43 -14.63 -14.85
C PRO B 36 -41.77 -15.87 -14.27
N VAL B 37 -40.48 -16.02 -14.56
CA VAL B 37 -39.70 -17.16 -14.10
C VAL B 37 -39.09 -16.82 -12.74
N ASN B 38 -39.26 -17.71 -11.78
CA ASN B 38 -38.76 -17.53 -10.43
C ASN B 38 -37.37 -18.16 -10.29
N VAL B 39 -36.49 -17.48 -9.56
CA VAL B 39 -35.15 -17.97 -9.29
C VAL B 39 -34.98 -18.08 -7.78
N SER B 40 -34.63 -19.28 -7.33
CA SER B 40 -34.39 -19.55 -5.91
C SER B 40 -32.87 -19.64 -5.71
N CYS B 41 -32.28 -18.55 -5.24
CA CYS B 41 -30.83 -18.44 -5.11
C CYS B 41 -30.45 -18.30 -3.64
N ASN B 42 -29.44 -19.06 -3.22
CA ASN B 42 -28.90 -18.99 -1.87
C ASN B 42 -27.39 -18.86 -1.95
N ILE B 43 -26.82 -18.05 -1.05
CA ILE B 43 -25.40 -17.81 -1.04
C ILE B 43 -24.78 -18.60 0.11
N PHE B 44 -23.45 -18.74 0.06
CA PHE B 44 -22.70 -19.46 1.11
C PHE B 44 -21.40 -18.69 1.30
N ILE B 45 -21.37 -17.79 2.29
CA ILE B 45 -20.19 -17.00 2.55
C ILE B 45 -19.04 -17.90 2.96
N ASN B 46 -17.89 -17.69 2.32
CA ASN B 46 -16.72 -18.55 2.54
C ASN B 46 -15.56 -17.81 3.20
N SER B 47 -15.36 -16.53 2.88
CA SER B 47 -14.27 -15.76 3.46
C SER B 47 -14.73 -14.31 3.58
N PHE B 48 -15.23 -13.95 4.76
CA PHE B 48 -15.71 -12.61 5.03
C PHE B 48 -14.65 -11.87 5.82
N GLY B 49 -14.15 -10.77 5.26
CA GLY B 49 -13.09 -10.02 5.93
C GLY B 49 -12.58 -8.91 5.04
N SER B 50 -11.39 -8.42 5.38
CA SER B 50 -10.71 -7.33 4.66
C SER B 50 -11.55 -6.06 4.68
N ILE B 51 -12.23 -5.81 5.80
CA ILE B 51 -13.04 -4.60 5.94
C ILE B 51 -12.11 -3.40 6.10
N ALA B 52 -12.36 -2.36 5.30
CA ALA B 52 -11.55 -1.15 5.31
C ALA B 52 -12.44 0.07 5.43
N GLU B 53 -11.90 1.14 6.01
CA GLU B 53 -12.63 2.38 6.19
C GLU B 53 -12.18 3.49 5.24
N THR B 54 -11.02 3.35 4.60
CA THR B 54 -10.59 4.37 3.66
C THR B 54 -11.37 4.28 2.34
N THR B 55 -11.64 3.07 1.88
CA THR B 55 -12.37 2.85 0.64
C THR B 55 -13.82 2.43 0.86
N MET B 56 -14.22 2.20 2.11
CA MET B 56 -15.60 1.85 2.46
C MET B 56 -16.07 0.60 1.70
N ASP B 57 -15.38 -0.51 1.94
CA ASP B 57 -15.67 -1.73 1.21
C ASP B 57 -15.20 -2.94 2.03
N TYR B 58 -15.66 -4.11 1.61
CA TYR B 58 -15.24 -5.38 2.19
C TYR B 58 -15.29 -6.44 1.11
N ARG B 59 -14.59 -7.54 1.35
CA ARG B 59 -14.43 -8.61 0.36
C ARG B 59 -15.04 -9.90 0.88
N VAL B 60 -15.69 -10.65 -0.02
CA VAL B 60 -16.31 -11.92 0.31
C VAL B 60 -16.01 -12.94 -0.78
N ASN B 61 -16.16 -14.21 -0.43
CA ASN B 61 -16.16 -15.32 -1.39
C ASN B 61 -17.49 -16.04 -1.26
N ILE B 62 -18.23 -16.13 -2.36
CA ILE B 62 -19.62 -16.59 -2.33
C ILE B 62 -19.75 -17.82 -3.22
N PHE B 63 -20.40 -18.86 -2.70
CA PHE B 63 -20.79 -20.02 -3.49
C PHE B 63 -22.22 -19.83 -4.02
N LEU B 64 -22.39 -18.74 -4.77
CA LEU B 64 -23.71 -18.37 -5.29
C LEU B 64 -24.28 -19.46 -6.17
N ARG B 65 -25.37 -20.07 -5.74
CA ARG B 65 -26.08 -21.07 -6.53
C ARG B 65 -27.52 -20.63 -6.70
N GLN B 66 -28.01 -20.64 -7.94
CA GLN B 66 -29.33 -20.15 -8.27
C GLN B 66 -30.07 -21.20 -9.08
N GLN B 67 -31.32 -21.48 -8.70
CA GLN B 67 -32.12 -22.52 -9.32
C GLN B 67 -33.35 -21.91 -9.99
N TRP B 68 -33.70 -22.44 -11.16
CA TRP B 68 -34.91 -22.01 -11.85
C TRP B 68 -35.38 -23.16 -12.73
N ASN B 69 -36.49 -22.94 -13.43
CA ASN B 69 -37.12 -23.97 -14.25
C ASN B 69 -37.13 -23.51 -15.70
N ASP B 70 -36.67 -24.39 -16.60
CA ASP B 70 -36.71 -24.16 -18.03
C ASP B 70 -37.51 -25.27 -18.68
N PRO B 71 -38.74 -25.01 -19.12
CA PRO B 71 -39.57 -26.09 -19.68
C PRO B 71 -38.98 -26.74 -20.91
N ARG B 72 -38.19 -26.00 -21.70
CA ARG B 72 -37.55 -26.57 -22.88
C ARG B 72 -36.49 -27.61 -22.54
N LEU B 73 -36.02 -27.65 -21.30
CA LEU B 73 -35.03 -28.64 -20.87
C LEU B 73 -35.64 -29.94 -20.40
N ALA B 74 -36.97 -30.04 -20.40
CA ALA B 74 -37.63 -31.27 -19.97
C ALA B 74 -37.28 -32.42 -20.91
N TYR B 75 -36.92 -33.56 -20.32
CA TYR B 75 -36.56 -34.74 -21.07
C TYR B 75 -36.91 -35.98 -20.27
N ASN B 76 -37.31 -37.04 -20.95
CA ASN B 76 -37.66 -38.29 -20.29
C ASN B 76 -37.08 -39.52 -20.95
N GLU B 77 -36.56 -39.42 -22.18
CA GLU B 77 -35.96 -40.57 -22.84
C GLU B 77 -34.73 -41.06 -22.08
N TYR B 78 -33.88 -40.14 -21.64
CA TYR B 78 -32.65 -40.52 -20.97
C TYR B 78 -32.97 -41.10 -19.59
N PRO B 79 -32.47 -42.30 -19.26
CA PRO B 79 -32.84 -42.91 -17.97
C PRO B 79 -32.15 -42.30 -16.76
N ASP B 80 -31.05 -41.58 -16.94
CA ASP B 80 -30.32 -41.02 -15.81
C ASP B 80 -31.13 -39.89 -15.18
N ASP B 81 -31.25 -39.91 -13.85
CA ASP B 81 -32.01 -38.89 -13.15
C ASP B 81 -31.39 -37.51 -13.30
N SER B 82 -30.06 -37.43 -13.18
CA SER B 82 -29.33 -36.18 -13.31
C SER B 82 -28.55 -36.15 -14.62
N LEU B 83 -28.35 -34.94 -15.13
CA LEU B 83 -27.66 -34.75 -16.42
C LEU B 83 -26.76 -33.53 -16.28
N ASP B 84 -25.48 -33.77 -16.01
CA ASP B 84 -24.53 -32.68 -15.83
C ASP B 84 -24.19 -32.02 -17.16
N LEU B 85 -23.76 -30.77 -17.09
CA LEU B 85 -23.35 -30.00 -18.26
C LEU B 85 -21.94 -29.48 -18.05
N ASP B 86 -21.11 -29.58 -19.09
CA ASP B 86 -19.73 -29.12 -19.00
C ASP B 86 -19.69 -27.60 -18.92
N PRO B 87 -18.88 -27.04 -18.02
CA PRO B 87 -18.80 -25.57 -17.90
C PRO B 87 -18.29 -24.87 -19.15
N SER B 88 -17.67 -25.60 -20.07
CA SER B 88 -17.14 -24.95 -21.28
C SER B 88 -18.25 -24.43 -22.18
N MET B 89 -19.41 -25.09 -22.19
CA MET B 89 -20.51 -24.75 -23.08
C MET B 89 -21.66 -24.05 -22.35
N LEU B 90 -21.32 -23.19 -21.38
CA LEU B 90 -22.36 -22.44 -20.68
C LEU B 90 -22.98 -21.34 -21.54
N ASP B 91 -22.39 -21.03 -22.70
CA ASP B 91 -22.93 -19.97 -23.54
C ASP B 91 -24.19 -20.41 -24.28
N SER B 92 -24.42 -21.72 -24.40
CA SER B 92 -25.52 -22.25 -25.18
C SER B 92 -26.81 -22.43 -24.38
N ILE B 93 -26.83 -22.03 -23.10
CA ILE B 93 -28.00 -22.18 -22.26
C ILE B 93 -28.35 -20.81 -21.67
N TRP B 94 -29.65 -20.51 -21.60
CA TRP B 94 -30.09 -19.23 -21.06
C TRP B 94 -29.84 -19.16 -19.57
N LYS B 95 -29.25 -18.06 -19.12
CA LYS B 95 -28.98 -17.82 -17.72
C LYS B 95 -29.47 -16.44 -17.32
N PRO B 96 -29.98 -16.29 -16.10
CA PRO B 96 -30.39 -14.95 -15.64
C PRO B 96 -29.18 -14.03 -15.52
N ASP B 97 -29.40 -12.76 -15.86
CA ASP B 97 -28.34 -11.75 -15.81
C ASP B 97 -28.24 -11.12 -14.42
N LEU B 98 -28.08 -11.97 -13.40
CA LEU B 98 -27.97 -11.47 -12.04
C LEU B 98 -26.69 -10.68 -11.86
N PHE B 99 -26.82 -9.49 -11.26
CA PHE B 99 -25.67 -8.63 -11.01
C PHE B 99 -25.86 -7.96 -9.66
N PHE B 100 -24.73 -7.55 -9.07
CA PHE B 100 -24.73 -6.90 -7.76
C PHE B 100 -24.72 -5.39 -7.95
N ALA B 101 -25.64 -4.71 -7.26
CA ALA B 101 -25.78 -3.27 -7.42
C ALA B 101 -24.56 -2.51 -6.89
N ASN B 102 -23.89 -3.06 -5.88
CA ASN B 102 -22.74 -2.41 -5.25
C ASN B 102 -21.55 -3.37 -5.21
N GLU B 103 -21.28 -4.03 -6.35
CA GLU B 103 -20.18 -4.98 -6.38
C GLU B 103 -18.82 -4.29 -6.31
N LYS B 104 -18.71 -3.10 -6.90
CA LYS B 104 -17.46 -2.32 -6.90
C LYS B 104 -16.29 -3.09 -7.50
N GLY B 105 -16.57 -4.15 -8.26
CA GLY B 105 -15.53 -4.98 -8.82
C GLY B 105 -15.61 -6.41 -8.33
N ALA B 106 -15.23 -7.37 -9.17
CA ALA B 106 -15.25 -8.78 -8.81
C ALA B 106 -14.61 -9.57 -9.96
N HIS B 107 -14.40 -10.86 -9.71
CA HIS B 107 -13.82 -11.75 -10.71
C HIS B 107 -14.19 -13.18 -10.36
N PHE B 108 -14.09 -14.06 -11.36
CA PHE B 108 -14.34 -15.47 -11.16
C PHE B 108 -13.06 -16.19 -10.73
N HIS B 109 -13.15 -17.50 -10.59
CA HIS B 109 -12.01 -18.35 -10.26
C HIS B 109 -11.88 -19.44 -11.30
N GLU B 110 -10.66 -19.61 -11.83
CA GLU B 110 -10.39 -20.53 -12.93
C GLU B 110 -9.15 -21.37 -12.63
N ILE B 111 -9.10 -21.94 -11.43
CA ILE B 111 -7.94 -22.73 -11.00
C ILE B 111 -8.14 -24.17 -11.48
N THR B 112 -7.37 -24.55 -12.50
CA THR B 112 -7.30 -25.91 -13.06
C THR B 112 -8.61 -26.32 -13.73
N THR B 113 -9.65 -25.49 -13.58
CA THR B 113 -10.97 -25.72 -14.14
C THR B 113 -11.83 -24.52 -13.83
N ASP B 114 -12.82 -24.21 -14.67
CA ASP B 114 -13.77 -23.16 -14.35
C ASP B 114 -14.56 -23.56 -13.12
N ASN B 115 -14.62 -22.66 -12.13
CA ASN B 115 -15.34 -22.91 -10.88
C ASN B 115 -16.83 -22.62 -11.06
N LYS B 116 -17.42 -23.28 -12.05
CA LYS B 116 -18.83 -23.17 -12.36
C LYS B 116 -19.40 -24.57 -12.51
N LEU B 117 -20.62 -24.77 -12.01
CA LEU B 117 -21.28 -26.07 -12.06
C LEU B 117 -22.69 -25.87 -12.60
N LEU B 118 -23.15 -26.85 -13.39
CA LEU B 118 -24.50 -26.79 -13.94
C LEU B 118 -24.96 -28.22 -14.23
N ARG B 119 -26.04 -28.64 -13.56
CA ARG B 119 -26.67 -29.92 -13.82
C ARG B 119 -28.17 -29.69 -14.04
N ILE B 120 -28.75 -30.49 -14.93
CA ILE B 120 -30.13 -30.34 -15.35
C ILE B 120 -30.90 -31.58 -14.92
N SER B 121 -31.96 -31.38 -14.15
CA SER B 121 -32.76 -32.48 -13.66
C SER B 121 -33.70 -33.00 -14.75
N ARG B 122 -34.35 -34.13 -14.45
CA ARG B 122 -35.23 -34.76 -15.43
C ARG B 122 -36.44 -33.89 -15.74
N ASN B 123 -37.04 -33.28 -14.71
CA ASN B 123 -38.25 -32.48 -14.91
C ASN B 123 -37.98 -31.10 -15.48
N GLY B 124 -36.72 -30.68 -15.56
CA GLY B 124 -36.37 -29.38 -16.11
C GLY B 124 -35.75 -28.42 -15.11
N ASN B 125 -35.66 -28.78 -13.85
CA ASN B 125 -34.99 -27.92 -12.87
C ASN B 125 -33.51 -27.80 -13.21
N VAL B 126 -32.97 -26.59 -13.02
CA VAL B 126 -31.60 -26.27 -13.37
C VAL B 126 -30.88 -25.75 -12.15
N LEU B 127 -29.69 -26.28 -11.90
CA LEU B 127 -28.82 -25.79 -10.82
C LEU B 127 -27.61 -25.10 -11.45
N TYR B 128 -27.19 -23.99 -10.85
CA TYR B 128 -26.11 -23.19 -11.40
C TYR B 128 -25.33 -22.58 -10.24
N SER B 129 -24.24 -23.24 -9.86
CA SER B 129 -23.41 -22.81 -8.73
C SER B 129 -22.07 -22.32 -9.26
N ILE B 130 -21.69 -21.11 -8.86
CA ILE B 130 -20.43 -20.50 -9.26
C ILE B 130 -19.75 -19.93 -8.03
N ARG B 131 -18.43 -19.71 -8.16
CA ARG B 131 -17.62 -19.15 -7.09
C ARG B 131 -17.18 -17.75 -7.50
N ILE B 132 -17.51 -16.76 -6.68
CA ILE B 132 -17.26 -15.36 -6.99
C ILE B 132 -16.47 -14.74 -5.84
N THR B 133 -15.80 -13.63 -6.14
CA THR B 133 -15.03 -12.87 -5.15
C THR B 133 -15.40 -11.40 -5.31
N LEU B 134 -16.35 -10.93 -4.50
CA LEU B 134 -16.85 -9.57 -4.60
C LEU B 134 -16.17 -8.68 -3.58
N THR B 135 -15.70 -7.52 -4.02
CA THR B 135 -15.27 -6.46 -3.11
C THR B 135 -16.39 -5.44 -2.93
N LEU B 136 -17.47 -5.90 -2.31
CA LEU B 136 -18.66 -5.09 -2.11
C LEU B 136 -18.36 -3.85 -1.27
N ALA B 137 -19.21 -2.84 -1.40
CA ALA B 137 -19.02 -1.57 -0.73
C ALA B 137 -20.25 -1.25 0.12
N CYS B 138 -20.00 -0.74 1.33
CA CYS B 138 -21.05 -0.37 2.26
C CYS B 138 -20.64 0.90 3.00
N PRO B 139 -21.51 1.92 3.04
CA PRO B 139 -21.21 3.11 3.85
C PRO B 139 -21.12 2.75 5.32
N MET B 140 -20.21 3.43 6.01
CA MET B 140 -19.98 3.20 7.44
C MET B 140 -20.10 4.51 8.19
N ASP B 141 -20.68 4.43 9.39
CA ASP B 141 -20.85 5.59 10.27
C ASP B 141 -19.97 5.38 11.49
N LEU B 142 -19.11 6.36 11.77
CA LEU B 142 -18.16 6.29 12.88
C LEU B 142 -18.38 7.42 13.88
N LYS B 143 -19.64 7.81 14.09
CA LYS B 143 -19.92 8.83 15.09
C LYS B 143 -19.53 8.33 16.48
N ASN B 144 -19.83 7.07 16.78
CA ASN B 144 -19.40 6.41 18.01
C ASN B 144 -18.43 5.31 17.60
N PHE B 145 -17.14 5.67 17.50
CA PHE B 145 -16.18 4.77 16.88
C PHE B 145 -15.93 3.51 17.71
N PRO B 146 -15.48 3.59 18.96
CA PRO B 146 -15.11 2.36 19.67
C PRO B 146 -16.28 1.45 19.99
N MET B 147 -17.52 1.92 19.82
CA MET B 147 -18.72 1.14 20.13
C MET B 147 -19.73 1.19 19.00
N ASP B 148 -19.25 1.22 17.75
CA ASP B 148 -20.15 1.30 16.62
C ASP B 148 -20.72 -0.09 16.27
N VAL B 149 -21.81 -0.07 15.51
CA VAL B 149 -22.46 -1.28 15.01
C VAL B 149 -22.67 -1.06 13.51
N GLN B 150 -21.74 -1.56 12.69
CA GLN B 150 -21.85 -1.39 11.25
C GLN B 150 -22.93 -2.30 10.68
N THR B 151 -23.46 -1.90 9.53
CA THR B 151 -24.50 -2.66 8.83
C THR B 151 -24.15 -2.68 7.34
N CYS B 152 -23.42 -3.70 6.94
CA CYS B 152 -22.99 -3.85 5.55
C CYS B 152 -23.85 -4.89 4.85
N ILE B 153 -24.25 -4.58 3.62
CA ILE B 153 -25.23 -5.36 2.88
C ILE B 153 -24.71 -5.68 1.49
N MET B 154 -25.32 -6.69 0.87
CA MET B 154 -25.11 -7.00 -0.53
C MET B 154 -26.47 -7.11 -1.21
N GLN B 155 -26.54 -6.68 -2.46
CA GLN B 155 -27.79 -6.66 -3.22
C GLN B 155 -27.63 -7.44 -4.51
N LEU B 156 -28.61 -8.31 -4.79
CA LEU B 156 -28.65 -9.09 -6.02
C LEU B 156 -29.83 -8.60 -6.85
N GLU B 157 -29.56 -8.18 -8.09
CA GLU B 157 -30.58 -7.59 -8.93
C GLU B 157 -30.46 -8.12 -10.35
N SER B 158 -31.59 -8.12 -11.06
CA SER B 158 -31.58 -8.31 -12.50
C SER B 158 -31.20 -7.01 -13.20
N PHE B 159 -30.63 -7.14 -14.38
CA PHE B 159 -30.11 -5.98 -15.10
C PHE B 159 -31.08 -5.49 -16.18
N GLY B 160 -31.45 -6.35 -17.12
CA GLY B 160 -32.28 -5.93 -18.22
C GLY B 160 -33.72 -6.39 -18.15
N TYR B 161 -34.03 -7.27 -17.19
CA TYR B 161 -35.36 -7.84 -17.07
C TYR B 161 -36.15 -7.12 -15.98
N THR B 162 -37.41 -6.86 -16.27
CA THR B 162 -38.29 -6.15 -15.34
C THR B 162 -38.85 -7.13 -14.31
N MET B 163 -39.83 -6.68 -13.53
CA MET B 163 -40.39 -7.51 -12.47
C MET B 163 -41.30 -8.59 -13.02
N ASN B 164 -41.95 -8.34 -14.16
CA ASN B 164 -42.90 -9.28 -14.73
C ASN B 164 -42.24 -10.37 -15.56
N ASP B 165 -40.92 -10.34 -15.70
CA ASP B 165 -40.18 -11.35 -16.45
C ASP B 165 -39.28 -12.21 -15.57
N LEU B 166 -38.51 -11.59 -14.67
CA LEU B 166 -37.60 -12.32 -13.80
C LEU B 166 -37.87 -11.91 -12.36
N ILE B 167 -37.99 -12.91 -11.47
CA ILE B 167 -38.27 -12.67 -10.06
C ILE B 167 -37.23 -13.42 -9.23
N PHE B 168 -36.60 -12.72 -8.31
CA PHE B 168 -35.60 -13.29 -7.41
C PHE B 168 -36.21 -13.50 -6.03
N GLU B 169 -36.10 -14.72 -5.51
CA GLU B 169 -36.58 -15.04 -4.17
C GLU B 169 -35.54 -15.88 -3.45
N TRP B 170 -35.34 -15.58 -2.17
CA TRP B 170 -34.41 -16.35 -1.37
C TRP B 170 -34.96 -17.76 -1.12
N GLN B 171 -34.05 -18.67 -0.81
CA GLN B 171 -34.46 -20.03 -0.47
C GLN B 171 -35.24 -20.03 0.83
N GLU B 172 -36.12 -21.03 0.98
CA GLU B 172 -37.01 -21.08 2.13
C GLU B 172 -36.23 -21.20 3.44
N GLN B 173 -35.20 -22.05 3.46
CA GLN B 173 -34.37 -22.22 4.64
C GLN B 173 -32.90 -22.14 4.25
N GLY B 174 -32.11 -21.52 5.12
CA GLY B 174 -30.69 -21.39 4.90
C GLY B 174 -30.32 -20.58 3.67
N ALA B 175 -30.96 -19.42 3.51
CA ALA B 175 -30.68 -18.58 2.35
C ALA B 175 -29.23 -18.11 2.34
N VAL B 176 -28.73 -17.68 3.49
CA VAL B 176 -27.32 -17.29 3.64
C VAL B 176 -26.73 -18.14 4.76
N GLN B 177 -25.57 -18.75 4.48
CA GLN B 177 -24.91 -19.63 5.43
C GLN B 177 -23.46 -19.21 5.56
N VAL B 178 -23.08 -18.71 6.73
CA VAL B 178 -21.69 -18.37 6.97
C VAL B 178 -20.86 -19.65 7.08
N ALA B 179 -19.56 -19.50 6.84
CA ALA B 179 -18.64 -20.64 6.90
C ALA B 179 -18.30 -20.97 8.34
N ASP B 180 -17.25 -21.75 8.55
CA ASP B 180 -16.90 -22.21 9.88
C ASP B 180 -16.23 -21.08 10.67
N GLY B 181 -15.63 -21.39 11.81
CA GLY B 181 -15.22 -20.37 12.75
C GLY B 181 -14.10 -19.46 12.28
N LEU B 182 -14.32 -18.77 11.16
CA LEU B 182 -13.39 -17.75 10.70
C LEU B 182 -13.55 -16.49 11.55
N THR B 183 -12.43 -15.81 11.79
CA THR B 183 -12.42 -14.62 12.62
C THR B 183 -12.01 -13.41 11.78
N LEU B 184 -12.29 -12.23 12.32
CA LEU B 184 -11.98 -10.97 11.66
C LEU B 184 -11.16 -10.09 12.59
N PRO B 185 -10.33 -9.21 12.03
CA PRO B 185 -9.66 -8.20 12.86
C PRO B 185 -10.59 -7.03 13.13
N GLN B 186 -10.72 -6.68 14.42
CA GLN B 186 -11.48 -5.52 14.88
C GLN B 186 -12.98 -5.66 14.64
N PHE B 187 -13.50 -6.86 14.41
CA PHE B 187 -14.92 -7.03 14.20
C PHE B 187 -15.34 -8.44 14.60
N ILE B 188 -16.62 -8.57 14.92
CA ILE B 188 -17.26 -9.86 15.18
C ILE B 188 -18.59 -9.88 14.45
N LEU B 189 -18.77 -10.87 13.58
CA LEU B 189 -19.99 -10.97 12.80
C LEU B 189 -21.08 -11.66 13.60
N LYS B 190 -22.24 -11.01 13.72
CA LYS B 190 -23.34 -11.59 14.48
C LYS B 190 -23.89 -12.83 13.79
N GLU B 191 -24.17 -13.86 14.57
CA GLU B 191 -24.61 -15.15 14.03
C GLU B 191 -26.02 -15.09 13.45
N GLU B 192 -26.77 -14.03 13.70
CA GLU B 192 -28.11 -13.86 13.14
C GLU B 192 -28.10 -12.68 12.18
N LYS B 193 -28.56 -12.91 10.95
CA LYS B 193 -28.61 -11.89 9.92
C LYS B 193 -29.97 -11.92 9.25
N ASP B 194 -30.60 -10.76 9.13
CA ASP B 194 -31.92 -10.67 8.52
C ASP B 194 -31.82 -10.75 7.01
N LEU B 195 -32.96 -11.03 6.37
CA LEU B 195 -33.07 -11.17 4.92
C LEU B 195 -34.15 -10.21 4.44
N ARG B 196 -33.77 -8.97 4.19
CA ARG B 196 -34.72 -7.98 3.70
C ARG B 196 -35.14 -8.28 2.27
N TYR B 197 -36.40 -8.01 1.95
CA TYR B 197 -36.94 -8.21 0.61
C TYR B 197 -36.86 -6.87 -0.11
N CYS B 198 -35.70 -6.61 -0.71
CA CYS B 198 -35.46 -5.36 -1.42
C CYS B 198 -36.37 -5.25 -2.64
N THR B 199 -36.42 -4.05 -3.21
CA THR B 199 -37.11 -3.77 -4.47
C THR B 199 -36.73 -2.38 -4.92
N LYS B 200 -36.51 -2.22 -6.22
CA LYS B 200 -36.24 -0.92 -6.83
C LYS B 200 -37.31 -0.61 -7.86
N HIS B 201 -37.84 0.60 -7.82
CA HIS B 201 -38.88 1.07 -8.73
C HIS B 201 -38.31 2.21 -9.57
N TYR B 202 -37.71 1.86 -10.71
CA TYR B 202 -37.22 2.85 -11.64
C TYR B 202 -38.36 3.35 -12.53
N ASN B 203 -38.04 4.35 -13.36
CA ASN B 203 -39.03 4.89 -14.28
C ASN B 203 -39.43 3.85 -15.32
N THR B 204 -38.48 3.05 -15.81
CA THR B 204 -38.76 2.05 -16.81
C THR B 204 -39.64 0.92 -16.28
N GLY B 205 -39.73 0.77 -14.97
CA GLY B 205 -40.53 -0.29 -14.37
C GLY B 205 -39.93 -0.71 -13.05
N LYS B 206 -40.26 -1.94 -12.65
CA LYS B 206 -39.77 -2.51 -11.41
C LYS B 206 -38.69 -3.54 -11.71
N PHE B 207 -37.52 -3.36 -11.09
CA PHE B 207 -36.42 -4.31 -11.20
C PHE B 207 -36.31 -5.09 -9.91
N THR B 208 -36.20 -6.41 -10.03
CA THR B 208 -36.13 -7.26 -8.84
C THR B 208 -34.82 -7.04 -8.10
N CYS B 209 -34.89 -7.11 -6.77
CA CYS B 209 -33.73 -6.85 -5.93
C CYS B 209 -33.91 -7.59 -4.61
N ILE B 210 -32.84 -8.23 -4.15
CA ILE B 210 -32.86 -8.94 -2.88
C ILE B 210 -31.55 -8.65 -2.16
N GLU B 211 -31.63 -8.38 -0.85
CA GLU B 211 -30.46 -8.01 -0.07
C GLU B 211 -30.44 -8.80 1.24
N ALA B 212 -29.23 -9.06 1.72
CA ALA B 212 -29.01 -9.69 3.02
C ALA B 212 -28.07 -8.80 3.82
N ARG B 213 -28.51 -8.41 5.02
CA ARG B 213 -27.78 -7.46 5.85
C ARG B 213 -26.95 -8.20 6.88
N PHE B 214 -25.67 -7.86 6.97
CA PHE B 214 -24.76 -8.44 7.95
C PHE B 214 -24.52 -7.43 9.06
N HIS B 215 -24.93 -7.77 10.28
CA HIS B 215 -24.69 -6.92 11.43
C HIS B 215 -23.30 -7.19 11.99
N LEU B 216 -22.55 -6.12 12.26
CA LEU B 216 -21.18 -6.23 12.75
C LEU B 216 -21.06 -5.52 14.09
N GLU B 217 -20.21 -6.07 14.96
CA GLU B 217 -20.00 -5.53 16.30
C GLU B 217 -18.52 -5.33 16.54
N ARG B 218 -18.15 -4.11 16.96
CA ARG B 218 -16.77 -3.78 17.27
C ARG B 218 -16.36 -4.38 18.61
N GLN B 219 -15.06 -4.64 18.76
CA GLN B 219 -14.49 -5.10 20.01
C GLN B 219 -13.86 -3.94 20.76
N MET B 220 -14.05 -3.92 22.08
CA MET B 220 -13.59 -2.84 22.95
C MET B 220 -12.31 -3.21 23.70
N GLY B 221 -11.46 -4.03 23.11
CA GLY B 221 -10.41 -4.71 23.84
C GLY B 221 -9.14 -3.92 23.91
N TYR B 222 -8.22 -4.17 22.96
CA TYR B 222 -7.05 -3.34 22.75
C TYR B 222 -7.39 -1.86 22.89
N TYR B 223 -8.56 -1.46 22.37
CA TYR B 223 -9.00 -0.08 22.54
C TYR B 223 -9.20 0.27 24.00
N LEU B 224 -10.11 -0.45 24.68
CA LEU B 224 -10.43 -0.10 26.06
C LEU B 224 -9.20 -0.12 26.95
N ILE B 225 -8.18 -0.89 26.59
CA ILE B 225 -6.97 -0.89 27.39
C ILE B 225 -6.12 0.33 27.03
N GLN B 226 -5.60 0.38 25.80
CA GLN B 226 -4.56 1.33 25.49
C GLN B 226 -5.08 2.76 25.36
N MET B 227 -6.23 2.95 24.71
CA MET B 227 -6.72 4.30 24.48
C MET B 227 -7.37 4.91 25.72
N TYR B 228 -7.69 4.10 26.72
CA TYR B 228 -8.46 4.58 27.86
C TYR B 228 -7.70 4.53 29.18
N ILE B 229 -7.15 3.37 29.55
CA ILE B 229 -6.55 3.24 30.89
C ILE B 229 -5.39 4.22 31.12
N PRO B 230 -4.45 4.40 30.18
CA PRO B 230 -3.40 5.41 30.42
C PRO B 230 -3.93 6.81 30.67
N SER B 231 -5.02 7.21 30.00
CA SER B 231 -5.60 8.53 30.26
C SER B 231 -6.11 8.63 31.68
N LEU B 232 -6.80 7.59 32.16
CA LEU B 232 -7.26 7.58 33.55
C LEU B 232 -6.08 7.67 34.51
N LEU B 233 -5.02 6.92 34.22
CA LEU B 233 -3.84 6.96 35.09
C LEU B 233 -3.21 8.35 35.11
N ILE B 234 -3.16 9.02 33.96
CA ILE B 234 -2.60 10.36 33.91
C ILE B 234 -3.46 11.34 34.71
N VAL B 235 -4.79 11.20 34.62
CA VAL B 235 -5.67 12.06 35.42
C VAL B 235 -5.45 11.82 36.92
N ILE B 236 -5.29 10.55 37.31
CA ILE B 236 -5.03 10.26 38.71
C ILE B 236 -3.69 10.84 39.15
N LEU B 237 -2.70 10.81 38.26
CA LEU B 237 -1.42 11.44 38.57
C LEU B 237 -1.57 12.95 38.74
N SER B 238 -2.45 13.57 37.95
CA SER B 238 -2.73 14.98 38.13
C SER B 238 -3.36 15.25 39.50
N TRP B 239 -4.26 14.37 39.94
CA TRP B 239 -4.82 14.51 41.28
C TRP B 239 -3.74 14.28 42.35
N ILE B 240 -2.78 13.40 42.07
CA ILE B 240 -1.62 13.26 42.94
C ILE B 240 -0.87 14.58 43.05
N SER B 241 -0.71 15.27 41.91
CA SER B 241 -0.13 16.61 41.93
C SER B 241 -0.95 17.55 42.79
N PHE B 242 -2.28 17.38 42.79
CA PHE B 242 -3.13 18.12 43.72
C PHE B 242 -2.72 17.85 45.15
N TRP B 243 -2.47 16.59 45.50
CA TRP B 243 -2.14 16.22 46.87
C TRP B 243 -0.67 16.46 47.21
N ILE B 244 -0.17 17.68 46.96
CA ILE B 244 1.20 18.05 47.31
C ILE B 244 1.18 19.41 47.99
N ASN B 245 2.20 19.67 48.80
CA ASN B 245 2.33 20.96 49.47
C ASN B 245 2.57 22.08 48.46
N MET B 246 2.03 23.26 48.77
CA MET B 246 2.13 24.39 47.87
C MET B 246 3.56 24.92 47.76
N ASP B 247 4.43 24.61 48.72
CA ASP B 247 5.79 25.13 48.68
C ASP B 247 6.61 24.51 47.55
N ALA B 248 6.36 23.24 47.23
CA ALA B 248 7.13 22.57 46.19
C ALA B 248 6.68 23.06 44.81
N ALA B 249 6.93 24.33 44.52
CA ALA B 249 6.52 24.90 43.25
C ALA B 249 7.17 24.24 42.05
N PRO B 250 8.50 24.04 42.00
CA PRO B 250 9.06 23.32 40.85
C PRO B 250 8.51 21.92 40.69
N ALA B 251 8.30 21.20 41.79
CA ALA B 251 7.78 19.85 41.70
C ALA B 251 6.37 19.84 41.12
N ARG B 252 5.51 20.73 41.63
CA ARG B 252 4.13 20.78 41.14
C ARG B 252 4.07 21.21 39.68
N VAL B 253 4.86 22.23 39.31
CA VAL B 253 4.88 22.68 37.91
C VAL B 253 5.34 21.55 37.00
N GLY B 254 6.42 20.88 37.38
CA GLY B 254 6.92 19.79 36.56
C GLY B 254 5.92 18.66 36.42
N LEU B 255 5.28 18.28 37.53
CA LEU B 255 4.32 17.20 37.50
C LEU B 255 3.13 17.54 36.60
N GLY B 256 2.62 18.76 36.75
CA GLY B 256 1.50 19.20 35.91
C GLY B 256 1.88 19.26 34.44
N ILE B 257 2.95 19.98 34.10
CA ILE B 257 3.29 20.18 32.66
C ILE B 257 3.60 18.81 32.04
N THR B 258 4.31 17.93 32.76
CA THR B 258 4.58 16.58 32.23
C THR B 258 3.27 15.81 32.01
N THR B 259 2.36 15.79 32.99
CA THR B 259 1.09 15.13 32.71
C THR B 259 0.46 15.68 31.43
N VAL B 260 0.55 17.00 31.24
CA VAL B 260 0.06 17.60 29.99
C VAL B 260 0.79 17.00 28.79
N LEU B 261 2.12 16.92 28.89
CA LEU B 261 2.91 16.35 27.80
C LEU B 261 2.52 14.89 27.55
N THR B 262 2.31 14.12 28.62
CA THR B 262 1.96 12.71 28.45
C THR B 262 0.62 12.55 27.77
N MET B 263 -0.37 13.35 28.17
CA MET B 263 -1.67 13.28 27.50
C MET B 263 -1.55 13.70 26.05
N THR B 264 -0.77 14.74 25.77
CA THR B 264 -0.61 15.21 24.39
C THR B 264 0.05 14.14 23.52
N THR B 265 1.10 13.50 24.03
CA THR B 265 1.78 12.49 23.22
C THR B 265 0.94 11.22 23.10
N GLN B 266 0.12 10.90 24.11
CA GLN B 266 -0.81 9.80 23.99
C GLN B 266 -1.82 10.07 22.86
N SER B 267 -2.39 11.27 22.85
CA SER B 267 -3.33 11.64 21.80
C SER B 267 -2.65 11.65 20.43
N SER B 268 -1.41 12.11 20.36
CA SER B 268 -0.69 12.15 19.09
C SER B 268 -0.41 10.74 18.56
N GLY B 269 0.15 9.88 19.40
CA GLY B 269 0.47 8.52 18.98
C GLY B 269 -0.75 7.69 18.67
N SER B 270 -1.87 7.93 19.38
CA SER B 270 -3.06 7.12 19.18
C SER B 270 -3.64 7.29 17.79
N ARG B 271 -3.38 8.42 17.14
CA ARG B 271 -3.98 8.70 15.84
C ARG B 271 -3.50 7.76 14.74
N ALA B 272 -2.30 7.20 14.88
CA ALA B 272 -1.78 6.32 13.83
C ALA B 272 -2.67 5.09 13.66
N SER B 273 -3.11 4.49 14.76
CA SER B 273 -3.96 3.32 14.68
C SER B 273 -5.41 3.69 14.34
N LEU B 274 -5.84 4.89 14.70
CA LEU B 274 -7.22 5.28 14.48
C LEU B 274 -7.51 5.46 12.99
N PRO B 275 -8.76 5.27 12.58
CA PRO B 275 -9.12 5.50 11.17
C PRO B 275 -8.97 6.97 10.78
N LYS B 276 -8.69 7.19 9.50
CA LYS B 276 -8.55 8.54 8.96
C LYS B 276 -9.95 9.08 8.67
N VAL B 277 -10.50 9.80 9.64
CA VAL B 277 -11.86 10.34 9.56
C VAL B 277 -11.84 11.80 9.96
N SER B 278 -12.61 12.62 9.23
CA SER B 278 -12.64 14.04 9.51
C SER B 278 -13.61 14.40 10.63
N TYR B 279 -14.79 13.76 10.67
CA TYR B 279 -15.75 14.08 11.70
C TYR B 279 -15.38 13.43 13.03
N VAL B 280 -15.77 14.09 14.12
CA VAL B 280 -15.33 13.67 15.45
C VAL B 280 -15.93 12.32 15.80
N LYS B 281 -15.11 11.46 16.38
CA LYS B 281 -15.52 10.14 16.84
C LYS B 281 -15.87 10.20 18.33
N ALA B 282 -16.10 9.04 18.92
CA ALA B 282 -16.42 8.95 20.35
C ALA B 282 -15.18 8.87 21.22
N ILE B 283 -13.99 8.80 20.64
CA ILE B 283 -12.76 8.69 21.41
C ILE B 283 -12.07 10.04 21.46
N ASP B 284 -12.28 10.85 20.41
CA ASP B 284 -11.73 12.20 20.41
C ASP B 284 -12.33 13.03 21.53
N ILE B 285 -13.61 12.84 21.82
CA ILE B 285 -14.25 13.55 22.93
C ILE B 285 -13.56 13.18 24.24
N TRP B 286 -13.30 11.89 24.44
CA TRP B 286 -12.65 11.44 25.67
C TRP B 286 -11.24 12.03 25.79
N MET B 287 -10.47 12.01 24.70
CA MET B 287 -9.12 12.55 24.74
C MET B 287 -9.14 14.04 25.02
N ALA B 288 -10.05 14.77 24.37
CA ALA B 288 -10.14 16.21 24.60
C ALA B 288 -10.53 16.52 26.03
N VAL B 289 -11.47 15.75 26.60
CA VAL B 289 -11.89 15.99 27.97
C VAL B 289 -10.75 15.70 28.94
N CYS B 290 -10.00 14.62 28.71
CA CYS B 290 -8.86 14.34 29.58
C CYS B 290 -7.82 15.44 29.52
N LEU B 291 -7.51 15.92 28.31
CA LEU B 291 -6.55 17.01 28.17
C LEU B 291 -7.06 18.27 28.87
N LEU B 292 -8.35 18.56 28.74
CA LEU B 292 -8.93 19.72 29.40
C LEU B 292 -8.86 19.58 30.91
N PHE B 293 -9.08 18.37 31.43
CA PHE B 293 -8.98 18.15 32.87
C PHE B 293 -7.56 18.41 33.37
N VAL B 294 -6.56 17.89 32.66
CA VAL B 294 -5.18 18.10 33.08
C VAL B 294 -4.82 19.59 33.00
N PHE B 295 -5.25 20.26 31.94
CA PHE B 295 -5.01 21.69 31.82
C PHE B 295 -5.67 22.47 32.94
N SER B 296 -6.91 22.12 33.29
CA SER B 296 -7.59 22.80 34.38
C SER B 296 -6.89 22.56 35.70
N ALA B 297 -6.32 21.37 35.89
CA ALA B 297 -5.50 21.11 37.07
C ALA B 297 -4.31 22.06 37.14
N LEU B 298 -3.58 22.19 36.03
CA LEU B 298 -2.44 23.11 36.02
C LEU B 298 -2.89 24.56 36.22
N LEU B 299 -4.04 24.92 35.65
CA LEU B 299 -4.58 26.27 35.81
C LEU B 299 -4.94 26.55 37.26
N GLU B 300 -5.57 25.59 37.94
CA GLU B 300 -5.90 25.81 39.35
C GLU B 300 -4.63 25.87 40.20
N TYR B 301 -3.60 25.11 39.84
CA TYR B 301 -2.33 25.26 40.54
C TYR B 301 -1.76 26.65 40.35
N ALA B 302 -1.82 27.18 39.12
CA ALA B 302 -1.35 28.54 38.88
C ALA B 302 -2.14 29.55 39.72
N ALA B 303 -3.46 29.37 39.78
CA ALA B 303 -4.30 30.27 40.56
C ALA B 303 -3.92 30.24 42.03
N VAL B 304 -3.73 29.03 42.59
CA VAL B 304 -3.42 28.92 44.01
C VAL B 304 -2.03 29.48 44.29
N ASN B 305 -1.07 29.28 43.38
CA ASN B 305 0.26 29.84 43.55
C ASN B 305 0.22 31.36 43.53
N PHE B 306 -0.55 31.94 42.60
CA PHE B 306 -0.67 33.40 42.55
C PHE B 306 -1.34 33.95 43.80
N VAL B 307 -2.39 33.27 44.28
CA VAL B 307 -3.07 33.73 45.49
C VAL B 307 -2.12 33.66 46.69
N SER B 308 -1.36 32.56 46.80
CA SER B 308 -0.43 32.43 47.92
C SER B 308 0.67 33.48 47.87
N ARG B 309 1.18 33.77 46.66
CA ARG B 309 2.27 34.71 46.52
C ARG B 309 1.85 36.15 46.80
N GLN B 310 0.54 36.40 46.66
CA GLN B 310 0.00 37.76 46.95
C GLN B 310 0.24 38.07 48.42
N HIS B 311 0.20 37.05 49.28
CA HIS B 311 0.54 37.28 50.71
C HIS B 311 2.01 37.69 50.80
N LYS B 312 2.33 38.62 51.70
CA LYS B 312 3.74 39.07 51.91
C LYS B 312 4.20 39.92 50.71
N GLU B 313 4.13 39.38 49.50
CA GLU B 313 4.58 40.13 48.29
C GLU B 313 3.58 41.25 47.99
N MET B 322 -3.54 41.29 54.02
CA MET B 322 -2.15 41.10 53.60
C MET B 322 -1.46 40.09 54.51
N ARG B 323 -2.16 39.65 55.55
CA ARG B 323 -1.63 38.68 56.49
C ARG B 323 -1.78 37.28 55.90
N LYS B 324 -1.62 36.26 56.74
CA LYS B 324 -1.72 34.86 56.29
C LYS B 324 -3.13 34.49 55.84
N LEU B 325 -4.07 35.42 55.78
CA LEU B 325 -5.37 35.14 55.19
C LEU B 325 -5.25 34.70 53.74
N PHE B 326 -4.26 35.23 53.01
CA PHE B 326 -4.02 34.77 51.65
C PHE B 326 -3.54 33.32 51.62
N ILE B 327 -2.68 32.94 52.57
CA ILE B 327 -2.25 31.54 52.66
C ILE B 327 -3.45 30.66 52.99
N GLN B 328 -4.32 31.11 53.90
CA GLN B 328 -5.51 30.35 54.22
C GLN B 328 -6.43 30.21 53.01
N ARG B 329 -6.54 31.26 52.20
CA ARG B 329 -7.35 31.20 50.99
C ARG B 329 -6.77 30.22 49.99
N ALA B 330 -5.45 30.21 49.83
CA ALA B 330 -4.81 29.24 48.94
C ALA B 330 -5.06 27.82 49.42
N LYS B 331 -4.94 27.61 50.74
CA LYS B 331 -5.21 26.29 51.30
C LYS B 331 -6.66 25.89 51.07
N LYS B 332 -7.59 26.85 51.20
CA LYS B 332 -9.00 26.59 50.92
C LYS B 332 -9.23 26.21 49.47
N ILE B 333 -8.54 26.87 48.54
CA ILE B 333 -8.64 26.49 47.13
C ILE B 333 -8.19 25.05 46.95
N ASP B 334 -7.07 24.68 47.56
CA ASP B 334 -6.61 23.29 47.46
C ASP B 334 -7.63 22.32 48.06
N LYS B 335 -8.18 22.65 49.24
CA LYS B 335 -9.12 21.76 49.91
C LYS B 335 -10.37 21.55 49.08
N ILE B 336 -10.87 22.61 48.44
CA ILE B 336 -12.10 22.45 47.66
C ILE B 336 -11.81 21.80 46.31
N SER B 337 -10.60 21.95 45.77
CA SER B 337 -10.28 21.32 44.50
C SER B 337 -10.09 19.82 44.66
N ARG B 338 -9.43 19.41 45.75
CA ARG B 338 -9.13 18.00 46.00
C ARG B 338 -10.37 17.13 45.86
N ILE B 339 -11.53 17.62 46.31
CA ILE B 339 -12.75 16.85 46.25
C ILE B 339 -13.70 17.32 45.14
N GLY B 340 -13.56 18.55 44.67
CA GLY B 340 -14.40 19.00 43.57
C GLY B 340 -14.07 18.33 42.26
N PHE B 341 -12.78 18.16 41.95
CA PHE B 341 -12.45 17.71 40.60
C PHE B 341 -12.67 16.21 40.38
N PRO B 342 -12.31 15.33 41.32
CA PRO B 342 -12.65 13.90 41.13
C PRO B 342 -14.14 13.65 40.95
N MET B 343 -15.00 14.37 41.68
CA MET B 343 -16.43 14.18 41.50
C MET B 343 -16.88 14.65 40.12
N ALA B 344 -16.32 15.76 39.63
CA ALA B 344 -16.63 16.21 38.28
C ALA B 344 -16.20 15.18 37.25
N PHE B 345 -15.02 14.58 37.43
CA PHE B 345 -14.56 13.54 36.51
C PHE B 345 -15.47 12.33 36.56
N LEU B 346 -15.92 11.94 37.75
CA LEU B 346 -16.85 10.81 37.86
C LEU B 346 -18.17 11.12 37.15
N ILE B 347 -18.68 12.33 37.30
CA ILE B 347 -19.91 12.72 36.63
C ILE B 347 -19.73 12.66 35.11
N PHE B 348 -18.61 13.19 34.62
CA PHE B 348 -18.34 13.13 33.19
C PHE B 348 -18.25 11.69 32.70
N ASN B 349 -17.58 10.83 33.47
CA ASN B 349 -17.43 9.43 33.08
C ASN B 349 -18.79 8.74 33.00
N MET B 350 -19.65 8.97 34.00
CA MET B 350 -20.97 8.36 33.99
C MET B 350 -21.78 8.86 32.80
N PHE B 351 -21.77 10.17 32.56
CA PHE B 351 -22.53 10.70 31.42
C PHE B 351 -22.02 10.13 30.11
N TYR B 352 -20.69 10.08 29.94
CA TYR B 352 -20.11 9.57 28.70
C TYR B 352 -20.49 8.12 28.46
N TRP B 353 -20.31 7.26 29.47
CA TRP B 353 -20.59 5.85 29.27
C TRP B 353 -22.09 5.59 29.09
N ILE B 354 -22.94 6.35 29.79
CA ILE B 354 -24.37 6.20 29.61
C ILE B 354 -24.79 6.61 28.20
N ILE B 355 -24.26 7.74 27.71
CA ILE B 355 -24.70 8.24 26.41
C ILE B 355 -24.13 7.40 25.28
N TYR B 356 -22.98 6.76 25.47
CA TYR B 356 -22.37 5.96 24.41
C TYR B 356 -22.55 4.46 24.60
N LYS B 357 -23.32 4.04 25.60
CA LYS B 357 -23.65 2.64 25.76
C LYS B 357 -25.13 2.36 25.96
N ILE B 358 -25.95 3.36 26.29
CA ILE B 358 -27.37 3.16 26.48
C ILE B 358 -28.16 4.02 25.51
N MET C 8 -41.92 -13.72 -33.30
CA MET C 8 -41.54 -14.73 -34.29
C MET C 8 -40.03 -14.77 -34.49
N SER C 9 -39.35 -15.47 -33.57
CA SER C 9 -37.89 -15.64 -33.63
C SER C 9 -37.20 -14.28 -33.65
N PRO C 10 -37.17 -13.57 -32.52
CA PRO C 10 -36.58 -12.23 -32.52
C PRO C 10 -35.12 -12.21 -32.95
N SER C 11 -34.35 -13.24 -32.63
CA SER C 11 -32.96 -13.29 -33.07
C SER C 11 -32.87 -13.31 -34.59
N ASP C 12 -33.68 -14.16 -35.23
CA ASP C 12 -33.69 -14.21 -36.69
C ASP C 12 -34.21 -12.91 -37.30
N PHE C 13 -35.21 -12.30 -36.66
CA PHE C 13 -35.72 -11.02 -37.14
C PHE C 13 -34.64 -9.95 -37.09
N LEU C 14 -33.87 -9.91 -36.00
CA LEU C 14 -32.79 -8.94 -35.89
C LEU C 14 -31.68 -9.23 -36.90
N ASP C 15 -31.39 -10.51 -37.14
CA ASP C 15 -30.42 -10.86 -38.17
C ASP C 15 -30.87 -10.39 -39.54
N LYS C 16 -32.16 -10.54 -39.85
CA LYS C 16 -32.68 -10.06 -41.13
C LYS C 16 -32.66 -8.54 -41.19
N LEU C 17 -32.93 -7.87 -40.07
CA LEU C 17 -32.92 -6.41 -40.04
C LEU C 17 -31.51 -5.87 -40.28
N MET C 18 -30.53 -6.38 -39.54
CA MET C 18 -29.15 -5.95 -39.69
C MET C 18 -28.25 -7.19 -39.72
N GLY C 19 -27.32 -7.21 -40.65
CA GLY C 19 -26.42 -8.35 -40.78
C GLY C 19 -25.89 -8.44 -42.19
N ARG C 20 -25.35 -9.61 -42.50
CA ARG C 20 -24.75 -9.85 -43.82
C ARG C 20 -25.79 -9.73 -44.92
N THR C 21 -26.98 -10.31 -44.72
CA THR C 21 -28.00 -10.32 -45.75
C THR C 21 -28.70 -8.97 -45.91
N SER C 22 -28.63 -8.10 -44.90
CA SER C 22 -29.31 -6.81 -44.96
C SER C 22 -28.43 -5.69 -45.46
N GLY C 23 -27.14 -5.91 -45.61
CA GLY C 23 -26.24 -4.88 -46.11
C GLY C 23 -25.85 -3.82 -45.11
N TYR C 24 -26.29 -3.93 -43.86
CA TYR C 24 -25.94 -2.93 -42.85
C TYR C 24 -24.44 -2.96 -42.57
N ASP C 25 -23.89 -1.78 -42.32
CA ASP C 25 -22.46 -1.63 -42.04
C ASP C 25 -22.27 -1.11 -40.62
N ALA C 26 -21.33 -1.71 -39.90
CA ALA C 26 -21.10 -1.38 -38.50
C ALA C 26 -20.04 -0.31 -38.29
N ARG C 27 -19.51 0.27 -39.38
CA ARG C 27 -18.49 1.30 -39.28
C ARG C 27 -18.93 2.65 -39.82
N ILE C 28 -20.18 2.77 -40.27
CA ILE C 28 -20.70 4.00 -40.85
C ILE C 28 -21.77 4.55 -39.92
N ARG C 29 -21.60 5.82 -39.52
CA ARG C 29 -22.52 6.44 -38.60
C ARG C 29 -23.88 6.65 -39.26
N PRO C 30 -24.95 6.68 -38.47
CA PRO C 30 -26.27 7.01 -39.03
C PRO C 30 -26.28 8.42 -39.57
N ASN C 31 -27.11 8.64 -40.60
CA ASN C 31 -27.18 9.92 -41.31
C ASN C 31 -25.80 10.31 -41.85
N PHE C 32 -25.18 9.37 -42.56
CA PHE C 32 -23.84 9.58 -43.08
C PHE C 32 -23.82 10.70 -44.11
N LYS C 33 -22.68 11.39 -44.19
CA LYS C 33 -22.48 12.58 -45.03
C LYS C 33 -23.71 13.47 -45.03
N GLY C 34 -24.20 13.76 -43.83
CA GLY C 34 -25.36 14.61 -43.65
C GLY C 34 -25.34 15.33 -42.32
N PRO C 35 -26.52 15.52 -41.72
CA PRO C 35 -26.58 16.20 -40.44
C PRO C 35 -25.91 15.37 -39.37
N PRO C 36 -25.29 16.01 -38.37
CA PRO C 36 -24.70 15.27 -37.25
C PRO C 36 -25.76 14.58 -36.42
N VAL C 37 -25.37 13.47 -35.81
CA VAL C 37 -26.27 12.67 -34.98
C VAL C 37 -26.13 13.09 -33.53
N ASN C 38 -27.24 13.44 -32.91
CA ASN C 38 -27.23 13.86 -31.52
C ASN C 38 -27.20 12.66 -30.59
N VAL C 39 -26.52 12.83 -29.45
CA VAL C 39 -26.44 11.80 -28.42
C VAL C 39 -26.83 12.42 -27.09
N SER C 40 -27.76 11.78 -26.39
CA SER C 40 -28.24 12.23 -25.09
C SER C 40 -27.85 11.20 -24.05
N CYS C 41 -26.84 11.50 -23.25
CA CYS C 41 -26.31 10.57 -22.26
C CYS C 41 -26.46 11.16 -20.86
N ASN C 42 -27.04 10.37 -19.95
CA ASN C 42 -27.26 10.79 -18.57
C ASN C 42 -26.54 9.83 -17.63
N ILE C 43 -25.70 10.38 -16.76
CA ILE C 43 -24.87 9.61 -15.85
C ILE C 43 -25.65 9.35 -14.57
N PHE C 44 -25.36 8.21 -13.93
CA PHE C 44 -25.97 7.83 -12.65
C PHE C 44 -24.85 7.37 -11.73
N ILE C 45 -24.36 8.28 -10.89
CA ILE C 45 -23.34 7.92 -9.92
C ILE C 45 -23.89 6.87 -8.97
N ASN C 46 -23.07 5.86 -8.67
CA ASN C 46 -23.51 4.75 -7.85
C ASN C 46 -22.63 4.59 -6.62
N SER C 47 -21.35 4.97 -6.74
CA SER C 47 -20.42 4.85 -5.62
C SER C 47 -19.32 5.88 -5.82
N PHE C 48 -19.32 6.92 -4.99
CA PHE C 48 -18.33 7.99 -5.04
C PHE C 48 -17.46 7.89 -3.81
N GLY C 49 -16.15 7.74 -4.00
CA GLY C 49 -15.25 7.60 -2.88
C GLY C 49 -13.82 7.41 -3.33
N SER C 50 -12.97 7.09 -2.37
CA SER C 50 -11.54 6.85 -2.60
C SER C 50 -10.87 8.10 -3.19
N ILE C 51 -11.01 9.21 -2.49
CA ILE C 51 -10.39 10.47 -2.90
C ILE C 51 -9.04 10.58 -2.21
N ALA C 52 -7.96 10.56 -3.00
CA ALA C 52 -6.61 10.64 -2.49
C ALA C 52 -5.95 11.92 -2.97
N GLU C 53 -5.27 12.61 -2.05
CA GLU C 53 -4.55 13.82 -2.39
C GLU C 53 -3.11 13.54 -2.83
N THR C 54 -2.69 12.28 -2.83
CA THR C 54 -1.34 11.93 -3.23
C THR C 54 -1.19 11.81 -4.74
N THR C 55 -2.03 10.98 -5.37
CA THR C 55 -1.99 10.78 -6.81
C THR C 55 -3.01 11.63 -7.55
N MET C 56 -3.79 12.45 -6.84
CA MET C 56 -4.76 13.37 -7.43
C MET C 56 -5.78 12.60 -8.29
N ASP C 57 -6.55 11.75 -7.63
CA ASP C 57 -7.52 10.93 -8.33
C ASP C 57 -8.65 10.53 -7.40
N TYR C 58 -9.75 10.09 -8.00
CA TYR C 58 -10.90 9.58 -7.25
C TYR C 58 -11.61 8.55 -8.13
N ARG C 59 -12.35 7.66 -7.48
CA ARG C 59 -12.98 6.53 -8.15
C ARG C 59 -14.50 6.66 -8.09
N VAL C 60 -15.17 6.29 -9.18
CA VAL C 60 -16.62 6.39 -9.30
C VAL C 60 -17.17 5.13 -9.95
N ASN C 61 -18.48 4.95 -9.82
CA ASN C 61 -19.25 3.96 -10.58
C ASN C 61 -20.34 4.70 -11.35
N ILE C 62 -20.58 4.28 -12.59
CA ILE C 62 -21.41 5.04 -13.51
C ILE C 62 -22.33 4.09 -14.26
N PHE C 63 -23.62 4.43 -14.29
CA PHE C 63 -24.59 3.75 -15.16
C PHE C 63 -24.78 4.56 -16.44
N LEU C 64 -23.71 4.64 -17.22
CA LEU C 64 -23.70 5.47 -18.42
C LEU C 64 -24.67 4.91 -19.44
N ARG C 65 -25.73 5.67 -19.73
CA ARG C 65 -26.70 5.32 -20.76
C ARG C 65 -26.79 6.46 -21.76
N GLN C 66 -26.58 6.15 -23.03
CA GLN C 66 -26.55 7.15 -24.10
C GLN C 66 -27.50 6.74 -25.20
N GLN C 67 -28.28 7.70 -25.70
CA GLN C 67 -29.32 7.45 -26.68
C GLN C 67 -29.05 8.23 -27.96
N TRP C 68 -29.42 7.63 -29.09
CA TRP C 68 -29.32 8.28 -30.39
C TRP C 68 -30.30 7.60 -31.34
N ASN C 69 -30.51 8.22 -32.49
CA ASN C 69 -31.47 7.74 -33.48
C ASN C 69 -30.71 7.22 -34.69
N ASP C 70 -30.98 5.97 -35.05
CA ASP C 70 -30.38 5.34 -36.23
C ASP C 70 -31.49 4.94 -37.19
N PRO C 71 -31.67 5.66 -38.29
CA PRO C 71 -32.76 5.31 -39.22
C PRO C 71 -32.63 3.92 -39.82
N ARG C 72 -31.40 3.42 -39.98
CA ARG C 72 -31.20 2.10 -40.57
C ARG C 72 -31.76 0.99 -39.70
N LEU C 73 -31.87 1.22 -38.39
CA LEU C 73 -32.38 0.22 -37.47
C LEU C 73 -33.89 0.27 -37.31
N ALA C 74 -34.57 1.21 -37.96
CA ALA C 74 -36.02 1.31 -37.84
C ALA C 74 -36.71 0.10 -38.47
N TYR C 75 -37.75 -0.39 -37.80
CA TYR C 75 -38.52 -1.54 -38.27
C TYR C 75 -40.00 -1.27 -38.06
N ASN C 76 -40.82 -1.98 -38.84
CA ASN C 76 -42.27 -1.84 -38.75
C ASN C 76 -43.02 -3.16 -38.72
N GLU C 77 -42.43 -4.26 -39.20
CA GLU C 77 -43.17 -5.52 -39.28
C GLU C 77 -43.31 -6.19 -37.92
N TYR C 78 -42.30 -6.08 -37.06
CA TYR C 78 -42.35 -6.74 -35.77
C TYR C 78 -43.41 -6.08 -34.88
N PRO C 79 -44.21 -6.86 -34.17
CA PRO C 79 -45.29 -6.25 -33.36
C PRO C 79 -44.79 -5.52 -32.13
N ASP C 80 -43.81 -6.08 -31.42
CA ASP C 80 -43.35 -5.48 -30.17
C ASP C 80 -42.63 -4.17 -30.43
N ASP C 81 -42.78 -3.24 -29.49
CA ASP C 81 -42.19 -1.91 -29.65
C ASP C 81 -40.68 -1.94 -29.44
N SER C 82 -40.22 -2.65 -28.42
CA SER C 82 -38.80 -2.70 -28.08
C SER C 82 -38.22 -4.05 -28.45
N LEU C 83 -36.88 -4.11 -28.44
CA LEU C 83 -36.17 -5.33 -28.81
C LEU C 83 -34.80 -5.31 -28.14
N ASP C 84 -34.65 -6.10 -27.08
CA ASP C 84 -33.37 -6.17 -26.38
C ASP C 84 -32.33 -6.90 -27.22
N LEU C 85 -31.06 -6.63 -26.92
CA LEU C 85 -29.95 -7.17 -27.69
C LEU C 85 -28.88 -7.73 -26.76
N ASP C 86 -28.39 -8.91 -27.10
CA ASP C 86 -27.29 -9.52 -26.37
C ASP C 86 -25.99 -8.77 -26.66
N PRO C 87 -25.09 -8.67 -25.67
CA PRO C 87 -23.80 -8.00 -25.93
C PRO C 87 -22.99 -8.63 -27.06
N SER C 88 -23.11 -9.94 -27.27
CA SER C 88 -22.32 -10.60 -28.31
C SER C 88 -22.62 -10.02 -29.68
N MET C 89 -23.90 -9.80 -29.99
CA MET C 89 -24.25 -9.13 -31.24
C MET C 89 -24.20 -7.62 -31.11
N LEU C 90 -24.20 -7.10 -29.88
CA LEU C 90 -23.94 -5.68 -29.66
C LEU C 90 -22.54 -5.31 -30.13
N ASP C 91 -21.62 -6.26 -30.11
CA ASP C 91 -20.27 -6.04 -30.63
C ASP C 91 -20.25 -5.82 -32.14
N SER C 92 -21.40 -5.87 -32.82
CA SER C 92 -21.49 -5.71 -34.27
C SER C 92 -22.54 -4.68 -34.63
N ILE C 93 -22.46 -3.51 -33.98
CA ILE C 93 -23.35 -2.39 -34.29
C ILE C 93 -22.61 -1.10 -33.99
N TRP C 94 -22.93 -0.05 -34.74
CA TRP C 94 -22.26 1.23 -34.57
C TRP C 94 -22.63 1.85 -33.23
N LYS C 95 -21.61 2.29 -32.49
CA LYS C 95 -21.78 2.96 -31.21
C LYS C 95 -20.84 4.15 -31.17
N PRO C 96 -21.26 5.27 -30.57
CA PRO C 96 -20.36 6.41 -30.44
C PRO C 96 -19.14 6.06 -29.60
N ASP C 97 -17.99 6.58 -30.01
CA ASP C 97 -16.73 6.29 -29.32
C ASP C 97 -16.50 7.30 -28.19
N LEU C 98 -17.41 7.28 -27.23
CA LEU C 98 -17.35 8.19 -26.10
C LEU C 98 -16.25 7.73 -25.13
N PHE C 99 -15.19 8.51 -25.01
CA PHE C 99 -14.09 8.22 -24.10
C PHE C 99 -13.92 9.36 -23.12
N PHE C 100 -13.61 9.03 -21.87
CA PHE C 100 -13.41 10.05 -20.86
C PHE C 100 -12.04 10.69 -21.03
N ALA C 101 -12.01 12.02 -21.02
CA ALA C 101 -10.78 12.75 -21.31
C ALA C 101 -9.72 12.58 -20.24
N ASN C 102 -10.11 12.21 -19.02
CA ASN C 102 -9.18 12.00 -17.92
C ASN C 102 -9.50 10.69 -17.21
N GLU C 103 -9.68 9.63 -17.99
CA GLU C 103 -10.08 8.35 -17.43
C GLU C 103 -9.02 7.79 -16.48
N LYS C 104 -7.74 7.92 -16.83
CA LYS C 104 -6.62 7.47 -16.02
C LYS C 104 -6.69 5.97 -15.70
N GLY C 105 -7.51 5.22 -16.44
CA GLY C 105 -7.67 3.81 -16.18
C GLY C 105 -9.09 3.45 -15.78
N ALA C 106 -9.62 2.35 -16.30
CA ALA C 106 -10.97 1.90 -15.98
C ALA C 106 -11.16 0.51 -16.57
N HIS C 107 -12.28 -0.12 -16.20
CA HIS C 107 -12.62 -1.44 -16.72
C HIS C 107 -14.12 -1.64 -16.61
N PHE C 108 -14.62 -2.59 -17.39
CA PHE C 108 -16.03 -2.93 -17.40
C PHE C 108 -16.34 -3.88 -16.24
N HIS C 109 -17.56 -4.42 -16.22
CA HIS C 109 -17.97 -5.41 -15.25
C HIS C 109 -18.62 -6.58 -15.99
N GLU C 110 -18.16 -7.79 -15.69
CA GLU C 110 -18.59 -9.00 -16.38
C GLU C 110 -18.92 -10.11 -15.38
N ILE C 111 -19.71 -9.78 -14.36
CA ILE C 111 -20.03 -10.72 -13.30
C ILE C 111 -21.35 -11.42 -13.66
N THR C 112 -21.24 -12.70 -14.03
CA THR C 112 -22.35 -13.60 -14.34
C THR C 112 -23.03 -13.21 -15.65
N THR C 113 -22.68 -12.05 -16.19
CA THR C 113 -23.20 -11.53 -17.45
C THR C 113 -22.47 -10.22 -17.74
N ASP C 114 -22.32 -9.87 -19.02
CA ASP C 114 -21.80 -8.55 -19.35
C ASP C 114 -22.79 -7.48 -18.89
N ASN C 115 -22.28 -6.48 -18.17
CA ASN C 115 -23.12 -5.41 -17.63
C ASN C 115 -23.38 -4.35 -18.70
N LYS C 116 -24.06 -4.79 -19.76
CA LYS C 116 -24.44 -3.92 -20.86
C LYS C 116 -25.90 -4.20 -21.23
N LEU C 117 -26.54 -3.20 -21.82
CA LEU C 117 -27.93 -3.32 -22.23
C LEU C 117 -28.15 -2.46 -23.47
N LEU C 118 -28.78 -3.04 -24.48
CA LEU C 118 -29.09 -2.32 -25.72
C LEU C 118 -30.45 -2.76 -26.21
N ARG C 119 -31.36 -1.80 -26.38
CA ARG C 119 -32.68 -2.06 -26.93
C ARG C 119 -32.95 -1.05 -28.04
N ILE C 120 -33.72 -1.50 -29.04
CA ILE C 120 -34.01 -0.70 -30.23
C ILE C 120 -35.51 -0.50 -30.32
N SER C 121 -35.92 0.76 -30.47
CA SER C 121 -37.33 1.09 -30.61
C SER C 121 -37.76 0.99 -32.06
N ARG C 122 -39.06 1.18 -32.30
CA ARG C 122 -39.60 1.08 -33.66
C ARG C 122 -39.05 2.19 -34.56
N ASN C 123 -38.92 3.40 -34.01
CA ASN C 123 -38.50 4.55 -34.81
C ASN C 123 -36.98 4.65 -34.96
N GLY C 124 -36.23 3.74 -34.37
CA GLY C 124 -34.78 3.75 -34.49
C GLY C 124 -34.04 4.24 -33.26
N ASN C 125 -34.75 4.85 -32.30
CA ASN C 125 -34.11 5.26 -31.06
C ASN C 125 -33.58 4.03 -30.32
N VAL C 126 -32.32 4.12 -29.88
CA VAL C 126 -31.64 3.00 -29.23
C VAL C 126 -31.04 3.49 -27.93
N LEU C 127 -31.22 2.71 -26.86
CA LEU C 127 -30.67 3.00 -25.55
C LEU C 127 -29.50 2.07 -25.28
N TYR C 128 -28.39 2.61 -24.80
CA TYR C 128 -27.15 1.86 -24.61
C TYR C 128 -26.63 2.17 -23.21
N SER C 129 -27.04 1.37 -22.24
CA SER C 129 -26.66 1.55 -20.84
C SER C 129 -25.61 0.51 -20.47
N ILE C 130 -24.45 0.97 -19.98
CA ILE C 130 -23.36 0.11 -19.57
C ILE C 130 -22.88 0.54 -18.18
N ARG C 131 -22.03 -0.29 -17.60
CA ARG C 131 -21.50 -0.06 -16.26
C ARG C 131 -19.98 0.06 -16.35
N ILE C 132 -19.44 1.17 -15.85
CA ILE C 132 -18.01 1.44 -15.87
C ILE C 132 -17.57 1.81 -14.46
N THR C 133 -16.32 1.53 -14.14
CA THR C 133 -15.70 1.88 -12.86
C THR C 133 -14.47 2.73 -13.16
N LEU C 134 -14.65 4.04 -13.22
CA LEU C 134 -13.58 4.97 -13.54
C LEU C 134 -12.82 5.38 -12.29
N THR C 135 -11.53 5.65 -12.46
CA THR C 135 -10.73 6.35 -11.46
C THR C 135 -10.22 7.63 -12.12
N LEU C 136 -11.05 8.66 -12.09
CA LEU C 136 -10.75 9.92 -12.75
C LEU C 136 -9.73 10.73 -11.95
N ALA C 137 -9.15 11.73 -12.59
CA ALA C 137 -8.11 12.56 -12.00
C ALA C 137 -8.55 14.01 -11.99
N CYS C 138 -8.34 14.68 -10.86
CA CYS C 138 -8.66 16.09 -10.69
C CYS C 138 -7.56 16.77 -9.88
N PRO C 139 -7.03 17.90 -10.34
CA PRO C 139 -6.06 18.64 -9.55
C PRO C 139 -6.66 19.15 -8.25
N MET C 140 -5.81 19.24 -7.23
CA MET C 140 -6.23 19.67 -5.90
C MET C 140 -5.48 20.93 -5.50
N ASP C 141 -6.21 21.88 -4.91
CA ASP C 141 -5.65 23.12 -4.40
C ASP C 141 -5.71 23.07 -2.88
N LEU C 142 -4.56 22.85 -2.25
CA LEU C 142 -4.47 22.68 -0.80
C LEU C 142 -3.76 23.85 -0.12
N LYS C 143 -3.88 25.06 -0.69
CA LYS C 143 -3.29 26.23 -0.04
C LYS C 143 -3.91 26.46 1.33
N ASN C 144 -5.23 26.31 1.43
CA ASN C 144 -5.95 26.37 2.70
C ASN C 144 -6.50 24.96 2.95
N PHE C 145 -5.67 24.11 3.58
CA PHE C 145 -6.00 22.69 3.64
C PHE C 145 -7.25 22.40 4.47
N PRO C 146 -7.31 22.75 5.77
CA PRO C 146 -8.47 22.33 6.57
C PRO C 146 -9.79 22.95 6.14
N MET C 147 -9.77 24.01 5.33
CA MET C 147 -10.97 24.76 4.96
C MET C 147 -11.01 25.01 3.46
N ASP C 148 -10.74 23.97 2.67
CA ASP C 148 -10.75 24.08 1.22
C ASP C 148 -12.08 23.58 0.65
N VAL C 149 -12.33 23.97 -0.60
CA VAL C 149 -13.50 23.51 -1.35
C VAL C 149 -12.98 23.05 -2.70
N GLN C 150 -12.75 21.74 -2.83
CA GLN C 150 -12.22 21.18 -4.06
C GLN C 150 -13.32 21.10 -5.13
N THR C 151 -12.88 20.96 -6.38
CA THR C 151 -13.78 20.86 -7.52
C THR C 151 -13.23 19.79 -8.46
N CYS C 152 -13.79 18.58 -8.38
CA CYS C 152 -13.37 17.47 -9.21
C CYS C 152 -14.41 17.22 -10.30
N ILE C 153 -13.94 17.03 -11.53
CA ILE C 153 -14.80 17.00 -12.70
C ILE C 153 -14.50 15.75 -13.52
N MET C 154 -15.45 15.41 -14.39
CA MET C 154 -15.26 14.37 -15.39
C MET C 154 -15.68 14.92 -16.75
N GLN C 155 -15.01 14.45 -17.79
CA GLN C 155 -15.24 14.96 -19.15
C GLN C 155 -15.57 13.81 -20.07
N LEU C 156 -16.61 13.97 -20.87
CA LEU C 156 -16.99 13.00 -21.90
C LEU C 156 -16.77 13.64 -23.25
N GLU C 157 -15.97 12.99 -24.10
CA GLU C 157 -15.62 13.53 -25.40
C GLU C 157 -15.59 12.42 -26.43
N SER C 158 -15.78 12.81 -27.70
CA SER C 158 -15.59 11.90 -28.81
C SER C 158 -14.10 11.77 -29.13
N PHE C 159 -13.77 10.76 -29.92
CA PHE C 159 -12.38 10.48 -30.25
C PHE C 159 -12.08 10.65 -31.73
N GLY C 160 -12.87 10.05 -32.61
CA GLY C 160 -12.60 10.11 -34.03
C GLY C 160 -13.64 10.86 -34.84
N TYR C 161 -14.45 11.68 -34.17
CA TYR C 161 -15.51 12.43 -34.83
C TYR C 161 -15.45 13.89 -34.40
N THR C 162 -15.83 14.77 -35.31
CA THR C 162 -15.84 16.20 -35.06
C THR C 162 -17.25 16.67 -34.70
N MET C 163 -17.42 17.98 -34.57
CA MET C 163 -18.71 18.55 -34.21
C MET C 163 -19.73 18.51 -35.33
N ASN C 164 -19.31 18.29 -36.57
CA ASN C 164 -20.24 18.19 -37.68
C ASN C 164 -20.78 16.79 -37.89
N ASP C 165 -20.32 15.82 -37.10
CA ASP C 165 -20.80 14.45 -37.19
C ASP C 165 -21.39 13.94 -35.89
N LEU C 166 -20.77 14.24 -34.75
CA LEU C 166 -21.22 13.77 -33.45
C LEU C 166 -21.31 14.94 -32.49
N ILE C 167 -22.46 15.09 -31.84
CA ILE C 167 -22.70 16.17 -30.89
C ILE C 167 -23.25 15.56 -29.61
N PHE C 168 -22.56 15.80 -28.49
CA PHE C 168 -23.00 15.31 -27.19
C PHE C 168 -23.81 16.37 -26.47
N GLU C 169 -24.83 15.94 -25.73
CA GLU C 169 -25.65 16.85 -24.95
C GLU C 169 -26.33 16.06 -23.84
N TRP C 170 -26.56 16.74 -22.72
CA TRP C 170 -27.20 16.10 -21.58
C TRP C 170 -28.72 16.09 -21.76
N GLN C 171 -29.40 15.39 -20.86
CA GLN C 171 -30.85 15.38 -20.87
C GLN C 171 -31.41 16.71 -20.36
N GLU C 172 -32.71 16.91 -20.59
CA GLU C 172 -33.35 18.15 -20.16
C GLU C 172 -33.30 18.29 -18.65
N GLN C 173 -33.59 17.22 -17.92
CA GLN C 173 -33.57 17.25 -16.46
C GLN C 173 -32.95 15.97 -15.93
N GLY C 174 -32.34 16.07 -14.76
CA GLY C 174 -31.76 14.90 -14.10
C GLY C 174 -30.68 14.20 -14.91
N ALA C 175 -29.79 14.96 -15.54
CA ALA C 175 -28.73 14.36 -16.33
C ALA C 175 -27.75 13.58 -15.46
N VAL C 176 -27.29 14.20 -14.37
CA VAL C 176 -26.37 13.56 -13.43
C VAL C 176 -27.12 13.32 -12.14
N GLN C 177 -27.21 12.05 -11.73
CA GLN C 177 -27.96 11.65 -10.55
C GLN C 177 -27.05 10.90 -9.60
N VAL C 178 -27.44 10.88 -8.33
CA VAL C 178 -26.67 10.23 -7.28
C VAL C 178 -27.56 9.22 -6.57
N ALA C 179 -26.91 8.24 -5.93
CA ALA C 179 -27.60 7.19 -5.20
C ALA C 179 -28.06 7.68 -3.84
N ASP C 180 -28.40 6.76 -2.94
CA ASP C 180 -28.88 7.12 -1.62
C ASP C 180 -27.74 7.73 -0.80
N GLY C 181 -28.00 7.96 0.48
CA GLY C 181 -27.10 8.76 1.29
C GLY C 181 -25.76 8.12 1.59
N LEU C 182 -25.00 7.82 0.54
CA LEU C 182 -23.64 7.32 0.72
C LEU C 182 -22.76 8.39 1.35
N THR C 183 -21.79 7.94 2.15
CA THR C 183 -20.92 8.83 2.88
C THR C 183 -19.48 8.68 2.42
N LEU C 184 -18.67 9.68 2.73
CA LEU C 184 -17.25 9.70 2.38
C LEU C 184 -16.44 10.14 3.58
N PRO C 185 -15.19 9.68 3.69
CA PRO C 185 -14.28 10.23 4.70
C PRO C 185 -13.60 11.49 4.20
N GLN C 186 -13.53 12.48 5.09
CA GLN C 186 -12.86 13.77 4.88
C GLN C 186 -13.54 14.64 3.84
N PHE C 187 -14.76 14.29 3.41
CA PHE C 187 -15.47 15.09 2.42
C PHE C 187 -16.97 14.89 2.59
N ILE C 188 -17.73 15.85 2.07
CA ILE C 188 -19.18 15.76 1.97
C ILE C 188 -19.59 16.32 0.62
N LEU C 189 -20.21 15.49 -0.21
CA LEU C 189 -20.53 15.87 -1.58
C LEU C 189 -21.70 16.85 -1.60
N LYS C 190 -21.53 17.94 -2.34
CA LYS C 190 -22.58 18.96 -2.43
C LYS C 190 -23.77 18.44 -3.24
N GLU C 191 -24.97 18.81 -2.81
CA GLU C 191 -26.19 18.39 -3.50
C GLU C 191 -26.37 19.08 -4.85
N GLU C 192 -25.60 20.11 -5.15
CA GLU C 192 -25.70 20.82 -6.41
C GLU C 192 -24.46 20.54 -7.25
N LYS C 193 -24.67 20.14 -8.50
CA LYS C 193 -23.57 19.80 -9.42
C LYS C 193 -23.95 20.31 -10.80
N ASP C 194 -23.41 21.48 -11.15
CA ASP C 194 -23.74 22.13 -12.41
C ASP C 194 -23.22 21.32 -13.60
N LEU C 195 -23.96 21.37 -14.70
CA LEU C 195 -23.65 20.65 -15.91
C LEU C 195 -23.07 21.63 -16.92
N ARG C 196 -21.77 21.87 -16.83
CA ARG C 196 -21.11 22.84 -17.71
C ARG C 196 -20.93 22.24 -19.10
N TYR C 197 -20.64 23.12 -20.06
CA TYR C 197 -20.43 22.73 -21.45
C TYR C 197 -19.01 23.07 -21.86
N CYS C 198 -18.38 22.17 -22.60
CA CYS C 198 -17.00 22.33 -23.04
C CYS C 198 -16.89 22.01 -24.52
N THR C 199 -15.79 22.44 -25.11
CA THR C 199 -15.48 22.14 -26.51
C THR C 199 -14.00 22.41 -26.73
N LYS C 200 -13.28 21.40 -27.22
CA LYS C 200 -11.85 21.51 -27.48
C LYS C 200 -11.64 21.79 -28.96
N HIS C 201 -11.03 22.93 -29.27
CA HIS C 201 -10.81 23.35 -30.65
C HIS C 201 -9.40 22.94 -31.08
N TYR C 202 -9.25 21.63 -31.33
CA TYR C 202 -7.98 21.09 -31.78
C TYR C 202 -7.70 21.53 -33.22
N ASN C 203 -6.45 21.30 -33.65
CA ASN C 203 -6.05 21.66 -35.01
C ASN C 203 -6.74 20.82 -36.06
N THR C 204 -7.24 19.64 -35.70
CA THR C 204 -7.95 18.77 -36.64
C THR C 204 -9.42 19.09 -36.77
N GLY C 205 -9.95 19.96 -35.91
CA GLY C 205 -11.35 20.33 -35.93
C GLY C 205 -11.85 20.55 -34.53
N LYS C 206 -13.17 20.59 -34.40
CA LYS C 206 -13.83 20.78 -33.11
C LYS C 206 -14.38 19.43 -32.64
N PHE C 207 -13.84 18.92 -31.53
CA PHE C 207 -14.33 17.69 -30.93
C PHE C 207 -15.36 18.03 -29.85
N THR C 208 -16.49 17.34 -29.88
CA THR C 208 -17.54 17.61 -28.91
C THR C 208 -17.09 17.26 -27.50
N CYS C 209 -17.68 17.94 -26.52
CA CYS C 209 -17.25 17.80 -25.14
C CYS C 209 -18.42 18.13 -24.22
N ILE C 210 -18.58 17.33 -23.17
CA ILE C 210 -19.52 17.62 -22.09
C ILE C 210 -18.85 17.23 -20.78
N GLU C 211 -19.10 18.03 -19.74
CA GLU C 211 -18.45 17.78 -18.46
C GLU C 211 -19.40 18.13 -17.32
N ALA C 212 -19.23 17.44 -16.21
CA ALA C 212 -19.99 17.68 -14.98
C ALA C 212 -19.03 17.94 -13.84
N ARG C 213 -19.34 18.94 -13.03
CA ARG C 213 -18.49 19.35 -11.92
C ARG C 213 -19.11 18.91 -10.60
N PHE C 214 -18.35 18.17 -9.80
CA PHE C 214 -18.77 17.75 -8.48
C PHE C 214 -18.06 18.60 -7.43
N HIS C 215 -18.83 19.35 -6.64
CA HIS C 215 -18.27 20.19 -5.60
C HIS C 215 -18.06 19.37 -4.33
N LEU C 216 -16.86 19.49 -3.76
CA LEU C 216 -16.49 18.74 -2.56
C LEU C 216 -16.03 19.71 -1.48
N GLU C 217 -16.64 19.61 -0.30
CA GLU C 217 -16.27 20.43 0.84
C GLU C 217 -15.68 19.54 1.94
N ARG C 218 -14.57 19.98 2.50
CA ARG C 218 -13.91 19.22 3.55
C ARG C 218 -14.54 19.56 4.91
N GLN C 219 -14.77 18.52 5.71
CA GLN C 219 -15.35 18.72 7.04
C GLN C 219 -14.30 19.28 8.00
N MET C 220 -14.76 20.12 8.92
CA MET C 220 -13.93 20.79 9.91
C MET C 220 -14.07 20.15 11.29
N GLY C 221 -14.08 18.83 11.35
CA GLY C 221 -14.36 18.13 12.59
C GLY C 221 -13.11 17.78 13.37
N TYR C 222 -12.67 16.52 13.32
CA TYR C 222 -11.48 16.07 14.02
C TYR C 222 -10.32 17.04 13.88
N TYR C 223 -10.12 17.58 12.67
CA TYR C 223 -9.04 18.54 12.45
C TYR C 223 -9.13 19.69 13.44
N LEU C 224 -10.31 20.31 13.53
CA LEU C 224 -10.51 21.42 14.46
C LEU C 224 -10.08 21.04 15.87
N ILE C 225 -10.77 20.05 16.46
CA ILE C 225 -10.55 19.71 17.86
C ILE C 225 -9.09 19.35 18.08
N GLN C 226 -8.64 18.25 17.46
CA GLN C 226 -7.35 17.68 17.79
C GLN C 226 -6.20 18.22 16.94
N MET C 227 -6.36 19.42 16.38
CA MET C 227 -5.19 20.09 15.84
C MET C 227 -5.11 21.53 16.33
N TYR C 228 -6.26 22.12 16.68
CA TYR C 228 -6.31 23.49 17.12
C TYR C 228 -6.43 23.62 18.64
N ILE C 229 -7.34 22.84 19.26
CA ILE C 229 -7.56 22.99 20.70
C ILE C 229 -6.28 22.79 21.50
N PRO C 230 -5.50 21.72 21.30
CA PRO C 230 -4.26 21.58 22.08
C PRO C 230 -3.29 22.74 21.91
N SER C 231 -3.24 23.37 20.74
CA SER C 231 -2.37 24.52 20.55
C SER C 231 -2.78 25.67 21.46
N LEU C 232 -4.08 25.96 21.52
CA LEU C 232 -4.57 27.00 22.42
C LEU C 232 -4.28 26.62 23.87
N LEU C 233 -4.45 25.35 24.23
CA LEU C 233 -4.17 24.94 25.59
C LEU C 233 -2.70 25.15 25.95
N ILE C 234 -1.79 24.82 25.02
CA ILE C 234 -0.36 24.99 25.30
C ILE C 234 0.00 26.47 25.40
N VAL C 235 -0.60 27.31 24.55
CA VAL C 235 -0.32 28.75 24.65
C VAL C 235 -0.83 29.31 25.97
N ILE C 236 -2.00 28.85 26.42
CA ILE C 236 -2.51 29.30 27.71
C ILE C 236 -1.62 28.79 28.84
N LEU C 237 -1.04 27.59 28.70
CA LEU C 237 -0.06 27.13 29.69
C LEU C 237 1.19 28.00 29.70
N SER C 238 1.60 28.49 28.53
CA SER C 238 2.72 29.42 28.48
C SER C 238 2.37 30.72 29.20
N TRP C 239 1.13 31.20 29.04
CA TRP C 239 0.67 32.35 29.81
C TRP C 239 0.65 32.04 31.31
N ILE C 240 0.33 30.80 31.67
CA ILE C 240 0.44 30.38 33.07
C ILE C 240 1.87 30.54 33.55
N SER C 241 2.83 30.13 32.73
CA SER C 241 4.24 30.37 33.05
C SER C 241 4.50 31.87 33.22
N PHE C 242 3.84 32.70 32.43
CA PHE C 242 3.93 34.14 32.62
C PHE C 242 3.45 34.56 34.00
N TRP C 243 2.40 33.91 34.50
CA TRP C 243 1.72 34.33 35.74
C TRP C 243 2.49 33.97 37.01
N ILE C 244 3.77 33.58 36.93
CA ILE C 244 4.54 33.23 38.11
C ILE C 244 5.70 34.20 38.25
N ASN C 245 6.22 34.32 39.47
CA ASN C 245 7.27 35.28 39.78
C ASN C 245 8.58 34.92 39.08
N MET C 246 9.57 35.79 39.23
CA MET C 246 10.85 35.64 38.55
C MET C 246 11.90 34.95 39.42
N ASP C 247 11.56 34.51 40.62
CA ASP C 247 12.52 33.82 41.48
C ASP C 247 12.38 32.30 41.43
N ALA C 248 11.23 31.78 41.01
CA ALA C 248 11.06 30.34 40.81
C ALA C 248 11.63 29.92 39.45
N ALA C 249 12.94 30.11 39.32
CA ALA C 249 13.61 29.87 38.05
C ALA C 249 13.48 28.43 37.55
N PRO C 250 13.70 27.40 38.37
CA PRO C 250 13.48 26.04 37.86
C PRO C 250 12.06 25.81 37.37
N ALA C 251 11.07 26.33 38.09
CA ALA C 251 9.68 26.16 37.69
C ALA C 251 9.41 26.84 36.35
N ARG C 252 9.85 28.09 36.21
CA ARG C 252 9.60 28.82 34.97
C ARG C 252 10.30 28.16 33.79
N VAL C 253 11.57 27.79 33.96
CA VAL C 253 12.32 27.16 32.87
C VAL C 253 11.68 25.84 32.48
N GLY C 254 11.33 25.01 33.46
CA GLY C 254 10.69 23.74 33.16
C GLY C 254 9.37 23.90 32.44
N LEU C 255 8.54 24.86 32.90
CA LEU C 255 7.25 25.07 32.26
C LEU C 255 7.44 25.53 30.82
N GLY C 256 8.37 26.46 30.58
CA GLY C 256 8.58 26.94 29.22
C GLY C 256 9.09 25.87 28.29
N ILE C 257 10.11 25.12 28.74
CA ILE C 257 10.70 24.10 27.88
C ILE C 257 9.72 22.96 27.64
N THR C 258 8.92 22.60 28.65
CA THR C 258 7.96 21.54 28.45
C THR C 258 6.83 21.98 27.54
N THR C 259 6.42 23.26 27.59
CA THR C 259 5.43 23.74 26.64
C THR C 259 5.97 23.73 25.21
N VAL C 260 7.22 24.15 25.02
CA VAL C 260 7.77 24.14 23.66
C VAL C 260 7.95 22.72 23.16
N LEU C 261 8.32 21.78 24.04
CA LEU C 261 8.42 20.39 23.64
C LEU C 261 7.04 19.81 23.32
N THR C 262 6.02 20.21 24.08
CA THR C 262 4.66 19.75 23.79
C THR C 262 4.19 20.24 22.43
N MET C 263 4.46 21.51 22.12
CA MET C 263 4.12 22.02 20.79
C MET C 263 4.89 21.28 19.70
N THR C 264 6.17 20.99 19.95
CA THR C 264 6.97 20.29 18.96
C THR C 264 6.43 18.89 18.71
N THR C 265 6.07 18.16 19.77
CA THR C 265 5.56 16.80 19.56
C THR C 265 4.15 16.81 18.99
N GLN C 266 3.36 17.85 19.29
CA GLN C 266 2.06 17.99 18.65
C GLN C 266 2.20 18.21 17.15
N SER C 267 3.16 19.04 16.75
CA SER C 267 3.43 19.23 15.33
C SER C 267 3.97 17.97 14.69
N SER C 268 4.84 17.24 15.39
CA SER C 268 5.47 16.06 14.82
C SER C 268 4.47 14.92 14.63
N GLY C 269 3.57 14.73 15.61
CA GLY C 269 2.64 13.62 15.51
C GLY C 269 1.65 13.75 14.37
N SER C 270 1.18 14.97 14.11
CA SER C 270 0.22 15.20 13.04
C SER C 270 0.85 15.11 11.65
N ARG C 271 2.18 14.98 11.57
CA ARG C 271 2.85 14.94 10.26
C ARG C 271 2.38 13.76 9.44
N ALA C 272 2.12 12.61 10.08
CA ALA C 272 1.66 11.44 9.35
C ALA C 272 0.22 11.61 8.87
N SER C 273 -0.64 12.16 9.72
CA SER C 273 -2.06 12.28 9.38
C SER C 273 -2.26 13.22 8.19
N LEU C 274 -1.54 14.33 8.16
CA LEU C 274 -1.71 15.30 7.09
C LEU C 274 -1.19 14.74 5.77
N PRO C 275 -1.77 15.17 4.65
CA PRO C 275 -1.28 14.69 3.34
C PRO C 275 0.15 15.11 3.09
N LYS C 276 0.88 14.29 2.36
CA LYS C 276 2.30 14.52 2.07
C LYS C 276 2.39 15.54 0.94
N VAL C 277 2.41 16.81 1.30
CA VAL C 277 2.52 17.91 0.36
C VAL C 277 3.68 18.80 0.80
N SER C 278 4.26 19.51 -0.16
CA SER C 278 5.47 20.29 0.08
C SER C 278 5.28 21.79 -0.03
N TYR C 279 4.07 22.28 -0.31
CA TYR C 279 3.83 23.70 -0.24
C TYR C 279 3.06 24.03 1.05
N VAL C 280 3.26 25.26 1.53
CA VAL C 280 2.77 25.64 2.85
C VAL C 280 1.24 25.67 2.84
N LYS C 281 0.64 25.03 3.85
CA LYS C 281 -0.80 24.98 4.00
C LYS C 281 -1.23 25.91 5.14
N ALA C 282 -2.56 26.05 5.29
CA ALA C 282 -3.08 26.89 6.36
C ALA C 282 -2.74 26.32 7.73
N ILE C 283 -2.72 24.99 7.85
CA ILE C 283 -2.49 24.35 9.14
C ILE C 283 -1.05 24.58 9.61
N ASP C 284 -0.10 24.56 8.67
CA ASP C 284 1.29 24.75 9.04
C ASP C 284 1.55 26.16 9.54
N ILE C 285 0.85 27.16 8.96
CA ILE C 285 0.96 28.53 9.46
C ILE C 285 0.52 28.60 10.90
N TRP C 286 -0.60 27.96 11.23
CA TRP C 286 -1.11 27.97 12.59
C TRP C 286 -0.11 27.32 13.55
N MET C 287 0.43 26.15 13.17
CA MET C 287 1.37 25.48 14.05
C MET C 287 2.64 26.29 14.24
N ALA C 288 3.15 26.89 13.16
CA ALA C 288 4.35 27.72 13.26
C ALA C 288 4.11 28.92 14.15
N VAL C 289 2.94 29.55 14.04
CA VAL C 289 2.64 30.72 14.85
C VAL C 289 2.54 30.33 16.33
N CYS C 290 1.91 29.19 16.63
CA CYS C 290 1.84 28.75 18.02
C CYS C 290 3.22 28.45 18.58
N LEU C 291 4.07 27.79 17.79
CA LEU C 291 5.44 27.53 18.23
C LEU C 291 6.20 28.84 18.46
N LEU C 292 5.99 29.82 17.58
CA LEU C 292 6.63 31.12 17.74
C LEU C 292 6.14 31.82 19.01
N PHE C 293 4.85 31.68 19.33
CA PHE C 293 4.32 32.27 20.56
C PHE C 293 4.98 31.64 21.79
N VAL C 294 5.10 30.32 21.80
CA VAL C 294 5.73 29.64 22.94
C VAL C 294 7.18 30.06 23.07
N PHE C 295 7.90 30.12 21.94
CA PHE C 295 9.29 30.58 21.97
C PHE C 295 9.39 32.00 22.48
N SER C 296 8.49 32.87 22.04
CA SER C 296 8.53 34.27 22.48
C SER C 296 8.27 34.37 23.98
N ALA C 297 7.36 33.53 24.51
CA ALA C 297 7.13 33.53 25.95
C ALA C 297 8.39 33.11 26.71
N LEU C 298 9.06 32.06 26.23
CA LEU C 298 10.29 31.63 26.90
C LEU C 298 11.37 32.70 26.83
N LEU C 299 11.49 33.36 25.67
CA LEU C 299 12.49 34.42 25.52
C LEU C 299 12.16 35.61 26.42
N GLU C 300 10.88 35.93 26.57
CA GLU C 300 10.49 36.99 27.49
C GLU C 300 10.89 36.65 28.91
N TYR C 301 10.67 35.39 29.33
CA TYR C 301 11.10 35.00 30.66
C TYR C 301 12.61 35.10 30.80
N ALA C 302 13.35 34.71 29.76
CA ALA C 302 14.81 34.81 29.81
C ALA C 302 15.25 36.26 29.98
N ALA C 303 14.61 37.18 29.25
CA ALA C 303 14.93 38.60 29.41
C ALA C 303 14.61 39.08 30.81
N VAL C 304 13.47 38.66 31.36
CA VAL C 304 13.09 39.06 32.71
C VAL C 304 14.12 38.58 33.72
N ASN C 305 14.55 37.33 33.58
CA ASN C 305 15.55 36.78 34.51
C ASN C 305 16.88 37.50 34.37
N PHE C 306 17.29 37.81 33.13
CA PHE C 306 18.54 38.52 32.93
C PHE C 306 18.50 39.91 33.57
N VAL C 307 17.38 40.62 33.41
CA VAL C 307 17.27 41.95 33.99
C VAL C 307 17.24 41.88 35.52
N SER C 308 16.47 40.93 36.07
CA SER C 308 16.32 40.85 37.52
C SER C 308 17.58 40.36 38.22
N ARG C 309 18.33 39.50 37.52
CA ARG C 309 19.64 39.03 38.07
C ARG C 309 20.67 40.12 37.74
N GLN C 310 20.37 40.96 36.76
CA GLN C 310 21.28 42.09 36.41
C GLN C 310 21.37 43.01 37.63
N MET C 322 21.00 51.16 47.07
CA MET C 322 20.06 50.18 46.54
C MET C 322 19.82 50.39 45.05
N ARG C 323 19.66 49.30 44.32
CA ARG C 323 19.40 49.32 42.89
C ARG C 323 18.20 48.44 42.56
N LYS C 324 17.15 48.57 43.36
CA LYS C 324 15.94 47.77 43.17
C LYS C 324 15.12 48.21 41.97
N LEU C 325 15.47 49.32 41.31
CA LEU C 325 14.74 49.75 40.13
C LEU C 325 14.81 48.72 39.01
N PHE C 326 15.91 47.96 38.96
CA PHE C 326 15.97 46.86 38.00
C PHE C 326 14.92 45.81 38.29
N ILE C 327 14.69 45.49 39.57
CA ILE C 327 13.60 44.61 39.93
C ILE C 327 12.26 45.26 39.57
N GLN C 328 12.15 46.57 39.76
CA GLN C 328 10.95 47.28 39.35
C GLN C 328 10.74 47.21 37.85
N ARG C 329 11.83 47.27 37.08
CA ARG C 329 11.71 47.17 35.63
C ARG C 329 11.34 45.75 35.20
N ALA C 330 11.86 44.74 35.90
CA ALA C 330 11.44 43.37 35.63
C ALA C 330 9.96 43.19 35.92
N LYS C 331 9.48 43.77 37.02
CA LYS C 331 8.06 43.72 37.33
C LYS C 331 7.24 44.43 36.26
N LYS C 332 7.75 45.56 35.76
CA LYS C 332 7.05 46.25 34.67
C LYS C 332 6.99 45.39 33.42
N ILE C 333 8.08 44.70 33.09
CA ILE C 333 8.08 43.82 31.93
C ILE C 333 7.08 42.70 32.10
N ASP C 334 7.04 42.09 33.30
CA ASP C 334 6.06 41.04 33.55
C ASP C 334 4.64 41.57 33.45
N LYS C 335 4.38 42.76 33.99
CA LYS C 335 3.05 43.36 33.91
C LYS C 335 2.65 43.62 32.47
N ILE C 336 3.58 44.12 31.66
CA ILE C 336 3.27 44.39 30.25
C ILE C 336 2.98 43.08 29.52
N SER C 337 3.84 42.07 29.72
CA SER C 337 3.65 40.79 29.05
C SER C 337 2.44 40.03 29.57
N ARG C 338 1.91 40.42 30.73
CA ARG C 338 0.69 39.78 31.23
C ARG C 338 -0.48 40.03 30.28
N ILE C 339 -0.58 41.24 29.74
CA ILE C 339 -1.69 41.62 28.87
C ILE C 339 -1.26 41.80 27.42
N GLY C 340 0.03 41.67 27.12
CA GLY C 340 0.46 41.79 25.74
C GLY C 340 0.26 40.52 24.93
N PHE C 341 0.71 39.39 25.46
CA PHE C 341 0.56 38.13 24.75
C PHE C 341 -0.90 37.74 24.51
N PRO C 342 -1.81 37.83 25.49
CA PRO C 342 -3.21 37.50 25.16
C PRO C 342 -3.81 38.37 24.07
N MET C 343 -3.53 39.67 24.09
CA MET C 343 -4.06 40.56 23.06
C MET C 343 -3.46 40.26 21.70
N ALA C 344 -2.15 40.00 21.65
CA ALA C 344 -1.52 39.64 20.37
C ALA C 344 -2.08 38.33 19.83
N PHE C 345 -2.30 37.35 20.70
CA PHE C 345 -2.87 36.08 20.27
C PHE C 345 -4.30 36.28 19.77
N LEU C 346 -5.07 37.13 20.44
CA LEU C 346 -6.43 37.42 19.98
C LEU C 346 -6.42 38.11 18.62
N ILE C 347 -5.50 39.04 18.42
CA ILE C 347 -5.39 39.72 17.12
C ILE C 347 -5.04 38.72 16.03
N PHE C 348 -4.09 37.83 16.31
CA PHE C 348 -3.72 36.81 15.33
C PHE C 348 -4.91 35.89 15.04
N ASN C 349 -5.64 35.49 16.07
CA ASN C 349 -6.76 34.57 15.90
C ASN C 349 -7.93 35.23 15.19
N MET C 350 -8.06 36.56 15.28
CA MET C 350 -9.09 37.26 14.52
C MET C 350 -8.67 37.54 13.09
N PHE C 351 -7.36 37.67 12.84
CA PHE C 351 -6.90 37.81 11.46
C PHE C 351 -6.97 36.48 10.72
N TYR C 352 -6.56 35.40 11.38
CA TYR C 352 -6.41 34.10 10.71
C TYR C 352 -7.75 33.57 10.20
N TRP C 353 -8.75 33.50 11.08
CA TRP C 353 -10.03 32.95 10.67
C TRP C 353 -10.76 33.85 9.69
N ILE C 354 -10.58 35.16 9.80
CA ILE C 354 -11.21 36.07 8.85
C ILE C 354 -10.57 35.93 7.47
N ILE C 355 -9.24 35.79 7.41
CA ILE C 355 -8.58 35.72 6.12
C ILE C 355 -8.74 34.34 5.48
N TYR C 356 -8.98 33.31 6.28
CA TYR C 356 -9.10 31.96 5.71
C TYR C 356 -10.54 31.48 5.56
N LYS C 357 -11.52 32.12 6.21
CA LYS C 357 -12.90 31.72 6.08
C LYS C 357 -13.78 32.74 5.37
N ILE C 358 -13.41 34.01 5.38
CA ILE C 358 -14.20 35.05 4.73
C ILE C 358 -13.41 35.68 3.58
N MET D 8 -20.87 4.21 -51.60
CA MET D 8 -19.42 4.34 -51.62
C MET D 8 -18.77 3.19 -50.86
N SER D 9 -19.28 2.94 -49.65
CA SER D 9 -18.84 1.82 -48.81
C SER D 9 -17.33 1.83 -48.60
N PRO D 10 -16.81 2.73 -47.76
CA PRO D 10 -15.35 2.78 -47.55
C PRO D 10 -14.76 1.46 -47.08
N SER D 11 -15.50 0.66 -46.31
CA SER D 11 -14.99 -0.62 -45.86
C SER D 11 -14.68 -1.54 -47.04
N ASP D 12 -15.59 -1.60 -48.02
CA ASP D 12 -15.32 -2.39 -49.21
C ASP D 12 -14.17 -1.80 -50.01
N PHE D 13 -14.08 -0.47 -50.08
CA PHE D 13 -12.94 0.15 -50.75
C PHE D 13 -11.64 -0.17 -50.02
N LEU D 14 -11.67 -0.18 -48.68
CA LEU D 14 -10.47 -0.56 -47.93
C LEU D 14 -10.08 -2.00 -48.20
N ASP D 15 -11.07 -2.90 -48.28
CA ASP D 15 -10.78 -4.30 -48.58
C ASP D 15 -10.18 -4.44 -49.98
N LYS D 16 -10.70 -3.68 -50.95
CA LYS D 16 -10.15 -3.72 -52.30
C LYS D 16 -8.73 -3.17 -52.33
N LEU D 17 -8.47 -2.09 -51.59
CA LEU D 17 -7.14 -1.49 -51.60
C LEU D 17 -6.12 -2.40 -50.91
N MET D 18 -6.49 -3.03 -49.80
CA MET D 18 -5.60 -3.91 -49.06
C MET D 18 -6.38 -5.12 -48.56
N GLY D 19 -5.81 -6.29 -48.73
CA GLY D 19 -6.47 -7.51 -48.31
C GLY D 19 -6.00 -8.68 -49.18
N ARG D 20 -6.83 -9.72 -49.20
CA ARG D 20 -6.47 -10.93 -49.94
C ARG D 20 -6.36 -10.66 -51.43
N THR D 21 -7.28 -9.87 -51.98
CA THR D 21 -7.33 -9.60 -53.42
C THR D 21 -6.62 -8.31 -53.79
N SER D 22 -5.60 -7.93 -53.04
CA SER D 22 -4.86 -6.71 -53.33
C SER D 22 -3.36 -6.96 -53.40
N GLY D 23 -2.89 -8.01 -52.72
CA GLY D 23 -1.49 -8.31 -52.65
C GLY D 23 -0.72 -7.54 -51.60
N TYR D 24 -1.38 -6.67 -50.85
CA TYR D 24 -0.71 -5.94 -49.78
C TYR D 24 -0.33 -6.89 -48.65
N ASP D 25 0.88 -6.72 -48.12
CA ASP D 25 1.39 -7.54 -47.03
C ASP D 25 1.54 -6.69 -45.78
N ALA D 26 1.04 -7.20 -44.66
CA ALA D 26 1.09 -6.49 -43.39
C ALA D 26 2.42 -6.65 -42.66
N ARG D 27 3.34 -7.44 -43.19
CA ARG D 27 4.63 -7.67 -42.56
C ARG D 27 5.79 -7.12 -43.38
N ILE D 28 5.52 -6.32 -44.40
CA ILE D 28 6.54 -5.74 -45.25
C ILE D 28 6.47 -4.22 -45.11
N ARG D 29 7.58 -3.61 -44.73
CA ARG D 29 7.63 -2.17 -44.57
C ARG D 29 7.52 -1.47 -45.92
N PRO D 30 6.92 -0.29 -45.96
CA PRO D 30 6.89 0.47 -47.22
C PRO D 30 8.30 0.86 -47.65
N ASN D 31 8.47 1.01 -48.97
CA ASN D 31 9.78 1.25 -49.58
C ASN D 31 10.77 0.15 -49.18
N PHE D 32 10.31 -1.09 -49.30
CA PHE D 32 11.15 -2.23 -48.94
C PHE D 32 12.37 -2.31 -49.86
N LYS D 33 13.51 -2.68 -49.28
CA LYS D 33 14.79 -2.70 -49.98
C LYS D 33 15.10 -1.34 -50.60
N GLY D 34 15.03 -0.30 -49.78
CA GLY D 34 15.28 1.04 -50.23
C GLY D 34 15.52 2.00 -49.09
N PRO D 35 15.12 3.26 -49.27
CA PRO D 35 15.35 4.27 -48.22
C PRO D 35 14.52 3.95 -46.99
N PRO D 36 15.00 4.32 -45.80
CA PRO D 36 14.19 4.12 -44.60
C PRO D 36 12.97 5.04 -44.58
N VAL D 37 11.96 4.60 -43.83
CA VAL D 37 10.68 5.37 -43.74
C VAL D 37 10.64 6.16 -42.43
N ASN D 38 10.77 7.48 -42.50
CA ASN D 38 10.74 8.36 -41.31
C ASN D 38 9.34 8.31 -40.68
N VAL D 39 9.25 8.34 -39.34
CA VAL D 39 7.92 8.37 -38.65
C VAL D 39 7.88 9.57 -37.70
N SER D 40 7.23 10.66 -38.11
CA SER D 40 7.14 11.85 -37.28
C SER D 40 6.13 11.59 -36.17
N CYS D 41 6.61 11.47 -34.94
CA CYS D 41 5.77 11.16 -33.79
C CYS D 41 5.86 12.30 -32.78
N ASN D 42 4.69 12.77 -32.35
CA ASN D 42 4.59 13.81 -31.34
C ASN D 42 3.63 13.36 -30.25
N ILE D 43 3.99 13.65 -29.00
CA ILE D 43 3.22 13.19 -27.85
C ILE D 43 2.43 14.36 -27.29
N PHE D 44 1.53 14.05 -26.36
CA PHE D 44 0.70 15.06 -25.70
C PHE D 44 0.42 14.57 -24.28
N ILE D 45 1.20 15.07 -23.32
CA ILE D 45 1.03 14.66 -21.94
C ILE D 45 -0.32 15.13 -21.41
N ASN D 46 -1.08 14.22 -20.81
CA ASN D 46 -2.39 14.54 -20.27
C ASN D 46 -2.47 14.42 -18.76
N SER D 47 -1.63 13.60 -18.14
CA SER D 47 -1.64 13.44 -16.69
C SER D 47 -0.24 13.02 -16.26
N PHE D 48 0.48 13.93 -15.61
CA PHE D 48 1.87 13.70 -15.19
C PHE D 48 1.88 13.73 -13.67
N GLY D 49 1.90 12.55 -13.05
CA GLY D 49 1.85 12.48 -11.60
C GLY D 49 2.33 11.14 -11.08
N SER D 50 2.13 10.96 -9.77
CA SER D 50 2.50 9.72 -9.07
C SER D 50 4.01 9.45 -9.16
N ILE D 51 4.79 10.45 -8.77
CA ILE D 51 6.24 10.31 -8.70
C ILE D 51 6.60 9.78 -7.32
N ALA D 52 7.31 8.65 -7.30
CA ALA D 52 7.68 7.98 -6.05
C ALA D 52 9.17 7.77 -5.98
N GLU D 53 9.70 7.78 -4.76
CA GLU D 53 11.12 7.52 -4.52
C GLU D 53 11.42 6.07 -4.17
N THR D 54 10.42 5.31 -3.71
CA THR D 54 10.66 3.93 -3.32
C THR D 54 10.95 3.06 -4.53
N THR D 55 10.22 3.26 -5.64
CA THR D 55 10.38 2.44 -6.83
C THR D 55 10.98 3.21 -8.00
N MET D 56 11.21 4.53 -7.85
CA MET D 56 11.91 5.33 -8.84
C MET D 56 11.20 5.29 -10.19
N ASP D 57 9.97 5.79 -10.22
CA ASP D 57 9.18 5.79 -11.45
C ASP D 57 8.14 6.90 -11.37
N TYR D 58 7.47 7.11 -12.51
CA TYR D 58 6.39 8.08 -12.61
C TYR D 58 5.42 7.62 -13.68
N ARG D 59 4.19 8.10 -13.59
CA ARG D 59 3.12 7.69 -14.48
C ARG D 59 2.69 8.84 -15.38
N VAL D 60 2.45 8.54 -16.65
CA VAL D 60 2.03 9.52 -17.63
C VAL D 60 0.90 8.94 -18.47
N ASN D 61 0.10 9.84 -19.05
CA ASN D 61 -0.88 9.50 -20.07
C ASN D 61 -0.54 10.26 -21.34
N ILE D 62 -0.42 9.54 -22.45
CA ILE D 62 0.14 10.08 -23.69
C ILE D 62 -0.85 9.84 -24.82
N PHE D 63 -1.11 10.88 -25.61
CA PHE D 63 -1.82 10.75 -26.87
C PHE D 63 -0.82 10.63 -28.03
N LEU D 64 -0.05 9.55 -28.00
CA LEU D 64 1.01 9.35 -28.97
C LEU D 64 0.43 9.22 -30.37
N ARG D 65 0.81 10.13 -31.26
CA ARG D 65 0.38 10.11 -32.65
C ARG D 65 1.60 10.16 -33.54
N GLN D 66 1.68 9.23 -34.49
CA GLN D 66 2.83 9.09 -35.37
C GLN D 66 2.36 8.99 -36.81
N GLN D 67 3.16 9.55 -37.71
CA GLN D 67 2.80 9.65 -39.12
C GLN D 67 3.91 9.12 -40.00
N TRP D 68 3.54 8.51 -41.12
CA TRP D 68 4.48 8.03 -42.11
C TRP D 68 3.76 7.90 -43.44
N ASN D 69 4.54 7.74 -44.51
CA ASN D 69 4.02 7.70 -45.87
C ASN D 69 4.05 6.26 -46.38
N ASP D 70 2.95 5.81 -46.97
CA ASP D 70 2.84 4.46 -47.51
C ASP D 70 2.38 4.54 -48.96
N PRO D 71 3.30 4.45 -49.93
CA PRO D 71 2.89 4.48 -51.34
C PRO D 71 1.95 3.35 -51.71
N ARG D 72 2.09 2.19 -51.08
CA ARG D 72 1.15 1.09 -51.35
C ARG D 72 -0.26 1.46 -50.93
N LEU D 73 -0.41 2.12 -49.78
CA LEU D 73 -1.72 2.56 -49.32
C LEU D 73 -2.21 3.80 -50.06
N ALA D 74 -1.34 4.51 -50.75
CA ALA D 74 -1.76 5.69 -51.51
C ALA D 74 -2.80 5.31 -52.57
N TYR D 75 -3.83 6.14 -52.68
CA TYR D 75 -4.93 5.90 -53.61
C TYR D 75 -5.35 7.21 -54.25
N ASN D 76 -6.02 7.10 -55.40
CA ASN D 76 -6.49 8.28 -56.12
C ASN D 76 -7.92 8.19 -56.63
N GLU D 77 -8.53 7.00 -56.70
CA GLU D 77 -9.87 6.89 -57.26
C GLU D 77 -10.93 7.41 -56.30
N TYR D 78 -10.79 7.12 -55.02
CA TYR D 78 -11.82 7.48 -54.06
C TYR D 78 -11.91 8.99 -53.91
N PRO D 79 -13.13 9.55 -53.88
CA PRO D 79 -13.24 11.01 -53.76
C PRO D 79 -12.86 11.56 -52.39
N ASP D 80 -13.26 10.88 -51.32
CA ASP D 80 -12.95 11.35 -49.99
C ASP D 80 -11.45 11.22 -49.71
N ASP D 81 -10.87 12.28 -49.12
CA ASP D 81 -9.43 12.30 -48.90
C ASP D 81 -9.01 11.40 -47.75
N SER D 82 -9.80 11.36 -46.67
CA SER D 82 -9.45 10.62 -45.47
C SER D 82 -10.40 9.44 -45.29
N LEU D 83 -9.83 8.29 -44.92
CA LEU D 83 -10.59 7.05 -44.72
C LEU D 83 -10.28 6.52 -43.31
N ASP D 84 -11.16 6.82 -42.36
CA ASP D 84 -11.00 6.31 -41.01
C ASP D 84 -11.12 4.79 -41.00
N LEU D 85 -10.25 4.15 -40.22
CA LEU D 85 -10.15 2.70 -40.18
C LEU D 85 -10.27 2.22 -38.74
N ASP D 86 -11.14 1.23 -38.52
CA ASP D 86 -11.41 0.73 -37.19
C ASP D 86 -10.27 -0.15 -36.69
N PRO D 87 -10.11 -0.27 -35.36
CA PRO D 87 -9.00 -1.08 -34.82
C PRO D 87 -9.01 -2.53 -35.25
N SER D 88 -10.19 -3.12 -35.45
CA SER D 88 -10.26 -4.53 -35.82
C SER D 88 -9.52 -4.78 -37.14
N MET D 89 -9.75 -3.93 -38.13
CA MET D 89 -8.99 -4.02 -39.37
C MET D 89 -7.59 -3.41 -39.22
N LEU D 90 -7.40 -2.53 -38.23
CA LEU D 90 -6.08 -1.98 -37.96
C LEU D 90 -5.11 -3.07 -37.49
N ASP D 91 -5.64 -4.16 -36.95
CA ASP D 91 -4.78 -5.28 -36.58
C ASP D 91 -4.02 -5.86 -37.77
N SER D 92 -4.51 -5.62 -38.99
CA SER D 92 -3.93 -6.20 -40.20
C SER D 92 -3.36 -5.12 -41.12
N ILE D 93 -2.68 -4.13 -40.55
CA ILE D 93 -1.99 -3.10 -41.33
C ILE D 93 -0.60 -2.92 -40.73
N TRP D 94 0.36 -2.55 -41.58
CA TRP D 94 1.73 -2.37 -41.14
C TRP D 94 1.85 -1.11 -40.27
N LYS D 95 2.55 -1.24 -39.14
CA LYS D 95 2.80 -0.15 -38.23
C LYS D 95 4.25 -0.21 -37.78
N PRO D 96 4.84 0.93 -37.43
CA PRO D 96 6.20 0.90 -36.89
C PRO D 96 6.26 0.13 -35.57
N ASP D 97 7.37 -0.58 -35.37
CA ASP D 97 7.54 -1.40 -34.17
C ASP D 97 8.14 -0.53 -33.06
N LEU D 98 7.36 0.45 -32.64
CA LEU D 98 7.79 1.38 -31.62
C LEU D 98 7.60 0.78 -30.22
N PHE D 99 8.54 1.08 -29.34
CA PHE D 99 8.43 0.68 -27.94
C PHE D 99 9.23 1.67 -27.09
N PHE D 100 8.94 1.66 -25.79
CA PHE D 100 9.59 2.56 -24.84
C PHE D 100 10.71 1.81 -24.14
N ALA D 101 11.91 2.40 -24.14
CA ALA D 101 13.09 1.72 -23.62
C ALA D 101 13.06 1.55 -22.11
N ASN D 102 12.22 2.32 -21.41
CA ASN D 102 12.12 2.22 -19.96
C ASN D 102 10.64 2.25 -19.55
N GLU D 103 9.82 1.48 -20.26
CA GLU D 103 8.37 1.51 -20.02
C GLU D 103 8.04 1.02 -18.61
N LYS D 104 8.69 -0.05 -18.16
CA LYS D 104 8.49 -0.65 -16.84
C LYS D 104 7.04 -1.09 -16.61
N GLY D 105 6.23 -1.14 -17.66
CA GLY D 105 4.83 -1.50 -17.53
C GLY D 105 3.92 -0.47 -18.16
N ALA D 106 2.98 -0.92 -18.99
CA ALA D 106 2.06 0.00 -19.66
C ALA D 106 0.89 -0.79 -20.20
N HIS D 107 -0.20 -0.08 -20.51
CA HIS D 107 -1.40 -0.70 -21.03
C HIS D 107 -2.19 0.33 -21.82
N PHE D 108 -3.07 -0.18 -22.69
CA PHE D 108 -3.95 0.66 -23.48
C PHE D 108 -5.22 0.98 -22.70
N HIS D 109 -6.12 1.74 -23.32
CA HIS D 109 -7.43 2.07 -22.78
C HIS D 109 -8.49 1.64 -23.76
N GLU D 110 -9.50 0.92 -23.28
CA GLU D 110 -10.56 0.38 -24.14
C GLU D 110 -11.93 0.63 -23.50
N ILE D 111 -12.17 1.86 -23.07
CA ILE D 111 -13.41 2.22 -22.39
C ILE D 111 -14.43 2.65 -23.44
N THR D 112 -15.45 1.80 -23.65
CA THR D 112 -16.60 2.03 -24.53
C THR D 112 -16.19 1.95 -26.00
N THR D 113 -14.89 1.92 -26.26
CA THR D 113 -14.32 1.82 -27.60
C THR D 113 -12.80 1.73 -27.48
N ASP D 114 -12.15 1.08 -28.42
CA ASP D 114 -10.68 1.10 -28.44
C ASP D 114 -10.20 2.53 -28.67
N ASN D 115 -9.23 2.95 -27.88
CA ASN D 115 -8.69 4.32 -27.98
C ASN D 115 -7.57 4.37 -29.04
N LYS D 116 -7.95 4.00 -30.26
CA LYS D 116 -7.06 4.03 -31.40
C LYS D 116 -7.74 4.74 -32.56
N LEU D 117 -6.94 5.45 -33.35
CA LEU D 117 -7.46 6.23 -34.48
C LEU D 117 -6.46 6.17 -35.62
N LEU D 118 -6.86 5.58 -36.74
CA LEU D 118 -6.03 5.50 -37.94
C LEU D 118 -6.81 6.07 -39.11
N ARG D 119 -6.22 7.04 -39.80
CA ARG D 119 -6.80 7.62 -41.00
C ARG D 119 -5.75 7.66 -42.09
N ILE D 120 -6.17 7.40 -43.32
CA ILE D 120 -5.29 7.34 -44.48
C ILE D 120 -5.61 8.52 -45.40
N SER D 121 -4.59 9.29 -45.74
CA SER D 121 -4.77 10.44 -46.61
C SER D 121 -4.72 10.01 -48.08
N ARG D 122 -4.87 10.98 -48.98
CA ARG D 122 -4.88 10.67 -50.40
C ARG D 122 -3.53 10.15 -50.87
N ASN D 123 -2.44 10.84 -50.52
CA ASN D 123 -1.11 10.51 -51.00
C ASN D 123 -0.41 9.46 -50.15
N GLY D 124 -1.16 8.65 -49.40
CA GLY D 124 -0.59 7.58 -48.63
C GLY D 124 -0.17 7.94 -47.21
N ASN D 125 -0.26 9.21 -46.83
CA ASN D 125 0.07 9.60 -45.47
C ASN D 125 -0.90 8.94 -44.49
N VAL D 126 -0.33 8.39 -43.40
CA VAL D 126 -1.10 7.66 -42.41
C VAL D 126 -0.90 8.34 -41.06
N LEU D 127 -2.00 8.55 -40.35
CA LEU D 127 -1.98 9.12 -39.00
C LEU D 127 -2.48 8.06 -38.03
N TYR D 128 -1.70 7.82 -36.98
CA TYR D 128 -1.98 6.74 -36.03
C TYR D 128 -1.81 7.28 -34.62
N SER D 129 -2.94 7.59 -33.97
CA SER D 129 -2.93 8.15 -32.62
C SER D 129 -3.59 7.16 -31.67
N ILE D 130 -2.91 6.89 -30.55
CA ILE D 130 -3.41 5.96 -29.54
C ILE D 130 -3.20 6.58 -28.16
N ARG D 131 -3.94 6.07 -27.18
CA ARG D 131 -3.86 6.54 -25.80
C ARG D 131 -3.17 5.46 -24.96
N ILE D 132 -2.07 5.82 -24.32
CA ILE D 132 -1.27 4.88 -23.54
C ILE D 132 -1.05 5.45 -22.16
N THR D 133 -0.88 4.56 -21.18
CA THR D 133 -0.53 4.91 -19.82
C THR D 133 0.72 4.13 -19.42
N LEU D 134 1.76 4.86 -19.00
CA LEU D 134 3.08 4.27 -18.80
C LEU D 134 3.61 4.66 -17.42
N THR D 135 4.10 3.68 -16.68
CA THR D 135 4.84 3.93 -15.44
C THR D 135 6.34 3.93 -15.70
N LEU D 136 6.77 4.93 -16.46
CA LEU D 136 8.18 5.04 -16.85
C LEU D 136 9.05 5.28 -15.62
N ALA D 137 10.30 4.81 -15.71
CA ALA D 137 11.24 4.85 -14.60
C ALA D 137 12.41 5.77 -14.92
N CYS D 138 12.78 6.59 -13.94
CA CYS D 138 13.92 7.50 -14.06
C CYS D 138 14.75 7.44 -12.79
N PRO D 139 16.06 7.21 -12.89
CA PRO D 139 16.90 7.28 -11.69
C PRO D 139 16.88 8.67 -11.08
N MET D 140 16.88 8.72 -9.76
CA MET D 140 16.79 9.99 -9.03
C MET D 140 17.87 10.02 -7.95
N ASP D 141 18.50 11.18 -7.79
CA ASP D 141 19.51 11.39 -6.76
C ASP D 141 18.96 12.36 -5.72
N LEU D 142 19.21 12.07 -4.45
CA LEU D 142 18.75 12.88 -3.35
C LEU D 142 19.92 13.34 -2.48
N LYS D 143 21.05 13.65 -3.11
CA LYS D 143 22.20 14.17 -2.37
C LYS D 143 21.86 15.51 -1.72
N ASN D 144 21.11 16.36 -2.41
CA ASN D 144 20.60 17.61 -1.86
C ASN D 144 19.08 17.53 -1.93
N PHE D 145 18.46 16.95 -0.89
CA PHE D 145 17.05 16.57 -0.98
C PHE D 145 16.11 17.77 -1.06
N PRO D 146 16.07 18.68 -0.08
CA PRO D 146 15.04 19.72 -0.10
C PRO D 146 15.17 20.68 -1.28
N MET D 147 16.32 20.75 -1.93
CA MET D 147 16.58 21.73 -2.98
C MET D 147 17.13 21.05 -4.23
N ASP D 148 16.62 19.86 -4.55
CA ASP D 148 17.11 19.12 -5.71
C ASP D 148 16.37 19.54 -6.97
N VAL D 149 17.05 19.37 -8.10
CA VAL D 149 16.45 19.53 -9.42
C VAL D 149 16.52 18.17 -10.11
N GLN D 150 15.36 17.61 -10.43
CA GLN D 150 15.27 16.27 -10.98
C GLN D 150 14.89 16.31 -12.45
N THR D 151 15.44 15.36 -13.21
CA THR D 151 15.15 15.23 -14.63
C THR D 151 14.71 13.81 -14.91
N CYS D 152 13.50 13.65 -15.42
CA CYS D 152 12.96 12.35 -15.78
C CYS D 152 12.60 12.35 -17.26
N ILE D 153 12.96 11.26 -17.95
CA ILE D 153 12.90 11.22 -19.41
C ILE D 153 12.14 9.98 -19.85
N MET D 154 11.68 10.03 -21.10
CA MET D 154 11.08 8.89 -21.78
C MET D 154 11.78 8.70 -23.11
N GLN D 155 11.97 7.44 -23.50
CA GLN D 155 12.71 7.10 -24.72
C GLN D 155 11.83 6.25 -25.62
N LEU D 156 11.86 6.58 -26.92
CA LEU D 156 11.13 5.83 -27.94
C LEU D 156 12.14 5.23 -28.89
N GLU D 157 12.05 3.91 -29.10
CA GLU D 157 13.01 3.19 -29.93
C GLU D 157 12.29 2.17 -30.79
N SER D 158 12.89 1.86 -31.93
CA SER D 158 12.46 0.70 -32.71
C SER D 158 12.96 -0.58 -32.06
N PHE D 159 12.24 -1.67 -32.30
CA PHE D 159 12.55 -2.95 -31.68
C PHE D 159 13.03 -4.00 -32.66
N GLY D 160 12.62 -3.94 -33.92
CA GLY D 160 13.01 -4.94 -34.90
C GLY D 160 13.58 -4.36 -36.17
N TYR D 161 13.67 -3.03 -36.25
CA TYR D 161 14.18 -2.35 -37.43
C TYR D 161 15.42 -1.54 -37.06
N THR D 162 16.43 -1.59 -37.92
CA THR D 162 17.68 -0.89 -37.70
C THR D 162 17.54 0.58 -38.14
N MET D 163 18.65 1.30 -38.17
CA MET D 163 18.65 2.69 -38.59
C MET D 163 18.32 2.84 -40.07
N ASN D 164 18.56 1.81 -40.87
CA ASN D 164 18.35 1.89 -42.31
C ASN D 164 16.92 1.57 -42.72
N ASP D 165 16.05 1.23 -41.78
CA ASP D 165 14.66 0.91 -42.08
C ASP D 165 13.68 1.87 -41.42
N LEU D 166 13.84 2.15 -40.13
CA LEU D 166 12.90 2.97 -39.38
C LEU D 166 13.66 4.13 -38.74
N ILE D 167 13.14 5.34 -38.89
CA ILE D 167 13.74 6.54 -38.33
C ILE D 167 12.65 7.34 -37.62
N PHE D 168 12.93 7.75 -36.38
CA PHE D 168 12.00 8.55 -35.59
C PHE D 168 12.49 9.98 -35.49
N GLU D 169 11.60 10.94 -35.79
CA GLU D 169 11.94 12.35 -35.75
C GLU D 169 10.78 13.12 -35.13
N TRP D 170 11.11 14.05 -34.23
CA TRP D 170 10.08 14.89 -33.64
C TRP D 170 9.56 15.91 -34.66
N GLN D 171 8.38 16.45 -34.37
CA GLN D 171 7.83 17.49 -35.22
C GLN D 171 8.61 18.79 -35.04
N GLU D 172 8.55 19.64 -36.07
CA GLU D 172 9.29 20.90 -36.04
C GLU D 172 8.78 21.83 -34.95
N GLN D 173 7.46 21.95 -34.83
CA GLN D 173 6.84 22.85 -33.85
C GLN D 173 5.89 22.07 -32.96
N GLY D 174 6.02 22.27 -31.65
CA GLY D 174 5.13 21.64 -30.70
C GLY D 174 5.18 20.13 -30.69
N ALA D 175 6.40 19.57 -30.69
CA ALA D 175 6.54 18.12 -30.68
C ALA D 175 6.00 17.52 -29.38
N VAL D 176 6.31 18.15 -28.24
CA VAL D 176 5.84 17.71 -26.94
C VAL D 176 5.04 18.84 -26.33
N GLN D 177 3.77 18.57 -26.02
CA GLN D 177 2.89 19.53 -25.40
C GLN D 177 2.44 19.02 -24.03
N VAL D 178 1.87 19.94 -23.24
CA VAL D 178 1.34 19.60 -21.93
C VAL D 178 -0.09 20.11 -21.86
N ALA D 179 -0.85 19.54 -20.92
CA ALA D 179 -2.25 19.90 -20.73
C ALA D 179 -2.37 21.22 -19.97
N ASP D 180 -3.57 21.49 -19.45
CA ASP D 180 -3.81 22.74 -18.73
C ASP D 180 -3.19 22.67 -17.34
N GLY D 181 -3.56 23.60 -16.46
CA GLY D 181 -2.83 23.79 -15.22
C GLY D 181 -2.94 22.64 -14.23
N LEU D 182 -2.52 21.46 -14.66
CA LEU D 182 -2.43 20.32 -13.75
C LEU D 182 -1.38 20.59 -12.68
N THR D 183 -1.65 20.14 -11.46
CA THR D 183 -0.77 20.38 -10.34
C THR D 183 0.03 19.11 -10.04
N LEU D 184 0.92 19.21 -9.04
CA LEU D 184 1.74 18.10 -8.63
C LEU D 184 2.10 18.28 -7.17
N PRO D 185 2.02 17.23 -6.35
CA PRO D 185 2.49 17.32 -4.97
C PRO D 185 4.01 17.15 -4.91
N GLN D 186 4.67 18.05 -4.18
CA GLN D 186 6.11 18.04 -3.93
C GLN D 186 6.95 18.34 -5.17
N PHE D 187 6.33 18.75 -6.27
CA PHE D 187 7.09 19.03 -7.49
C PHE D 187 6.42 20.13 -8.29
N ILE D 188 7.22 20.78 -9.13
CA ILE D 188 6.73 21.79 -10.07
C ILE D 188 7.35 21.47 -11.42
N LEU D 189 6.51 21.15 -12.41
CA LEU D 189 7.00 20.81 -13.73
C LEU D 189 7.47 22.07 -14.45
N LYS D 190 8.74 22.09 -14.87
CA LYS D 190 9.26 23.24 -15.59
C LYS D 190 8.59 23.36 -16.95
N GLU D 191 8.23 24.61 -17.30
CA GLU D 191 7.57 24.85 -18.58
C GLU D 191 8.48 24.56 -19.76
N GLU D 192 9.80 24.60 -19.58
CA GLU D 192 10.74 24.30 -20.64
C GLU D 192 11.14 22.83 -20.58
N LYS D 193 11.13 22.18 -21.75
CA LYS D 193 11.44 20.75 -21.83
C LYS D 193 12.16 20.50 -23.15
N ASP D 194 13.49 20.47 -23.11
CA ASP D 194 14.27 20.25 -24.30
C ASP D 194 14.06 18.83 -24.84
N LEU D 195 14.28 18.68 -26.15
CA LEU D 195 14.10 17.42 -26.84
C LEU D 195 15.44 17.01 -27.45
N ARG D 196 16.25 16.32 -26.66
CA ARG D 196 17.55 15.87 -27.14
C ARG D 196 17.39 14.71 -28.10
N TYR D 197 18.37 14.54 -28.98
CA TYR D 197 18.39 13.42 -29.90
C TYR D 197 19.10 12.23 -29.26
N CYS D 198 18.81 11.05 -29.77
CA CYS D 198 19.30 9.82 -29.19
C CYS D 198 19.72 8.85 -30.28
N THR D 199 20.62 7.94 -29.92
CA THR D 199 21.04 6.86 -30.81
C THR D 199 21.76 5.78 -30.01
N LYS D 200 21.29 4.54 -30.09
CA LYS D 200 21.88 3.43 -29.37
C LYS D 200 22.55 2.49 -30.35
N HIS D 201 23.87 2.35 -30.24
CA HIS D 201 24.66 1.51 -31.12
C HIS D 201 24.81 0.14 -30.46
N TYR D 202 23.90 -0.77 -30.80
CA TYR D 202 23.97 -2.13 -30.27
C TYR D 202 24.91 -2.97 -31.14
N ASN D 203 25.10 -4.23 -30.73
CA ASN D 203 25.96 -5.14 -31.48
C ASN D 203 25.38 -5.43 -32.87
N THR D 204 24.07 -5.61 -32.96
CA THR D 204 23.45 -5.90 -34.25
C THR D 204 23.59 -4.73 -35.21
N GLY D 205 23.43 -3.51 -34.72
CA GLY D 205 23.53 -2.35 -35.59
C GLY D 205 23.10 -1.08 -34.88
N LYS D 206 22.60 -0.14 -35.65
CA LYS D 206 22.14 1.16 -35.14
C LYS D 206 20.62 1.17 -35.11
N PHE D 207 20.05 1.47 -33.95
CA PHE D 207 18.61 1.54 -33.76
C PHE D 207 18.21 2.99 -33.53
N THR D 208 17.15 3.43 -34.20
CA THR D 208 16.65 4.78 -34.00
C THR D 208 16.14 4.95 -32.58
N CYS D 209 16.26 6.18 -32.06
CA CYS D 209 15.89 6.46 -30.69
C CYS D 209 15.77 7.96 -30.50
N ILE D 210 14.74 8.38 -29.78
CA ILE D 210 14.54 9.79 -29.44
C ILE D 210 14.00 9.86 -28.02
N GLU D 211 14.39 10.92 -27.31
CA GLU D 211 14.01 11.08 -25.92
C GLU D 211 13.63 12.52 -25.65
N ALA D 212 12.78 12.71 -24.64
CA ALA D 212 12.36 14.03 -24.18
C ALA D 212 12.64 14.15 -22.69
N ARG D 213 13.11 15.31 -22.27
CA ARG D 213 13.53 15.54 -20.89
C ARG D 213 12.54 16.48 -20.23
N PHE D 214 11.99 16.06 -19.09
CA PHE D 214 11.07 16.86 -18.30
C PHE D 214 11.78 17.30 -17.03
N HIS D 215 12.17 18.58 -16.98
CA HIS D 215 12.84 19.12 -15.81
C HIS D 215 11.83 19.35 -14.69
N LEU D 216 12.17 18.92 -13.47
CA LEU D 216 11.27 18.99 -12.34
C LEU D 216 11.95 19.70 -11.18
N GLU D 217 11.28 20.72 -10.65
CA GLU D 217 11.72 21.41 -9.44
C GLU D 217 10.92 20.88 -8.25
N ARG D 218 11.47 21.09 -7.05
CA ARG D 218 10.84 20.63 -5.83
C ARG D 218 10.41 21.82 -4.98
N GLN D 219 9.21 21.71 -4.41
CA GLN D 219 8.69 22.74 -3.52
C GLN D 219 9.53 22.80 -2.24
N MET D 220 9.51 23.97 -1.61
CA MET D 220 10.35 24.21 -0.44
C MET D 220 9.61 24.78 0.77
N GLY D 221 8.38 25.25 0.62
CA GLY D 221 7.74 25.94 1.73
C GLY D 221 7.49 25.05 2.94
N TYR D 222 6.85 23.89 2.71
CA TYR D 222 6.48 23.03 3.82
C TYR D 222 7.71 22.45 4.51
N TYR D 223 8.64 21.90 3.73
CA TYR D 223 9.88 21.40 4.32
C TYR D 223 10.60 22.50 5.07
N LEU D 224 10.78 23.66 4.42
CA LEU D 224 11.42 24.81 5.04
C LEU D 224 10.84 25.07 6.42
N ILE D 225 9.55 25.42 6.46
CA ILE D 225 8.91 25.76 7.73
C ILE D 225 9.09 24.61 8.72
N GLN D 226 8.48 23.46 8.42
CA GLN D 226 8.28 22.43 9.43
C GLN D 226 9.61 21.87 9.93
N MET D 227 10.60 21.71 9.05
CA MET D 227 11.85 21.13 9.49
C MET D 227 12.84 22.19 9.97
N TYR D 228 13.13 23.19 9.13
CA TYR D 228 14.19 24.13 9.47
C TYR D 228 13.80 25.03 10.65
N ILE D 229 12.60 25.61 10.61
CA ILE D 229 12.27 26.67 11.58
C ILE D 229 12.29 26.17 13.02
N PRO D 230 11.65 25.05 13.38
CA PRO D 230 11.75 24.59 14.77
C PRO D 230 13.18 24.29 15.20
N SER D 231 14.03 23.80 14.29
CA SER D 231 15.43 23.59 14.63
C SER D 231 16.10 24.91 15.00
N LEU D 232 15.83 25.97 14.23
CA LEU D 232 16.38 27.28 14.57
C LEU D 232 15.89 27.75 15.92
N LEU D 233 14.60 27.57 16.20
CA LEU D 233 14.07 28.01 17.50
C LEU D 233 14.71 27.23 18.64
N ILE D 234 14.90 25.91 18.48
CA ILE D 234 15.49 25.12 19.55
C ILE D 234 16.95 25.51 19.75
N VAL D 235 17.68 25.80 18.67
CA VAL D 235 19.05 26.25 18.81
C VAL D 235 19.11 27.59 19.53
N ILE D 236 18.15 28.48 19.23
CA ILE D 236 18.12 29.77 19.92
C ILE D 236 17.80 29.57 21.41
N LEU D 237 16.93 28.61 21.74
CA LEU D 237 16.69 28.30 23.14
C LEU D 237 17.95 27.75 23.82
N SER D 238 18.70 26.92 23.12
CA SER D 238 19.95 26.42 23.67
C SER D 238 20.93 27.57 23.91
N TRP D 239 20.93 28.57 23.04
CA TRP D 239 21.70 29.79 23.29
C TRP D 239 21.19 30.51 24.52
N ILE D 240 19.87 30.61 24.67
CA ILE D 240 19.24 31.26 25.82
C ILE D 240 19.72 30.61 27.10
N SER D 241 19.98 29.30 27.06
CA SER D 241 20.48 28.59 28.24
C SER D 241 21.77 29.19 28.80
N PHE D 242 22.41 30.13 28.09
CA PHE D 242 23.62 30.76 28.59
C PHE D 242 23.33 31.91 29.54
N TRP D 243 22.19 32.59 29.37
CA TRP D 243 21.92 33.82 30.08
C TRP D 243 21.43 33.61 31.51
N ILE D 244 21.05 32.39 31.88
CA ILE D 244 20.58 32.13 33.24
C ILE D 244 21.77 32.09 34.19
N ASN D 245 21.50 32.34 35.47
CA ASN D 245 22.57 32.44 36.45
C ASN D 245 23.29 31.11 36.61
N MET D 246 24.54 31.20 37.05
CA MET D 246 25.38 30.01 37.19
C MET D 246 24.86 29.07 38.26
N ASP D 247 24.23 29.60 39.31
CA ASP D 247 23.80 28.77 40.42
C ASP D 247 22.57 27.94 40.07
N ALA D 248 21.81 28.36 39.06
CA ALA D 248 20.58 27.66 38.70
C ALA D 248 20.90 26.36 37.97
N ALA D 249 21.55 25.43 38.68
CA ALA D 249 21.93 24.16 38.06
C ALA D 249 20.73 23.35 37.59
N PRO D 250 19.68 23.13 38.40
CA PRO D 250 18.52 22.38 37.87
C PRO D 250 17.90 23.05 36.66
N ALA D 251 17.79 24.38 36.68
CA ALA D 251 17.17 25.09 35.57
C ALA D 251 17.98 24.91 34.29
N ARG D 252 19.29 25.12 34.37
CA ARG D 252 20.12 25.02 33.17
C ARG D 252 20.20 23.59 32.66
N VAL D 253 20.32 22.61 33.56
CA VAL D 253 20.35 21.21 33.14
C VAL D 253 19.04 20.83 32.45
N GLY D 254 17.92 21.21 33.06
CA GLY D 254 16.63 20.90 32.46
C GLY D 254 16.46 21.56 31.11
N LEU D 255 16.87 22.83 30.98
CA LEU D 255 16.74 23.52 29.71
C LEU D 255 17.57 22.84 28.62
N GLY D 256 18.84 22.53 28.94
CA GLY D 256 19.69 21.90 27.94
C GLY D 256 19.17 20.53 27.52
N ILE D 257 18.82 19.69 28.49
CA ILE D 257 18.40 18.33 28.14
C ILE D 257 17.04 18.34 27.46
N THR D 258 16.16 19.28 27.81
CA THR D 258 14.88 19.36 27.13
C THR D 258 15.04 19.88 25.70
N THR D 259 15.97 20.80 25.48
CA THR D 259 16.26 21.22 24.11
C THR D 259 16.81 20.08 23.27
N VAL D 260 17.70 19.27 23.86
CA VAL D 260 18.22 18.14 23.08
C VAL D 260 17.14 17.10 22.82
N LEU D 261 16.23 16.89 23.79
CA LEU D 261 15.11 15.97 23.55
C LEU D 261 14.19 16.50 22.46
N THR D 262 13.94 17.81 22.45
CA THR D 262 13.12 18.40 21.41
C THR D 262 13.78 18.23 20.04
N MET D 263 15.10 18.43 19.97
CA MET D 263 15.80 18.22 18.71
C MET D 263 15.70 16.78 18.25
N THR D 264 15.87 15.83 19.17
CA THR D 264 15.85 14.42 18.75
C THR D 264 14.43 13.97 18.37
N THR D 265 13.40 14.51 19.02
CA THR D 265 12.05 14.14 18.61
C THR D 265 11.65 14.81 17.30
N GLN D 266 12.15 16.02 17.04
CA GLN D 266 11.96 16.62 15.72
C GLN D 266 12.66 15.79 14.65
N SER D 267 13.86 15.30 14.94
CA SER D 267 14.55 14.42 14.00
C SER D 267 13.78 13.13 13.77
N SER D 268 13.21 12.56 14.83
CA SER D 268 12.44 11.34 14.68
C SER D 268 11.20 11.57 13.82
N GLY D 269 10.49 12.67 14.05
CA GLY D 269 9.34 12.99 13.22
C GLY D 269 9.72 13.20 11.77
N SER D 270 10.82 13.91 11.53
CA SER D 270 11.31 14.09 10.16
C SER D 270 11.59 12.75 9.50
N ARG D 271 12.38 11.89 10.16
CA ARG D 271 12.70 10.58 9.60
C ARG D 271 11.44 9.79 9.33
N ALA D 272 10.42 9.95 10.18
CA ALA D 272 9.14 9.29 9.91
C ALA D 272 8.50 9.83 8.64
N SER D 273 8.58 11.15 8.41
CA SER D 273 7.93 11.76 7.26
C SER D 273 8.86 11.98 6.07
N LEU D 274 10.12 11.55 6.15
CA LEU D 274 11.05 11.74 5.05
C LEU D 274 11.12 10.49 4.17
N PRO D 275 11.53 10.64 2.92
CA PRO D 275 11.74 9.46 2.07
C PRO D 275 12.81 8.55 2.65
N LYS D 276 12.62 7.25 2.48
CA LYS D 276 13.53 6.24 3.03
C LYS D 276 14.67 6.03 2.04
N VAL D 277 15.81 6.65 2.32
CA VAL D 277 17.00 6.54 1.49
C VAL D 277 18.20 6.36 2.40
N SER D 278 19.10 5.44 2.04
CA SER D 278 20.21 5.08 2.91
C SER D 278 21.41 6.02 2.82
N TYR D 279 21.53 6.80 1.76
CA TYR D 279 22.63 7.75 1.68
C TYR D 279 22.19 9.12 2.19
N VAL D 280 23.17 9.86 2.73
CA VAL D 280 22.86 11.07 3.48
C VAL D 280 22.29 12.14 2.57
N LYS D 281 21.17 12.72 2.98
CA LYS D 281 20.52 13.79 2.25
C LYS D 281 21.04 15.14 2.75
N ALA D 282 20.39 16.23 2.33
CA ALA D 282 20.82 17.57 2.71
C ALA D 282 20.11 18.08 3.95
N ILE D 283 19.18 17.32 4.51
CA ILE D 283 18.46 17.75 5.70
C ILE D 283 19.01 16.99 6.90
N ASP D 284 19.58 15.81 6.65
CA ASP D 284 20.24 15.07 7.71
C ASP D 284 21.44 15.84 8.24
N ILE D 285 22.17 16.51 7.36
CA ILE D 285 23.28 17.35 7.79
C ILE D 285 22.79 18.45 8.72
N TRP D 286 21.69 19.10 8.35
CA TRP D 286 21.14 20.18 9.16
C TRP D 286 20.71 19.67 10.53
N MET D 287 20.01 18.54 10.57
CA MET D 287 19.56 18.00 11.84
C MET D 287 20.74 17.58 12.72
N ALA D 288 21.75 16.95 12.11
CA ALA D 288 22.93 16.54 12.87
C ALA D 288 23.67 17.75 13.42
N VAL D 289 23.78 18.82 12.64
CA VAL D 289 24.49 20.00 13.11
C VAL D 289 23.72 20.68 14.24
N CYS D 290 22.40 20.75 14.14
CA CYS D 290 21.62 21.34 15.23
C CYS D 290 21.74 20.50 16.50
N LEU D 291 21.69 19.18 16.36
CA LEU D 291 21.87 18.31 17.52
C LEU D 291 23.25 18.49 18.13
N LEU D 292 24.28 18.61 17.28
CA LEU D 292 25.63 18.84 17.78
C LEU D 292 25.73 20.17 18.50
N PHE D 293 25.04 21.20 18.00
CA PHE D 293 25.08 22.51 18.64
C PHE D 293 24.46 22.47 20.03
N VAL D 294 23.27 21.86 20.15
CA VAL D 294 22.64 21.82 21.47
C VAL D 294 23.44 20.94 22.43
N PHE D 295 24.00 19.83 21.91
CA PHE D 295 24.85 18.99 22.73
C PHE D 295 26.09 19.75 23.21
N SER D 296 26.70 20.54 22.32
CA SER D 296 27.88 21.30 22.71
C SER D 296 27.53 22.38 23.71
N ALA D 297 26.34 22.97 23.60
CA ALA D 297 25.92 23.95 24.61
C ALA D 297 25.78 23.29 25.97
N LEU D 298 25.18 22.10 26.02
CA LEU D 298 25.08 21.38 27.30
C LEU D 298 26.46 21.02 27.83
N LEU D 299 27.37 20.62 26.93
CA LEU D 299 28.73 20.28 27.33
C LEU D 299 29.45 21.49 27.92
N GLU D 300 29.29 22.66 27.30
CA GLU D 300 29.96 23.86 27.81
C GLU D 300 29.35 24.29 29.13
N TYR D 301 28.04 24.10 29.32
CA TYR D 301 27.47 24.35 30.64
C TYR D 301 28.06 23.43 31.68
N ALA D 302 28.23 22.15 31.33
CA ALA D 302 28.85 21.21 32.26
C ALA D 302 30.27 21.64 32.61
N ALA D 303 31.03 22.11 31.62
CA ALA D 303 32.38 22.60 31.89
C ALA D 303 32.34 23.81 32.82
N VAL D 304 31.39 24.73 32.60
CA VAL D 304 31.25 25.89 33.48
C VAL D 304 30.95 25.45 34.91
N ASN D 305 30.04 24.49 35.05
CA ASN D 305 29.67 24.03 36.39
C ASN D 305 30.87 23.36 37.08
N PHE D 306 31.63 22.56 36.34
CA PHE D 306 32.81 21.93 36.93
C PHE D 306 33.85 22.96 37.34
N VAL D 307 34.06 23.99 36.52
CA VAL D 307 35.00 25.05 36.89
C VAL D 307 34.51 25.77 38.14
N SER D 308 33.21 26.05 38.22
CA SER D 308 32.67 26.76 39.37
C SER D 308 32.78 25.93 40.65
N ARG D 309 32.55 24.62 40.56
CA ARG D 309 32.48 23.79 41.76
C ARG D 309 33.81 23.74 42.49
N GLN D 310 34.92 23.65 41.75
CA GLN D 310 36.23 23.51 42.39
C GLN D 310 36.67 24.78 43.12
N HIS D 311 35.99 25.90 42.90
CA HIS D 311 36.32 27.12 43.63
C HIS D 311 36.00 26.98 45.12
N LYS D 312 34.81 26.49 45.44
CA LYS D 312 34.44 26.32 46.84
C LYS D 312 35.12 25.11 47.46
N GLU D 313 35.43 24.12 46.62
CA GLU D 313 36.10 22.89 47.11
C GLU D 313 37.53 22.87 46.57
N MET D 322 42.29 28.87 46.13
CA MET D 322 42.04 29.43 44.81
C MET D 322 41.16 30.67 44.90
N ARG D 323 40.34 30.71 45.94
CA ARG D 323 39.48 31.86 46.27
C ARG D 323 38.52 32.08 45.11
N LYS D 324 38.38 33.30 44.58
CA LYS D 324 37.39 33.63 43.57
C LYS D 324 37.94 33.55 42.15
N LEU D 325 39.17 33.02 41.97
CA LEU D 325 39.76 32.97 40.64
C LEU D 325 38.94 32.09 39.70
N PHE D 326 38.47 30.95 40.18
CA PHE D 326 37.71 30.03 39.33
C PHE D 326 36.37 30.63 38.91
N ILE D 327 35.74 31.41 39.82
CA ILE D 327 34.46 32.03 39.49
C ILE D 327 34.63 33.02 38.34
N GLN D 328 35.70 33.81 38.37
CA GLN D 328 35.98 34.72 37.26
C GLN D 328 36.23 33.96 35.98
N ARG D 329 36.92 32.81 36.07
CA ARG D 329 37.15 31.99 34.88
C ARG D 329 35.84 31.48 34.30
N ALA D 330 34.93 31.03 35.15
CA ALA D 330 33.63 30.55 34.67
C ALA D 330 32.83 31.69 34.03
N LYS D 331 32.86 32.87 34.64
CA LYS D 331 32.19 34.02 34.05
C LYS D 331 32.79 34.37 32.69
N LYS D 332 34.12 34.30 32.58
CA LYS D 332 34.77 34.56 31.29
C LYS D 332 34.36 33.53 30.25
N ILE D 333 34.24 32.26 30.65
CA ILE D 333 33.79 31.22 29.73
C ILE D 333 32.38 31.53 29.24
N ASP D 334 31.49 31.93 30.17
CA ASP D 334 30.14 32.30 29.75
C ASP D 334 30.15 33.47 28.77
N LYS D 335 30.96 34.49 29.08
CA LYS D 335 30.99 35.68 28.21
C LYS D 335 31.51 35.34 26.83
N ILE D 336 32.56 34.52 26.73
CA ILE D 336 33.10 34.18 25.42
C ILE D 336 32.14 33.27 24.66
N SER D 337 31.46 32.36 25.37
CA SER D 337 30.54 31.45 24.70
C SER D 337 29.32 32.19 24.15
N ARG D 338 28.80 33.17 24.91
CA ARG D 338 27.60 33.89 24.49
C ARG D 338 27.78 34.62 23.17
N ILE D 339 29.02 34.89 22.77
CA ILE D 339 29.28 35.47 21.45
C ILE D 339 29.90 34.48 20.48
N GLY D 340 30.53 33.41 20.96
CA GLY D 340 31.07 32.41 20.06
C GLY D 340 30.00 31.55 19.41
N PHE D 341 28.99 31.16 20.18
CA PHE D 341 27.95 30.29 19.63
C PHE D 341 27.16 30.95 18.49
N PRO D 342 26.60 32.15 18.66
CA PRO D 342 25.83 32.73 17.54
C PRO D 342 26.66 32.96 16.29
N MET D 343 27.90 33.42 16.43
CA MET D 343 28.73 33.66 15.25
C MET D 343 29.09 32.37 14.55
N ALA D 344 29.43 31.32 15.31
CA ALA D 344 29.73 30.04 14.69
C ALA D 344 28.50 29.46 13.97
N PHE D 345 27.33 29.59 14.59
CA PHE D 345 26.11 29.10 13.93
C PHE D 345 25.82 29.90 12.67
N LEU D 346 26.04 31.21 12.71
CA LEU D 346 25.83 32.03 11.52
C LEU D 346 26.79 31.64 10.41
N ILE D 347 28.05 31.36 10.76
CA ILE D 347 29.02 30.93 9.76
C ILE D 347 28.58 29.61 9.13
N PHE D 348 28.14 28.66 9.97
CA PHE D 348 27.65 27.39 9.44
C PHE D 348 26.46 27.59 8.52
N ASN D 349 25.52 28.44 8.93
CA ASN D 349 24.33 28.66 8.12
C ASN D 349 24.70 29.29 6.77
N MET D 350 25.60 30.27 6.79
CA MET D 350 26.04 30.90 5.56
C MET D 350 26.69 29.89 4.63
N PHE D 351 27.60 29.07 5.16
CA PHE D 351 28.26 28.05 4.34
C PHE D 351 27.25 27.07 3.78
N TYR D 352 26.30 26.62 4.61
CA TYR D 352 25.31 25.65 4.17
C TYR D 352 24.46 26.21 3.03
N TRP D 353 23.93 27.41 3.20
CA TRP D 353 23.05 27.97 2.18
C TRP D 353 23.82 28.35 0.93
N ILE D 354 25.09 28.73 1.05
CA ILE D 354 25.88 29.03 -0.14
C ILE D 354 26.20 27.75 -0.91
N ILE D 355 26.52 26.66 -0.19
CA ILE D 355 26.94 25.44 -0.88
C ILE D 355 25.76 24.67 -1.43
N TYR D 356 24.57 24.82 -0.85
CA TYR D 356 23.40 24.11 -1.33
C TYR D 356 22.45 24.97 -2.16
N LYS D 357 22.89 26.15 -2.58
CA LYS D 357 22.11 26.97 -3.51
C LYS D 357 22.97 27.46 -4.66
N ILE D 358 24.27 27.58 -4.42
CA ILE D 358 25.20 28.07 -5.44
C ILE D 358 26.31 27.06 -5.67
N SER E 31 6.26 -38.54 -35.97
CA SER E 31 4.81 -38.53 -36.13
C SER E 31 4.11 -38.69 -34.79
N THR E 32 4.68 -38.09 -33.75
CA THR E 32 4.09 -38.17 -32.41
C THR E 32 2.76 -37.43 -32.32
N SER E 33 2.50 -36.47 -33.22
CA SER E 33 1.23 -35.78 -33.20
C SER E 33 0.11 -36.62 -33.80
N ASN E 34 0.41 -37.38 -34.85
CA ASN E 34 -0.63 -38.18 -35.51
C ASN E 34 -1.16 -39.27 -34.59
N ILE E 35 -0.28 -39.93 -33.84
CA ILE E 35 -0.73 -41.01 -32.96
C ILE E 35 -1.63 -40.46 -31.87
N LEU E 36 -1.26 -39.34 -31.25
CA LEU E 36 -2.11 -38.77 -30.22
C LEU E 36 -3.42 -38.23 -30.80
N ASN E 37 -3.38 -37.68 -32.01
CA ASN E 37 -4.62 -37.23 -32.65
C ASN E 37 -5.57 -38.39 -32.89
N ARG E 38 -5.05 -39.50 -33.42
CA ARG E 38 -5.89 -40.68 -33.65
C ARG E 38 -6.37 -41.29 -32.35
N LEU E 39 -5.56 -41.21 -31.29
CA LEU E 39 -6.00 -41.69 -29.98
C LEU E 39 -7.13 -40.83 -29.42
N LEU E 40 -7.04 -39.52 -29.60
CA LEU E 40 -8.07 -38.62 -29.10
C LEU E 40 -9.30 -38.54 -30.00
N VAL E 41 -9.21 -39.07 -31.23
CA VAL E 41 -10.41 -39.18 -32.06
C VAL E 41 -11.38 -40.15 -31.40
N SER E 42 -12.67 -39.80 -31.42
CA SER E 42 -13.73 -40.57 -30.77
C SER E 42 -13.49 -40.68 -29.27
N TYR E 43 -13.00 -39.61 -28.67
CA TYR E 43 -12.80 -39.51 -27.23
C TYR E 43 -13.59 -38.31 -26.71
N ASP E 44 -14.31 -38.54 -25.60
CA ASP E 44 -15.16 -37.48 -25.05
C ASP E 44 -14.48 -36.87 -23.84
N PRO E 45 -14.04 -35.61 -23.92
CA PRO E 45 -13.39 -34.98 -22.75
C PRO E 45 -14.31 -34.80 -21.56
N ARG E 46 -15.62 -34.81 -21.77
CA ARG E 46 -16.59 -34.57 -20.70
C ARG E 46 -16.94 -35.83 -19.93
N ILE E 47 -16.36 -36.98 -20.27
CA ILE E 47 -16.65 -38.25 -19.63
C ILE E 47 -15.41 -38.70 -18.87
N ARG E 48 -15.57 -38.90 -17.56
CA ARG E 48 -14.45 -39.35 -16.75
C ARG E 48 -14.14 -40.82 -17.06
N PRO E 49 -12.90 -41.26 -16.82
CA PRO E 49 -12.59 -42.69 -16.96
C PRO E 49 -13.45 -43.52 -16.02
N ASN E 50 -13.86 -44.70 -16.51
CA ASN E 50 -14.77 -45.58 -15.77
C ASN E 50 -16.06 -44.84 -15.42
N PHE E 51 -16.80 -44.45 -16.47
CA PHE E 51 -17.97 -43.60 -16.28
C PHE E 51 -19.02 -44.27 -15.41
N LYS E 52 -19.28 -45.55 -15.64
CA LYS E 52 -20.20 -46.31 -14.81
C LYS E 52 -19.49 -47.33 -13.92
N GLY E 53 -18.17 -47.28 -13.86
CA GLY E 53 -17.38 -48.21 -13.09
C GLY E 53 -16.98 -47.67 -11.73
N ILE E 54 -15.86 -48.16 -11.22
CA ILE E 54 -15.34 -47.78 -9.92
C ILE E 54 -14.86 -46.33 -9.97
N PRO E 55 -14.85 -45.60 -8.85
CA PRO E 55 -14.33 -44.23 -8.88
C PRO E 55 -12.85 -44.20 -9.21
N VAL E 56 -12.44 -43.12 -9.89
CA VAL E 56 -11.06 -42.98 -10.32
C VAL E 56 -10.21 -42.49 -9.14
N ASP E 57 -8.98 -43.00 -9.06
CA ASP E 57 -8.05 -42.64 -8.01
C ASP E 57 -7.03 -41.64 -8.54
N VAL E 58 -6.83 -40.55 -7.81
CA VAL E 58 -5.90 -39.49 -8.19
C VAL E 58 -4.92 -39.29 -7.04
N VAL E 59 -3.62 -39.33 -7.36
CA VAL E 59 -2.57 -39.07 -6.39
C VAL E 59 -2.04 -37.65 -6.60
N VAL E 60 -1.91 -36.90 -5.51
CA VAL E 60 -1.58 -35.49 -5.57
C VAL E 60 -0.22 -35.28 -4.91
N ASN E 61 0.65 -34.54 -5.60
CA ASN E 61 1.96 -34.18 -5.09
C ASN E 61 2.13 -32.67 -5.17
N ILE E 62 2.79 -32.10 -4.17
CA ILE E 62 3.01 -30.65 -4.09
C ILE E 62 4.47 -30.39 -3.77
N PHE E 63 5.08 -29.46 -4.51
CA PHE E 63 6.47 -29.05 -4.30
C PHE E 63 6.48 -27.54 -4.11
N ILE E 64 6.52 -27.09 -2.85
CA ILE E 64 6.49 -25.66 -2.55
C ILE E 64 7.83 -25.04 -2.92
N ASN E 65 7.79 -23.99 -3.73
CA ASN E 65 9.00 -23.24 -4.07
C ASN E 65 9.26 -22.11 -3.08
N SER E 66 8.29 -21.22 -2.92
CA SER E 66 8.43 -20.07 -2.02
C SER E 66 7.17 -19.93 -1.19
N PHE E 67 7.35 -19.77 0.12
CA PHE E 67 6.25 -19.58 1.06
C PHE E 67 6.13 -18.08 1.32
N GLY E 68 5.07 -17.47 0.80
CA GLY E 68 4.93 -16.03 0.86
C GLY E 68 4.72 -15.51 2.26
N SER E 69 4.82 -14.19 2.39
CA SER E 69 4.72 -13.54 3.68
C SER E 69 3.26 -13.45 4.12
N ILE E 70 3.02 -13.75 5.39
CA ILE E 70 1.68 -13.72 5.94
C ILE E 70 1.27 -12.29 6.21
N GLN E 71 0.11 -11.89 5.68
CA GLN E 71 -0.44 -10.56 5.90
C GLN E 71 -1.50 -10.69 6.99
N GLU E 72 -1.10 -10.41 8.24
CA GLU E 72 -2.00 -10.57 9.38
C GLU E 72 -3.14 -9.58 9.38
N THR E 73 -3.09 -8.54 8.54
CA THR E 73 -4.19 -7.58 8.48
C THR E 73 -5.39 -8.18 7.75
N THR E 74 -5.16 -8.88 6.65
CA THR E 74 -6.24 -9.47 5.86
C THR E 74 -6.29 -10.99 5.94
N MET E 75 -5.47 -11.61 6.78
CA MET E 75 -5.54 -13.05 7.06
C MET E 75 -5.35 -13.89 5.80
N ASP E 76 -4.17 -13.79 5.21
CA ASP E 76 -3.85 -14.58 4.02
C ASP E 76 -2.34 -14.75 3.91
N TYR E 77 -1.94 -15.69 3.07
CA TYR E 77 -0.53 -15.95 2.82
C TYR E 77 -0.36 -16.53 1.43
N ARG E 78 0.51 -15.93 0.63
CA ARG E 78 0.79 -16.44 -0.70
C ARG E 78 1.71 -17.64 -0.63
N VAL E 79 1.69 -18.45 -1.69
CA VAL E 79 2.56 -19.62 -1.79
C VAL E 79 2.64 -20.03 -3.25
N ASN E 80 3.85 -20.36 -3.69
CA ASN E 80 4.10 -20.81 -5.06
C ASN E 80 4.44 -22.29 -5.00
N ILE E 81 3.65 -23.12 -5.69
CA ILE E 81 3.73 -24.56 -5.58
C ILE E 81 3.84 -25.19 -6.96
N PHE E 82 4.41 -26.40 -6.97
CA PHE E 82 4.36 -27.28 -8.13
C PHE E 82 3.31 -28.34 -7.84
N LEU E 83 2.23 -28.34 -8.60
CA LEU E 83 1.13 -29.28 -8.41
C LEU E 83 1.26 -30.41 -9.40
N ARG E 84 1.28 -31.64 -8.91
CA ARG E 84 1.40 -32.83 -9.74
C ARG E 84 0.33 -33.83 -9.33
N GLN E 85 -0.59 -34.10 -10.25
CA GLN E 85 -1.69 -35.05 -10.02
C GLN E 85 -1.68 -36.11 -11.10
N LYS E 86 -1.79 -37.37 -10.68
CA LYS E 86 -1.71 -38.52 -11.58
C LYS E 86 -2.90 -39.43 -11.36
N TRP E 87 -3.43 -39.98 -12.43
CA TRP E 87 -4.55 -40.91 -12.36
C TRP E 87 -4.43 -41.92 -13.50
N ASN E 88 -5.50 -42.67 -13.74
CA ASN E 88 -5.54 -43.69 -14.78
C ASN E 88 -6.70 -43.43 -15.72
N ASP E 89 -6.47 -43.65 -17.02
CA ASP E 89 -7.49 -43.45 -18.03
C ASP E 89 -7.38 -44.60 -19.03
N PRO E 90 -8.30 -45.58 -18.98
CA PRO E 90 -8.24 -46.69 -19.93
C PRO E 90 -8.38 -46.26 -21.38
N ARG E 91 -9.14 -45.20 -21.65
CA ARG E 91 -9.33 -44.76 -23.03
C ARG E 91 -8.06 -44.19 -23.63
N LEU E 92 -7.06 -43.85 -22.82
CA LEU E 92 -5.79 -43.33 -23.29
C LEU E 92 -4.72 -44.40 -23.38
N LYS E 93 -5.11 -45.65 -23.63
CA LYS E 93 -4.16 -46.72 -23.80
C LYS E 93 -3.38 -46.53 -25.10
N LEU E 94 -2.07 -46.60 -25.02
CA LEU E 94 -1.24 -46.40 -26.21
C LEU E 94 -1.43 -47.58 -27.16
N PRO E 95 -1.80 -47.33 -28.42
CA PRO E 95 -1.97 -48.44 -29.37
C PRO E 95 -0.67 -49.20 -29.57
N SER E 96 -0.81 -50.51 -29.83
CA SER E 96 0.37 -51.37 -29.93
C SER E 96 1.24 -51.03 -31.13
N ASP E 97 0.64 -50.51 -32.22
CA ASP E 97 1.41 -50.22 -33.41
C ASP E 97 2.45 -49.14 -33.17
N PHE E 98 2.09 -48.11 -32.41
CA PHE E 98 3.01 -47.04 -32.05
C PHE E 98 3.70 -47.36 -30.75
N ARG E 99 5.01 -47.13 -30.69
CA ARG E 99 5.80 -47.40 -29.50
C ARG E 99 6.34 -46.13 -28.86
N GLY E 100 7.07 -45.31 -29.62
CA GLY E 100 7.65 -44.11 -29.07
C GLY E 100 8.61 -44.41 -27.93
N SER E 101 8.20 -44.11 -26.70
CA SER E 101 8.96 -44.41 -25.50
C SER E 101 7.99 -44.82 -24.41
N ASP E 102 8.49 -44.91 -23.17
CA ASP E 102 7.64 -45.25 -22.04
C ASP E 102 6.71 -44.11 -21.65
N ALA E 103 6.90 -42.91 -22.21
CA ALA E 103 6.04 -41.77 -21.94
C ALA E 103 5.73 -41.05 -23.24
N LEU E 104 4.55 -40.42 -23.29
CA LEU E 104 4.12 -39.64 -24.44
C LEU E 104 3.65 -38.28 -23.96
N THR E 105 3.91 -37.25 -24.75
CA THR E 105 3.64 -35.87 -24.36
C THR E 105 2.59 -35.27 -25.28
N VAL E 106 1.57 -34.65 -24.70
CA VAL E 106 0.56 -33.91 -25.43
C VAL E 106 0.77 -32.43 -25.13
N ASP E 107 0.44 -31.59 -26.12
CA ASP E 107 0.82 -30.19 -26.07
C ASP E 107 0.15 -29.46 -24.91
N PRO E 108 0.86 -28.55 -24.24
CA PRO E 108 0.24 -27.74 -23.20
C PRO E 108 -0.70 -26.69 -23.78
N THR E 109 -0.86 -26.70 -25.10
CA THR E 109 -1.91 -25.94 -25.76
C THR E 109 -3.06 -26.83 -26.23
N MET E 110 -2.83 -28.14 -26.33
CA MET E 110 -3.86 -29.12 -26.64
C MET E 110 -4.32 -29.86 -25.38
N TYR E 111 -3.93 -29.37 -24.20
CA TYR E 111 -4.31 -30.01 -22.95
C TYR E 111 -5.82 -30.14 -22.79
N LYS E 112 -6.59 -29.25 -23.42
CA LYS E 112 -8.04 -29.24 -23.22
C LYS E 112 -8.75 -30.41 -23.88
N CYS E 113 -8.06 -31.19 -24.71
CA CYS E 113 -8.72 -32.29 -25.41
C CYS E 113 -9.02 -33.46 -24.48
N LEU E 114 -8.17 -33.70 -23.49
CA LEU E 114 -8.33 -34.84 -22.59
C LEU E 114 -9.08 -34.42 -21.32
N TRP E 115 -9.51 -35.43 -20.56
CA TRP E 115 -10.28 -35.20 -19.35
C TRP E 115 -9.34 -34.86 -18.19
N LYS E 116 -9.70 -33.80 -17.45
CA LYS E 116 -8.92 -33.36 -16.30
C LYS E 116 -9.82 -33.24 -15.08
N PRO E 117 -9.31 -33.61 -13.90
CA PRO E 117 -10.13 -33.48 -12.69
C PRO E 117 -10.41 -32.03 -12.35
N ASP E 118 -11.57 -31.81 -11.74
CA ASP E 118 -11.96 -30.47 -11.29
C ASP E 118 -11.45 -30.29 -9.86
N LEU E 119 -10.21 -29.86 -9.74
CA LEU E 119 -9.56 -29.67 -8.45
C LEU E 119 -9.40 -28.18 -8.18
N PHE E 120 -9.88 -27.73 -7.02
CA PHE E 120 -9.76 -26.34 -6.61
C PHE E 120 -9.47 -26.29 -5.12
N PHE E 121 -8.85 -25.19 -4.70
CA PHE E 121 -8.53 -24.98 -3.29
C PHE E 121 -9.71 -24.32 -2.60
N ALA E 122 -10.17 -24.92 -1.50
CA ALA E 122 -11.40 -24.46 -0.86
C ALA E 122 -11.22 -23.09 -0.22
N ASN E 123 -10.12 -22.89 0.50
CA ASN E 123 -9.94 -21.69 1.30
C ASN E 123 -9.21 -20.57 0.58
N GLU E 124 -8.80 -20.78 -0.68
CA GLU E 124 -8.09 -19.74 -1.40
C GLU E 124 -9.02 -18.59 -1.74
N LYS E 125 -8.42 -17.43 -1.99
CA LYS E 125 -9.18 -16.23 -2.34
C LYS E 125 -8.62 -15.48 -3.55
N SER E 126 -7.43 -15.83 -4.04
CA SER E 126 -6.86 -15.20 -5.22
C SER E 126 -5.71 -16.05 -5.75
N ALA E 127 -5.69 -16.30 -7.05
CA ALA E 127 -4.69 -17.18 -7.63
C ALA E 127 -4.60 -16.91 -9.13
N ASN E 128 -3.55 -17.47 -9.74
CA ASN E 128 -3.31 -17.30 -11.17
C ASN E 128 -2.28 -18.31 -11.60
N PHE E 129 -2.25 -18.58 -12.90
CA PHE E 129 -1.22 -19.44 -13.50
C PHE E 129 0.04 -18.62 -13.73
N HIS E 130 1.00 -19.20 -14.45
CA HIS E 130 2.25 -18.53 -14.78
C HIS E 130 2.55 -18.72 -16.25
N ASP E 131 2.88 -17.63 -16.94
CA ASP E 131 3.23 -17.65 -18.37
C ASP E 131 4.40 -16.70 -18.56
N VAL E 132 5.62 -17.25 -18.47
CA VAL E 132 6.84 -16.46 -18.60
C VAL E 132 7.38 -16.53 -20.02
N THR E 133 7.49 -17.73 -20.59
CA THR E 133 7.87 -17.90 -21.98
C THR E 133 6.92 -18.87 -22.67
N GLN E 134 6.35 -19.79 -21.89
CA GLN E 134 5.43 -20.79 -22.39
C GLN E 134 4.36 -21.05 -21.34
N GLU E 135 3.31 -21.75 -21.76
CA GLU E 135 2.29 -22.24 -20.83
C GLU E 135 2.89 -23.39 -20.05
N ASN E 136 3.42 -23.10 -18.85
CA ASN E 136 4.19 -24.09 -18.11
C ASN E 136 3.31 -25.16 -17.49
N ILE E 137 2.68 -25.98 -18.33
CA ILE E 137 1.93 -27.14 -17.90
C ILE E 137 2.56 -28.36 -18.56
N LEU E 138 2.90 -29.35 -17.75
CA LEU E 138 3.56 -30.56 -18.21
C LEU E 138 2.57 -31.71 -18.23
N LEU E 139 2.52 -32.43 -19.34
CA LEU E 139 1.61 -33.55 -19.50
C LEU E 139 2.37 -34.76 -20.03
N PHE E 140 2.22 -35.89 -19.34
CA PHE E 140 2.85 -37.15 -19.74
C PHE E 140 1.78 -38.23 -19.82
N ILE E 141 1.84 -39.03 -20.88
CA ILE E 141 0.94 -40.17 -21.05
C ILE E 141 1.79 -41.40 -21.22
N PHE E 142 1.59 -42.39 -20.36
CA PHE E 142 2.38 -43.61 -20.37
C PHE E 142 1.63 -44.73 -21.09
N ARG E 143 2.36 -45.83 -21.34
CA ARG E 143 1.78 -46.96 -22.06
C ARG E 143 0.63 -47.59 -21.26
N ASP E 144 0.82 -47.75 -19.95
CA ASP E 144 -0.18 -48.41 -19.12
C ASP E 144 -1.44 -47.58 -18.93
N GLY E 145 -1.43 -46.31 -19.32
CA GLY E 145 -2.60 -45.45 -19.23
C GLY E 145 -2.52 -44.35 -18.20
N ASP E 146 -1.47 -44.33 -17.37
CA ASP E 146 -1.32 -43.28 -16.38
C ASP E 146 -1.03 -41.95 -17.06
N VAL E 147 -1.55 -40.87 -16.47
CA VAL E 147 -1.39 -39.52 -16.97
C VAL E 147 -0.78 -38.67 -15.87
N LEU E 148 0.30 -37.96 -16.18
CA LEU E 148 0.98 -37.09 -15.24
C LEU E 148 0.77 -35.63 -15.65
N VAL E 149 0.26 -34.84 -14.73
CA VAL E 149 -0.02 -33.43 -14.96
C VAL E 149 0.79 -32.60 -13.98
N SER E 150 1.56 -31.65 -14.49
CA SER E 150 2.36 -30.76 -13.67
C SER E 150 2.11 -29.32 -14.10
N MET E 151 1.90 -28.45 -13.12
CA MET E 151 1.60 -27.05 -13.42
C MET E 151 2.09 -26.18 -12.27
N ARG E 152 2.21 -24.89 -12.57
CA ARG E 152 2.60 -23.88 -11.59
C ARG E 152 1.40 -23.07 -11.14
N LEU E 153 1.40 -22.69 -9.87
CA LEU E 153 0.36 -21.84 -9.32
C LEU E 153 0.96 -20.93 -8.26
N SER E 154 0.32 -19.77 -8.06
CA SER E 154 0.66 -18.86 -6.97
C SER E 154 -0.66 -18.53 -6.27
N ILE E 155 -1.05 -19.38 -5.32
CA ILE E 155 -2.33 -19.29 -4.66
C ILE E 155 -2.16 -18.52 -3.36
N THR E 156 -3.07 -17.58 -3.09
CA THR E 156 -3.07 -16.80 -1.86
C THR E 156 -4.13 -17.37 -0.94
N LEU E 157 -3.75 -18.41 -0.20
CA LEU E 157 -4.67 -19.09 0.69
C LEU E 157 -5.00 -18.19 1.89
N SER E 158 -5.98 -18.64 2.68
CA SER E 158 -6.42 -17.91 3.87
C SER E 158 -6.50 -18.85 5.05
N CYS E 159 -6.13 -18.34 6.22
CA CYS E 159 -6.20 -19.10 7.46
C CYS E 159 -6.45 -18.12 8.60
N PRO E 160 -7.44 -18.40 9.45
CA PRO E 160 -7.66 -17.53 10.62
C PRO E 160 -6.50 -17.62 11.59
N LEU E 161 -5.96 -16.46 11.97
CA LEU E 161 -4.82 -16.37 12.86
C LEU E 161 -5.29 -15.89 14.23
N ASP E 162 -4.84 -16.55 15.29
CA ASP E 162 -5.15 -16.18 16.66
C ASP E 162 -3.99 -15.35 17.20
N LEU E 163 -4.21 -14.05 17.32
CA LEU E 163 -3.17 -13.13 17.76
C LEU E 163 -3.13 -12.95 19.28
N THR E 164 -3.95 -13.69 20.02
CA THR E 164 -3.75 -13.77 21.46
C THR E 164 -2.39 -14.40 21.74
N LEU E 165 -1.79 -14.02 22.87
CA LEU E 165 -0.40 -14.29 23.18
C LEU E 165 0.48 -14.05 21.96
N PHE E 166 0.38 -12.82 21.45
CA PHE E 166 0.97 -12.47 20.15
C PHE E 166 2.47 -12.69 20.08
N PRO E 167 3.30 -12.19 20.99
CA PRO E 167 4.76 -12.33 20.80
C PRO E 167 5.25 -13.77 20.78
N MET E 168 4.52 -14.71 21.38
CA MET E 168 4.98 -16.09 21.51
C MET E 168 3.86 -17.06 21.17
N ASP E 169 3.14 -16.80 20.09
CA ASP E 169 2.03 -17.65 19.69
C ASP E 169 2.52 -18.73 18.72
N THR E 170 1.58 -19.49 18.16
CA THR E 170 1.86 -20.49 17.15
C THR E 170 0.65 -20.59 16.24
N GLN E 171 0.88 -20.57 14.93
CA GLN E 171 -0.18 -20.49 13.95
C GLN E 171 -0.19 -21.74 13.06
N ARG E 172 -1.38 -22.11 12.62
CA ARG E 172 -1.56 -23.25 11.71
C ARG E 172 -2.41 -22.80 10.53
N CYS E 173 -1.95 -23.12 9.32
CA CYS E 173 -2.62 -22.73 8.10
C CYS E 173 -2.77 -23.94 7.18
N LYS E 174 -3.89 -24.00 6.47
CA LYS E 174 -4.28 -25.16 5.69
C LYS E 174 -4.14 -24.88 4.20
N MET E 175 -4.12 -25.97 3.43
CA MET E 175 -4.08 -25.93 1.96
C MET E 175 -5.08 -26.94 1.41
N GLN E 176 -6.32 -26.89 1.91
CA GLN E 176 -7.33 -27.86 1.52
C GLN E 176 -7.55 -27.88 0.01
N LEU E 177 -7.25 -29.02 -0.61
CA LEU E 177 -7.62 -29.26 -2.00
C LEU E 177 -8.90 -30.07 -2.01
N GLU E 178 -9.86 -29.65 -2.83
CA GLU E 178 -11.20 -30.23 -2.81
C GLU E 178 -11.75 -30.33 -4.22
N SER E 179 -12.51 -31.39 -4.48
CA SER E 179 -13.22 -31.53 -5.74
C SER E 179 -14.41 -30.57 -5.77
N PHE E 180 -14.93 -30.33 -6.97
CA PHE E 180 -15.97 -29.33 -7.13
C PHE E 180 -17.23 -29.88 -7.80
N GLY E 181 -17.06 -30.88 -8.66
CA GLY E 181 -18.19 -31.36 -9.44
C GLY E 181 -18.49 -32.84 -9.31
N TYR E 182 -17.62 -33.59 -8.66
CA TYR E 182 -17.77 -35.03 -8.52
C TYR E 182 -17.76 -35.43 -7.06
N THR E 183 -18.62 -36.39 -6.71
CA THR E 183 -18.68 -36.92 -5.36
C THR E 183 -17.59 -37.95 -5.15
N THR E 184 -17.57 -38.56 -3.96
CA THR E 184 -16.61 -39.62 -3.67
C THR E 184 -16.87 -40.87 -4.51
N ASP E 185 -18.09 -41.03 -5.04
CA ASP E 185 -18.40 -42.18 -5.88
C ASP E 185 -17.80 -42.04 -7.27
N ASP E 186 -17.31 -40.85 -7.65
CA ASP E 186 -16.74 -40.62 -8.96
C ASP E 186 -15.27 -40.19 -8.92
N LEU E 187 -14.87 -39.41 -7.92
CA LEU E 187 -13.51 -38.88 -7.86
C LEU E 187 -12.99 -38.99 -6.44
N ARG E 188 -11.71 -39.32 -6.30
CA ARG E 188 -11.09 -39.48 -5.00
C ARG E 188 -9.64 -39.01 -5.06
N PHE E 189 -9.21 -38.29 -4.03
CA PHE E 189 -7.86 -37.76 -3.92
C PHE E 189 -7.14 -38.43 -2.76
N ILE E 190 -5.94 -38.95 -3.02
CA ILE E 190 -5.10 -39.53 -1.99
C ILE E 190 -3.69 -38.99 -2.16
N TRP E 191 -3.06 -38.63 -1.05
CA TRP E 191 -1.70 -38.12 -1.10
C TRP E 191 -0.71 -39.20 -1.50
N GLN E 192 0.34 -38.80 -2.20
CA GLN E 192 1.41 -39.72 -2.54
C GLN E 192 2.09 -40.21 -1.25
N SER E 193 2.37 -41.51 -1.22
CA SER E 193 2.88 -42.12 0.01
C SER E 193 4.25 -41.55 0.40
N GLY E 194 5.14 -41.39 -0.57
CA GLY E 194 6.50 -41.00 -0.28
C GLY E 194 6.69 -39.57 0.20
N ASP E 195 6.48 -38.61 -0.70
CA ASP E 195 6.75 -37.19 -0.42
C ASP E 195 5.58 -36.33 -0.83
N PRO E 196 4.66 -36.01 0.08
CA PRO E 196 3.56 -35.10 -0.27
C PRO E 196 4.04 -33.68 -0.53
N VAL E 197 4.81 -33.11 0.39
CA VAL E 197 5.31 -31.75 0.27
C VAL E 197 6.81 -31.76 0.51
N GLN E 198 7.54 -30.98 -0.30
CA GLN E 198 9.00 -31.01 -0.33
C GLN E 198 9.59 -29.61 -0.31
N LEU E 199 9.11 -28.77 0.61
CA LEU E 199 9.69 -27.45 0.77
C LEU E 199 11.15 -27.56 1.21
N GLU E 200 11.98 -26.65 0.72
CA GLU E 200 13.43 -26.77 0.92
C GLU E 200 14.07 -25.55 1.58
N LYS E 201 13.60 -24.34 1.27
CA LYS E 201 14.23 -23.13 1.79
C LYS E 201 13.24 -21.99 1.66
N ILE E 202 12.90 -21.36 2.78
CA ILE E 202 11.88 -20.30 2.77
C ILE E 202 12.44 -19.03 3.38
N ALA E 203 12.93 -19.11 4.62
CA ALA E 203 13.46 -17.97 5.37
C ALA E 203 12.41 -16.86 5.50
N LEU E 204 11.34 -17.22 6.20
CA LEU E 204 10.26 -16.27 6.44
C LEU E 204 10.77 -15.11 7.33
N PRO E 205 10.24 -13.91 7.13
CA PRO E 205 10.70 -12.76 7.93
C PRO E 205 10.26 -12.82 9.38
N GLN E 206 9.14 -13.48 9.68
CA GLN E 206 8.64 -13.51 11.05
C GLN E 206 8.15 -14.89 11.47
N PHE E 207 8.50 -15.94 10.72
CA PHE E 207 8.12 -17.30 11.06
C PHE E 207 9.25 -18.24 10.63
N ASP E 208 9.06 -19.52 10.89
CA ASP E 208 10.03 -20.54 10.50
C ASP E 208 9.40 -21.92 10.68
N ILE E 209 9.70 -22.82 9.74
CA ILE E 209 9.21 -24.19 9.83
C ILE E 209 10.07 -25.06 8.91
N LYS E 210 10.21 -26.33 9.29
CA LYS E 210 10.99 -27.28 8.51
C LYS E 210 10.15 -28.51 8.16
N LYS E 211 9.27 -28.92 9.07
CA LYS E 211 8.41 -30.07 8.86
C LYS E 211 6.97 -29.68 9.14
N GLU E 212 6.05 -30.28 8.38
CA GLU E 212 4.63 -29.97 8.51
C GLU E 212 3.82 -31.26 8.43
N ASP E 213 2.61 -31.21 8.96
CA ASP E 213 1.73 -32.36 9.05
C ASP E 213 1.18 -32.69 7.67
N ILE E 214 1.84 -33.63 6.98
CA ILE E 214 1.32 -34.13 5.71
C ILE E 214 0.06 -34.96 5.88
N GLU E 215 -0.32 -35.28 7.11
CA GLU E 215 -1.48 -36.10 7.39
C GLU E 215 -2.76 -35.28 7.29
N TYR E 216 -3.86 -35.81 7.82
CA TYR E 216 -5.18 -35.22 7.67
C TYR E 216 -5.65 -35.21 6.22
N GLY E 217 -5.03 -36.07 5.39
CA GLY E 217 -5.37 -36.10 3.99
C GLY E 217 -6.79 -36.53 3.71
N ASN E 218 -7.35 -37.41 4.56
CA ASN E 218 -8.71 -37.89 4.37
C ASN E 218 -9.74 -37.02 5.09
N CYS E 219 -9.44 -35.74 5.30
CA CYS E 219 -10.41 -34.80 5.85
C CYS E 219 -11.47 -34.54 4.78
N THR E 220 -12.59 -35.24 4.87
CA THR E 220 -13.62 -35.21 3.84
C THR E 220 -14.76 -34.30 4.27
N LYS E 221 -15.12 -33.36 3.40
CA LYS E 221 -16.21 -32.42 3.65
C LYS E 221 -17.47 -32.93 2.97
N TYR E 222 -18.56 -32.99 3.73
CA TYR E 222 -19.84 -33.46 3.24
C TYR E 222 -20.84 -32.30 3.23
N TYR E 223 -21.51 -32.11 2.11
CA TYR E 223 -22.56 -31.11 1.96
C TYR E 223 -23.89 -31.81 1.76
N LYS E 224 -24.86 -31.51 2.61
CA LYS E 224 -26.14 -32.20 2.56
C LYS E 224 -26.89 -31.85 1.28
N GLY E 225 -27.53 -32.85 0.69
CA GLY E 225 -28.20 -32.69 -0.58
C GLY E 225 -27.31 -32.85 -1.80
N THR E 226 -26.00 -33.06 -1.60
CA THR E 226 -25.09 -33.30 -2.71
C THR E 226 -24.16 -34.49 -2.46
N GLY E 227 -24.20 -35.10 -1.28
CA GLY E 227 -23.35 -36.24 -0.99
C GLY E 227 -21.96 -35.85 -0.55
N TYR E 228 -21.15 -36.87 -0.29
CA TYR E 228 -19.77 -36.65 0.13
C TYR E 228 -18.95 -36.04 -0.99
N TYR E 229 -18.13 -35.06 -0.65
CA TYR E 229 -17.20 -34.44 -1.58
C TYR E 229 -15.78 -34.69 -1.12
N THR E 230 -14.94 -35.17 -2.03
CA THR E 230 -13.56 -35.49 -1.69
C THR E 230 -12.79 -34.21 -1.35
N CYS E 231 -11.88 -34.33 -0.38
CA CYS E 231 -11.06 -33.20 0.03
C CYS E 231 -9.79 -33.73 0.69
N VAL E 232 -8.66 -33.13 0.36
CA VAL E 232 -7.37 -33.47 0.94
C VAL E 232 -6.78 -32.22 1.57
N GLU E 233 -6.32 -32.35 2.81
CA GLU E 233 -5.87 -31.21 3.60
C GLU E 233 -4.47 -31.45 4.14
N VAL E 234 -3.62 -30.43 4.05
CA VAL E 234 -2.29 -30.45 4.64
C VAL E 234 -2.15 -29.23 5.54
N ILE E 235 -1.52 -29.43 6.70
CA ILE E 235 -1.46 -28.41 7.75
C ILE E 235 -0.02 -27.97 7.93
N PHE E 236 0.21 -26.66 7.84
CA PHE E 236 1.52 -26.07 8.09
C PHE E 236 1.50 -25.39 9.45
N THR E 237 2.48 -25.73 10.30
CA THR E 237 2.58 -25.18 11.65
C THR E 237 3.61 -24.06 11.65
N LEU E 238 3.16 -22.85 11.94
CA LEU E 238 4.01 -21.66 11.91
C LEU E 238 4.26 -21.18 13.34
N ARG E 239 5.53 -21.06 13.70
CA ARG E 239 5.95 -20.51 14.98
C ARG E 239 6.62 -19.16 14.76
N ARG E 240 6.46 -18.27 15.73
CA ARG E 240 6.98 -16.91 15.64
C ARG E 240 8.21 -16.76 16.52
N GLN E 241 9.29 -16.26 15.94
CA GLN E 241 10.49 -15.95 16.71
C GLN E 241 10.25 -14.73 17.58
N VAL E 242 10.78 -14.76 18.80
CA VAL E 242 10.47 -13.75 19.81
C VAL E 242 11.71 -12.98 20.25
N GLY E 243 12.82 -13.12 19.53
CA GLY E 243 14.04 -12.44 19.94
C GLY E 243 13.92 -10.92 19.90
N PHE E 244 13.36 -10.39 18.80
CA PHE E 244 13.24 -8.94 18.66
C PHE E 244 12.32 -8.35 19.72
N TYR E 245 11.17 -9.00 19.97
CA TYR E 245 10.25 -8.49 20.97
C TYR E 245 10.84 -8.63 22.37
N MET E 246 11.58 -9.72 22.62
CA MET E 246 12.22 -9.90 23.91
C MET E 246 13.25 -8.81 24.18
N MET E 247 14.02 -8.44 23.15
CA MET E 247 15.07 -7.44 23.33
C MET E 247 14.60 -6.03 23.04
N GLY E 248 13.58 -5.85 22.20
CA GLY E 248 13.15 -4.53 21.82
C GLY E 248 12.15 -3.87 22.74
N VAL E 249 11.39 -4.67 23.49
CA VAL E 249 10.31 -4.13 24.31
C VAL E 249 10.46 -4.58 25.75
N TYR E 250 10.60 -5.89 25.96
CA TYR E 250 10.53 -6.45 27.31
C TYR E 250 11.64 -5.92 28.20
N ALA E 251 12.90 -6.02 27.75
CA ALA E 251 14.01 -5.54 28.56
C ALA E 251 13.96 -4.04 28.81
N PRO E 252 13.75 -3.18 27.80
CA PRO E 252 13.61 -1.74 28.12
C PRO E 252 12.48 -1.44 29.08
N THR E 253 11.33 -2.11 28.93
CA THR E 253 10.22 -1.86 29.84
C THR E 253 10.56 -2.31 31.26
N LEU E 254 11.22 -3.45 31.39
CA LEU E 254 11.60 -3.94 32.71
C LEU E 254 12.57 -3.00 33.39
N LEU E 255 13.56 -2.49 32.65
CA LEU E 255 14.50 -1.57 33.26
C LEU E 255 13.87 -0.21 33.54
N ILE E 256 12.85 0.17 32.76
CA ILE E 256 12.10 1.37 33.09
C ILE E 256 11.35 1.19 34.41
N VAL E 257 10.78 0.00 34.62
CA VAL E 257 10.13 -0.28 35.90
C VAL E 257 11.15 -0.26 37.04
N VAL E 258 12.36 -0.75 36.78
CA VAL E 258 13.43 -0.68 37.78
C VAL E 258 13.75 0.77 38.12
N LEU E 259 13.85 1.63 37.10
CA LEU E 259 14.06 3.05 37.35
C LEU E 259 12.92 3.66 38.14
N SER E 260 11.69 3.21 37.87
CA SER E 260 10.54 3.69 38.65
C SER E 260 10.69 3.30 40.12
N TRP E 261 11.15 2.09 40.39
CA TRP E 261 11.45 1.71 41.77
C TRP E 261 12.53 2.60 42.37
N LEU E 262 13.54 2.94 41.56
CA LEU E 262 14.74 3.64 42.03
C LEU E 262 14.43 4.89 42.85
N SER E 263 13.25 5.49 42.66
CA SER E 263 12.92 6.72 43.38
C SER E 263 12.68 6.50 44.87
N PHE E 264 12.58 5.24 45.32
CA PHE E 264 12.28 5.00 46.73
C PHE E 264 13.45 5.32 47.64
N TRP E 265 14.69 5.22 47.14
CA TRP E 265 15.86 5.41 47.96
C TRP E 265 16.24 6.88 48.14
N ILE E 266 15.67 7.78 47.35
CA ILE E 266 15.97 9.21 47.48
C ILE E 266 15.25 9.75 48.71
N ASN E 267 15.81 10.82 49.28
CA ASN E 267 15.27 11.38 50.52
C ASN E 267 13.87 11.93 50.28
N PRO E 268 12.95 11.78 51.24
CA PRO E 268 11.60 12.34 51.05
C PRO E 268 11.58 13.84 50.87
N ASP E 269 12.52 14.57 51.47
CA ASP E 269 12.54 16.02 51.34
C ASP E 269 12.85 16.47 49.92
N ALA E 270 13.48 15.62 49.11
CA ALA E 270 13.82 15.97 47.74
C ALA E 270 12.61 15.73 46.81
N SER E 271 11.56 16.51 47.04
CA SER E 271 10.37 16.42 46.21
C SER E 271 10.68 16.80 44.76
N ALA E 272 11.42 17.90 44.57
CA ALA E 272 11.76 18.37 43.23
C ALA E 272 12.67 17.40 42.49
N ALA E 273 13.26 16.43 43.19
CA ALA E 273 14.09 15.41 42.56
C ALA E 273 13.40 14.06 42.44
N ARG E 274 12.39 13.78 43.25
CA ARG E 274 11.72 12.48 43.16
C ARG E 274 10.45 12.52 42.33
N VAL E 275 9.74 13.65 42.28
CA VAL E 275 8.58 13.75 41.39
C VAL E 275 8.97 13.60 39.92
N PRO E 276 10.00 14.29 39.40
CA PRO E 276 10.37 14.10 37.99
C PRO E 276 10.71 12.67 37.63
N LEU E 277 11.38 11.94 38.51
CA LEU E 277 11.76 10.57 38.19
C LEU E 277 10.53 9.72 37.90
N GLY E 278 9.56 9.72 38.81
CA GLY E 278 8.36 8.93 38.60
C GLY E 278 7.54 9.41 37.42
N ILE E 279 7.34 10.73 37.29
CA ILE E 279 6.47 11.21 36.22
C ILE E 279 7.11 10.97 34.85
N PHE E 280 8.43 11.10 34.75
CA PHE E 280 9.09 10.83 33.48
C PHE E 280 9.18 9.34 33.20
N SER E 281 9.24 8.50 34.24
CA SER E 281 9.12 7.06 33.99
C SER E 281 7.76 6.73 33.41
N VAL E 282 6.69 7.31 33.96
CA VAL E 282 5.35 7.10 33.43
C VAL E 282 5.25 7.62 31.99
N LEU E 283 5.83 8.81 31.75
CA LEU E 283 5.82 9.38 30.40
C LEU E 283 6.58 8.49 29.41
N SER E 284 7.72 7.95 29.83
CA SER E 284 8.49 7.05 28.97
C SER E 284 7.69 5.80 28.65
N LEU E 285 7.02 5.22 29.65
CA LEU E 285 6.19 4.05 29.39
C LEU E 285 5.06 4.38 28.42
N ALA E 286 4.37 5.51 28.62
CA ALA E 286 3.28 5.87 27.74
C ALA E 286 3.76 6.13 26.32
N SER E 287 4.88 6.83 26.18
CA SER E 287 5.43 7.11 24.86
C SER E 287 5.85 5.84 24.15
N GLU E 288 6.48 4.92 24.89
CA GLU E 288 6.89 3.65 24.28
C GLU E 288 5.68 2.86 23.83
N CYS E 289 4.61 2.82 24.65
CA CYS E 289 3.41 2.10 24.26
C CYS E 289 2.78 2.72 23.01
N THR E 290 2.67 4.04 22.98
CA THR E 290 2.05 4.71 21.84
C THR E 290 2.86 4.51 20.57
N THR E 291 4.19 4.56 20.67
CA THR E 291 5.02 4.39 19.49
C THR E 291 5.03 2.93 19.02
N LEU E 292 5.01 1.99 19.96
CA LEU E 292 4.91 0.57 19.58
C LEU E 292 3.57 0.28 18.92
N ALA E 293 2.53 1.02 19.31
CA ALA E 293 1.27 0.96 18.57
C ALA E 293 1.50 1.39 17.14
N ALA E 294 0.75 0.79 16.22
CA ALA E 294 0.83 0.92 14.76
C ALA E 294 2.04 0.16 14.21
N GLU E 295 2.87 -0.42 15.06
CA GLU E 295 3.90 -1.36 14.63
C GLU E 295 3.50 -2.80 14.87
N LEU E 296 2.70 -3.05 15.89
CA LEU E 296 2.08 -4.35 16.11
C LEU E 296 0.91 -4.54 15.15
N PRO E 297 0.45 -5.78 14.95
CA PRO E 297 -0.74 -5.99 14.13
C PRO E 297 -1.93 -5.23 14.70
N LYS E 298 -2.73 -4.65 13.80
CA LYS E 298 -3.83 -3.77 14.18
C LYS E 298 -5.10 -4.60 14.36
N VAL E 299 -5.20 -5.23 15.52
CA VAL E 299 -6.39 -5.98 15.92
C VAL E 299 -6.84 -5.49 17.28
N SER E 300 -8.15 -5.54 17.52
CA SER E 300 -8.74 -5.03 18.75
C SER E 300 -9.15 -6.19 19.63
N TYR E 301 -8.18 -6.70 20.41
CA TYR E 301 -8.44 -7.61 21.52
C TYR E 301 -7.15 -7.75 22.31
N VAL E 302 -7.29 -8.20 23.56
CA VAL E 302 -6.17 -8.22 24.49
C VAL E 302 -5.07 -9.14 23.96
N LYS E 303 -3.82 -8.74 24.22
CA LYS E 303 -2.66 -9.52 23.83
C LYS E 303 -1.67 -9.56 24.99
N ALA E 304 -0.73 -10.51 24.92
CA ALA E 304 0.26 -10.66 25.98
C ALA E 304 1.12 -9.41 26.10
N LEU E 305 1.52 -8.82 24.98
CA LEU E 305 2.31 -7.60 25.01
C LEU E 305 1.53 -6.45 25.63
N ASP E 306 0.23 -6.34 25.29
CA ASP E 306 -0.60 -5.30 25.89
C ASP E 306 -0.72 -5.49 27.39
N VAL E 307 -0.90 -6.74 27.85
CA VAL E 307 -1.00 -7.00 29.28
C VAL E 307 0.30 -6.62 29.98
N TRP E 308 1.43 -6.98 29.38
CA TRP E 308 2.72 -6.63 29.97
C TRP E 308 2.89 -5.11 30.07
N LEU E 309 2.56 -4.39 28.99
CA LEU E 309 2.72 -2.95 28.99
C LEU E 309 1.81 -2.28 30.01
N ILE E 310 0.55 -2.72 30.09
CA ILE E 310 -0.36 -2.09 31.04
C ILE E 310 0.04 -2.40 32.47
N ALA E 311 0.57 -3.61 32.72
CA ALA E 311 1.04 -3.93 34.06
C ALA E 311 2.23 -3.08 34.46
N CYS E 312 3.17 -2.86 33.53
CA CYS E 312 4.31 -2.00 33.83
C CYS E 312 3.88 -0.56 34.07
N LEU E 313 2.93 -0.08 33.26
CA LEU E 313 2.40 1.28 33.47
C LEU E 313 1.72 1.38 34.83
N LEU E 314 0.97 0.34 35.22
CA LEU E 314 0.34 0.33 36.53
C LEU E 314 1.37 0.31 37.65
N PHE E 315 2.50 -0.38 37.47
CA PHE E 315 3.54 -0.38 38.49
C PHE E 315 4.17 1.00 38.64
N GLY E 316 4.44 1.68 37.53
CA GLY E 316 4.94 3.04 37.61
C GLY E 316 3.95 3.98 38.29
N PHE E 317 2.67 3.84 37.93
CA PHE E 317 1.61 4.61 38.57
C PHE E 317 1.57 4.34 40.07
N ALA E 318 1.71 3.08 40.46
CA ALA E 318 1.70 2.72 41.87
C ALA E 318 2.90 3.32 42.60
N SER E 319 4.06 3.37 41.94
CA SER E 319 5.22 4.01 42.54
C SER E 319 4.95 5.49 42.80
N LEU E 320 4.35 6.18 41.82
CA LEU E 320 4.04 7.59 42.02
C LEU E 320 3.01 7.78 43.12
N VAL E 321 2.01 6.90 43.19
CA VAL E 321 1.00 7.00 44.25
C VAL E 321 1.64 6.76 45.62
N GLU E 322 2.58 5.81 45.69
CA GLU E 322 3.29 5.57 46.94
C GLU E 322 4.07 6.80 47.37
N TYR E 323 4.72 7.47 46.42
CA TYR E 323 5.39 8.72 46.76
C TYR E 323 4.40 9.77 47.24
N ALA E 324 3.22 9.83 46.63
CA ALA E 324 2.21 10.78 47.08
C ALA E 324 1.79 10.49 48.52
N VAL E 325 1.62 9.22 48.86
CA VAL E 325 1.28 8.84 50.23
C VAL E 325 2.41 9.24 51.18
N VAL E 326 3.65 9.01 50.76
CA VAL E 326 4.79 9.42 51.59
C VAL E 326 4.77 10.92 51.83
N GLN E 327 4.49 11.70 50.78
CA GLN E 327 4.49 13.16 50.91
C GLN E 327 3.37 13.62 51.83
N VAL E 328 2.17 13.06 51.68
CA VAL E 328 1.06 13.49 52.52
C VAL E 328 1.28 13.08 53.97
N MET E 329 1.91 11.92 54.21
CA MET E 329 2.26 11.55 55.58
C MET E 329 3.31 12.49 56.15
N LEU E 330 4.29 12.88 55.34
CA LEU E 330 5.33 13.80 55.80
C LEU E 330 4.74 15.16 56.16
N ASN E 331 3.82 15.66 55.35
CA ASN E 331 3.29 17.03 55.62
C ASN E 331 2.08 16.90 56.55
N VAL E 648 5.83 16.56 68.88
CA VAL E 648 6.77 16.07 67.89
C VAL E 648 6.11 15.05 66.98
N ILE E 649 6.12 15.34 65.68
CA ILE E 649 5.50 14.42 64.71
C ILE E 649 6.34 13.15 64.61
N PRO E 650 5.73 11.97 64.54
CA PRO E 650 6.53 10.73 64.46
C PRO E 650 7.26 10.58 63.14
N THR E 651 6.77 11.21 62.07
CA THR E 651 7.36 11.12 60.74
C THR E 651 7.47 9.67 60.29
N ALA E 652 6.30 9.05 60.15
CA ALA E 652 6.21 7.64 59.75
C ALA E 652 6.13 7.49 58.23
N ALA E 653 7.06 8.13 57.53
CA ALA E 653 7.19 8.00 56.08
C ALA E 653 8.35 7.10 55.68
N LYS E 654 9.46 7.16 56.42
CA LYS E 654 10.56 6.23 56.17
C LYS E 654 10.13 4.79 56.37
N ARG E 655 9.17 4.55 57.27
CA ARG E 655 8.61 3.21 57.41
C ARG E 655 7.85 2.80 56.13
N ILE E 656 7.13 3.75 55.52
CA ILE E 656 6.47 3.46 54.26
C ILE E 656 7.49 3.15 53.18
N ASP E 657 8.60 3.88 53.15
CA ASP E 657 9.65 3.59 52.18
C ASP E 657 10.27 2.21 52.42
N LEU E 658 10.47 1.85 53.70
CA LEU E 658 10.99 0.53 54.02
C LEU E 658 10.02 -0.56 53.56
N TYR E 659 8.72 -0.33 53.73
CA TYR E 659 7.73 -1.26 53.21
C TYR E 659 7.83 -1.38 51.70
N ALA E 660 7.92 -0.24 51.01
CA ALA E 660 7.90 -0.24 49.55
C ALA E 660 9.12 -0.91 48.96
N ARG E 661 10.29 -0.70 49.58
CA ARG E 661 11.54 -1.25 49.06
C ARG E 661 11.47 -2.77 48.88
N ALA E 662 10.73 -3.46 49.75
CA ALA E 662 10.55 -4.89 49.63
C ALA E 662 9.19 -5.29 49.08
N LEU E 663 8.26 -4.34 48.97
CA LEU E 663 6.94 -4.65 48.42
C LEU E 663 6.94 -4.61 46.89
N PHE E 664 7.62 -3.61 46.30
CA PHE E 664 7.56 -3.46 44.85
C PHE E 664 8.34 -4.54 44.11
N PRO E 665 9.62 -4.78 44.39
CA PRO E 665 10.32 -5.85 43.65
C PRO E 665 9.70 -7.21 43.83
N PHE E 666 9.23 -7.53 45.05
CA PHE E 666 8.63 -8.84 45.29
C PHE E 666 7.34 -9.02 44.48
N CYS E 667 6.48 -7.99 44.49
CA CYS E 667 5.24 -8.08 43.74
C CYS E 667 5.51 -8.16 42.25
N PHE E 668 6.48 -7.39 41.75
CA PHE E 668 6.80 -7.44 40.33
C PHE E 668 7.35 -8.81 39.94
N LEU E 669 8.20 -9.39 40.77
CA LEU E 669 8.74 -10.72 40.46
C LEU E 669 7.65 -11.77 40.49
N PHE E 670 6.72 -11.67 41.46
CA PHE E 670 5.61 -12.61 41.52
C PHE E 670 4.74 -12.50 40.28
N PHE E 671 4.43 -11.26 39.86
CA PHE E 671 3.64 -11.06 38.65
C PHE E 671 4.36 -11.60 37.42
N ASN E 672 5.67 -11.36 37.34
CA ASN E 672 6.44 -11.86 36.20
C ASN E 672 6.43 -13.37 36.14
N VAL E 673 6.58 -14.03 37.30
CA VAL E 673 6.56 -15.48 37.34
C VAL E 673 5.20 -15.99 36.89
N ILE E 674 4.12 -15.40 37.41
CA ILE E 674 2.77 -15.82 37.02
C ILE E 674 2.56 -15.61 35.52
N TYR E 675 3.00 -14.46 35.00
CA TYR E 675 2.81 -14.13 33.59
C TYR E 675 3.51 -15.13 32.69
N TRP E 676 4.79 -15.41 32.97
CA TRP E 676 5.53 -16.36 32.14
C TRP E 676 4.96 -17.76 32.26
N SER E 677 4.58 -18.17 33.48
CA SER E 677 4.04 -19.52 33.67
C SER E 677 2.71 -19.70 32.96
N ILE E 678 1.90 -18.65 32.87
CA ILE E 678 0.60 -18.77 32.24
C ILE E 678 0.62 -18.49 30.74
N TYR E 679 1.61 -17.75 30.24
CA TYR E 679 1.69 -17.45 28.82
C TYR E 679 2.83 -18.18 28.12
N LEU E 680 3.47 -19.14 28.79
CA LEU E 680 4.53 -19.91 28.15
C LEU E 680 4.54 -21.34 28.65
C1 NAG F . 24.78 -29.61 -28.32
C2 NAG F . 25.41 -29.91 -29.67
C3 NAG F . 25.37 -31.42 -29.88
C4 NAG F . 26.09 -32.09 -28.71
C5 NAG F . 25.42 -31.68 -27.39
C6 NAG F . 26.12 -32.33 -26.22
C7 NAG F . 23.38 -29.32 -30.94
C8 NAG F . 22.68 -28.00 -30.98
N2 NAG F . 24.71 -29.27 -30.76
O3 NAG F . 26.03 -31.76 -31.11
O4 NAG F . 26.02 -33.51 -28.85
O5 NAG F . 25.44 -30.26 -27.25
O6 NAG F . 25.35 -32.11 -25.05
O7 NAG F . 22.79 -30.38 -31.08
C1 HEX G . 34.58 8.10 6.48
C2 HEX G . 34.36 8.08 7.98
C3 HEX G . 33.63 9.28 8.50
C4 HEX G . 33.40 9.27 9.99
C5 HEX G . 32.66 10.48 10.52
C6 HEX G . 32.42 10.48 12.01
H11 HEX G . 35.07 7.30 6.20
H12 HEX G . 35.10 8.89 6.24
H13 HEX G . 33.72 8.13 6.03
H21 HEX G . 35.24 8.03 8.42
H22 HEX G . 33.87 7.27 8.21
H31 HEX G . 32.75 9.33 8.06
H32 HEX G . 34.13 10.09 8.26
H41 HEX G . 34.28 9.22 10.43
H42 HEX G . 32.90 8.46 10.23
H51 HEX G . 31.79 10.52 10.07
H52 HEX G . 33.16 11.29 10.27
H61 HEX G . 32.85 11.27 12.40
H62 HEX G . 32.81 9.68 12.41
H63 HEX G . 31.47 10.50 12.20
C1 UND H . 32.91 6.76 17.34
C2 UND H . 32.84 5.99 16.05
C3 UND H . 33.98 6.26 15.10
C4 UND H . 34.00 5.41 13.87
C5 UND H . 32.92 5.73 12.87
C6 UND H . 33.02 4.96 11.58
C7 UND H . 31.94 5.28 10.58
C8 UND H . 31.95 4.42 9.34
C9 UND H . 33.10 4.70 8.40
C10 UND H . 33.05 3.94 7.10
C11 UND H . 34.20 4.20 6.16
H11 UND H . 32.15 6.54 17.90
H12 UND H . 32.90 7.72 17.14
H13 UND H . 33.74 6.54 17.81
H21 UND H . 32.00 6.20 15.58
H22 UND H . 32.83 5.02 16.25
H31 UND H . 34.83 6.14 15.59
H32 UND H . 33.94 7.21 14.83
H41 UND H . 33.91 4.46 14.14
H42 UND H . 34.87 5.50 13.42
H51 UND H . 32.96 6.69 12.67
H52 UND H . 32.04 5.55 13.28
H61 UND H . 32.98 4.00 11.78
H62 UND H . 33.89 5.14 11.16
H71 UND H . 32.02 6.22 10.31
H72 UND H . 31.06 5.18 11.02
H81 UND H . 31.11 4.55 8.86
H82 UND H . 32.00 3.48 9.61
H91 UND H . 33.94 4.49 8.86
H92 UND H . 33.11 5.66 8.20
H101 UND H . 32.21 4.16 6.64
H102 UND H . 33.02 2.98 7.31
H111 UND H . 34.68 3.36 5.98
H112 UND H . 34.82 4.84 6.55
H113 UND H . 33.86 4.55 5.32
C1 UND I . 37.30 2.01 17.80
C2 UND I . 37.24 1.19 16.53
C3 UND I . 38.47 1.33 15.65
C4 UND I . 38.49 0.43 14.45
C5 UND I . 37.51 0.80 13.37
C6 UND I . 37.62 -0.02 12.11
C7 UND I . 36.63 0.36 11.04
C8 UND I . 36.65 -0.55 9.83
C9 UND I . 37.88 -0.40 8.96
C10 UND I . 37.84 -1.21 7.69
C11 UND I . 39.08 -1.10 6.81
H11 UND I . 36.48 1.87 18.31
H12 UND I . 37.39 2.95 17.56
H13 UND I . 38.07 1.73 18.32
H21 UND I . 36.45 1.46 16.00
H22 UND I . 37.13 0.24 16.76
H31 UND I . 39.26 1.15 16.20
H32 UND I . 38.52 2.27 15.35
H41 UND I . 38.29 -0.49 14.75
H42 UND I . 39.39 0.42 14.07
H51 UND I . 37.64 1.75 13.14
H52 UND I . 36.59 0.72 13.73
H61 UND I . 37.48 -0.96 12.35
H62 UND I . 38.52 0.07 11.75
H71 UND I . 36.83 1.27 10.74
H72 UND I . 35.73 0.36 11.41
H81 UND I . 35.85 -0.37 9.29
H82 UND I . 36.59 -1.49 10.13
H91 UND I . 38.66 -0.68 9.48
H92 UND I . 37.99 0.54 8.73
H101 UND I . 37.06 -0.94 7.17
H102 UND I . 37.72 -2.16 7.93
H111 UND I . 39.48 -1.97 6.71
H112 UND I . 39.71 -0.49 7.23
H113 UND I . 38.82 -0.75 5.94
C1 DD9 J . 39.93 12.68 35.31
C2 DD9 J . 40.01 12.23 33.87
C3 DD9 J . 38.81 12.60 33.05
C4 DD9 J . 38.88 12.16 31.61
C5 DD9 J . 37.67 12.54 30.79
C6 DD9 J . 37.74 12.10 29.34
C7 DD9 J . 36.53 12.47 28.53
C8 DD9 J . 36.60 12.03 27.08
C9 DD9 J . 35.38 12.40 26.25
H1 DD9 J . 40.74 12.41 35.78
H1A DD9 J . 39.15 12.28 35.73
H1B DD9 J . 39.85 13.65 35.35
H2 DD9 J . 40.13 11.25 33.85
H2A DD9 J . 40.82 12.63 33.46
H3 DD9 J . 38.71 13.58 33.08
H3A DD9 J . 38.02 12.21 33.46
H4 DD9 J . 38.98 11.19 31.58
H4A DD9 J . 39.68 12.56 31.20
H5 DD9 J . 37.56 13.51 30.81
H5A DD9 J . 36.88 12.14 31.20
H6 DD9 J . 37.84 11.12 29.32
H6A DD9 J . 38.53 12.49 28.94
H7 DD9 J . 36.43 13.45 28.55
H7A DD9 J . 35.73 12.08 28.94
H8 DD9 J . 36.71 11.05 27.06
H8A DD9 J . 37.40 12.42 26.68
H9 DD9 J . 35.67 12.97 25.51
H9A DD9 J . 34.74 12.88 26.79
H9B DD9 J . 34.98 11.59 25.88
C1 NBU K . 37.25 -10.06 19.03
C2 NBU K . 38.17 -8.93 18.67
C3 NBU K . 38.98 -8.40 19.82
C4 NBU K . 38.20 -7.63 20.86
H11 NBU K . 36.75 -10.36 18.24
H12 NBU K . 36.60 -9.76 19.70
H13 NBU K . 37.76 -10.80 19.39
H21 NBU K . 37.65 -8.19 18.30
H22 NBU K . 38.78 -9.24 17.97
H31 NBU K . 39.68 -7.82 19.46
H32 NBU K . 39.41 -9.17 20.26
H41 NBU K . 38.28 -8.08 21.73
H42 NBU K . 37.27 -7.58 20.61
H43 NBU K . 38.56 -6.73 20.94
C1 HEX L . 30.78 -15.16 16.83
C2 HEX L . 31.74 -14.72 17.92
C3 HEX L . 31.14 -13.73 18.88
C4 HEX L . 32.08 -13.29 19.97
C5 HEX L . 31.49 -12.29 20.94
C6 HEX L . 32.41 -11.83 22.04
H11 HEX L . 31.23 -15.80 16.24
H12 HEX L . 30.50 -14.39 16.32
H13 HEX L . 30.00 -15.59 17.23
H21 HEX L . 32.53 -14.32 17.50
H22 HEX L . 32.04 -15.51 18.42
H31 HEX L . 30.34 -14.14 19.29
H32 HEX L . 30.84 -12.95 18.38
H41 HEX L . 32.87 -12.88 19.56
H42 HEX L . 32.38 -14.07 20.48
H51 HEX L . 30.69 -12.70 21.35
H52 HEX L . 31.18 -11.50 20.43
H61 HEX L . 32.52 -10.87 21.99
H62 HEX L . 33.29 -12.26 21.95
H63 HEX L . 32.03 -12.06 22.91
C20 HP6 M . 26.31 -12.58 17.78
C21 HP6 M . 26.46 -11.96 19.15
C22 HP6 M . 27.18 -10.64 19.14
C23 HP6 M . 27.34 -10.00 20.51
C24 HP6 M . 28.06 -8.68 20.49
C25 HP6 M . 28.21 -8.05 21.86
C26 HP6 M . 28.94 -6.71 21.86
H201 HP6 M . 25.84 -13.42 17.85
H202 HP6 M . 27.19 -12.72 17.39
H203 HP6 M . 25.81 -11.97 17.21
H211 HP6 M . 26.96 -12.59 19.73
H212 HP6 M . 25.57 -11.83 19.54
H221 HP6 M . 26.69 -10.01 18.56
H222 HP6 M . 28.07 -10.76 18.75
H231 HP6 M . 27.83 -10.62 21.08
H232 HP6 M . 26.45 -9.88 20.90
H241 HP6 M . 27.57 -8.06 19.92
H242 HP6 M . 28.95 -8.80 20.10
H251 HP6 M . 28.70 -8.67 22.44
H252 HP6 M . 27.32 -7.92 22.24
H261 HP6 M . 28.35 -6.03 22.24
H262 HP6 M . 29.18 -6.46 20.95
H263 HP6 M . 29.74 -6.78 22.42
C20 HP6 N . 36.49 -2.05 32.50
C21 HP6 N . 36.67 -1.53 33.90
C22 HP6 N . 37.75 -0.48 34.02
C23 HP6 N . 37.95 0.05 35.41
C24 HP6 N . 39.03 1.09 35.53
C25 HP6 N . 39.23 1.63 36.93
C26 HP6 N . 40.31 2.68 37.07
H201 HP6 N . 35.79 -2.72 32.47
H202 HP6 N . 37.33 -2.45 32.17
H203 HP6 N . 36.25 -1.32 31.90
H211 HP6 N . 36.91 -2.28 34.49
H212 HP6 N . 35.83 -1.15 34.21
H221 HP6 N . 37.53 0.26 33.43
H222 HP6 N . 38.60 -0.86 33.71
H231 HP6 N . 38.18 -0.70 36.01
H232 HP6 N . 37.11 0.43 35.73
H241 HP6 N . 38.80 1.85 34.94
H242 HP6 N . 39.88 0.71 35.22
H251 HP6 N . 39.45 0.89 37.52
H252 HP6 N . 38.38 2.01 37.24
H261 HP6 N . 39.92 3.51 37.42
H262 HP6 N . 40.71 2.87 36.21
H263 HP6 N . 40.99 2.37 37.68
C1 NBU O . 31.22 0.22 36.03
C2 NBU O . 32.58 0.62 36.53
C3 NBU O . 32.77 0.41 38.01
C4 NBU O . 32.01 1.36 38.91
H11 NBU O . 31.16 0.38 35.07
H12 NBU O . 30.54 0.76 36.48
H13 NBU O . 31.06 -0.72 36.22
H21 NBU O . 32.74 1.57 36.32
H22 NBU O . 33.26 0.08 36.05
H31 NBU O . 33.73 0.50 38.21
H32 NBU O . 32.51 -0.51 38.23
H41 NBU O . 31.40 0.85 39.47
H42 NBU O . 31.50 1.98 38.36
H43 NBU O . 32.63 1.86 39.46
C1 UND P . 30.36 -0.37 48.72
C2 UND P . 29.82 0.16 47.42
C3 UND P . 28.75 -0.70 46.81
C4 UND P . 28.11 -0.11 45.57
C5 UND P . 29.00 -0.12 44.35
C6 UND P . 28.31 0.34 43.10
C7 UND P . 29.20 0.34 41.87
C8 UND P . 28.56 0.92 40.64
C9 UND P . 27.48 0.07 40.03
C10 UND P . 26.93 0.58 38.73
C11 UND P . 25.83 -0.26 38.11
H11 UND P . 31.05 0.22 49.06
H12 UND P . 30.74 -1.26 48.59
H13 UND P . 29.63 -0.43 49.38
H21 UND P . 30.57 0.23 46.78
H22 UND P . 29.46 1.06 47.57
H31 UND P . 28.05 -0.85 47.49
H32 UND P . 29.13 -1.57 46.59
H41 UND P . 27.84 0.82 45.77
H42 UND P . 27.29 -0.62 45.38
H51 UND P . 29.33 -1.03 44.22
H52 UND P . 29.77 0.46 44.52
H61 UND P . 27.98 1.26 43.23
H62 UND P . 27.54 -0.24 42.92
H71 UND P . 29.46 -0.59 41.68
H72 UND P . 30.02 0.84 42.08
H81 UND P . 29.26 1.07 39.96
H82 UND P . 28.17 1.79 40.87
H91 UND P . 26.74 -0.01 40.67
H92 UND P . 27.84 -0.84 39.88
H101 UND P . 27.67 0.64 38.08
H102 UND P . 26.59 1.49 38.87
H111 UND P . 25.02 0.28 38.02
H112 UND P . 25.64 -1.03 38.68
H113 UND P . 26.10 -0.56 37.23
C1 UND Q . 25.78 -0.46 52.08
C2 UND Q . 24.84 -0.82 50.96
C3 UND Q . 25.12 -0.08 49.67
C4 UND Q . 24.29 -0.53 48.50
C5 UND Q . 22.84 -0.10 48.58
C6 UND Q . 22.03 -0.43 47.35
C7 UND Q . 20.58 0.01 47.43
C8 UND Q . 19.74 -0.44 46.25
C9 UND Q . 20.04 0.29 44.97
C10 UND Q . 19.11 -0.05 43.83
C11 UND Q . 19.41 0.66 42.52
H11 UND Q . 25.53 -0.96 52.88
H12 UND Q . 25.71 0.49 52.27
H13 UND Q . 26.69 -0.68 51.83
H21 UND Q . 23.91 -0.62 51.23
H22 UND Q . 24.89 -1.79 50.78
H31 UND Q . 26.07 -0.21 49.45
H32 UND Q . 24.98 0.88 49.82
H41 UND Q . 24.32 -1.51 48.44
H42 UND Q . 24.68 -0.16 47.68
H51 UND Q . 22.81 0.87 48.73
H52 UND Q . 22.42 -0.54 49.35
H61 UND Q . 22.06 -1.39 47.20
H62 UND Q . 22.45 0.01 46.57
H71 UND Q . 20.55 0.99 47.49
H72 UND Q . 20.20 -0.36 48.26
H81 UND Q . 18.79 -0.32 46.48
H82 UND Q . 19.88 -1.40 46.11
H91 UND Q . 20.96 0.09 44.69
H92 UND Q . 19.99 1.26 45.14
H101 UND Q . 18.19 0.16 44.10
H102 UND Q . 19.16 -1.02 43.68
H111 UND Q . 19.60 0.00 41.84
H112 UND Q . 20.17 1.26 42.64
H113 UND Q . 18.62 1.18 42.26
C1 HEX R . 29.45 8.87 3.92
C2 HEX R . 30.04 8.87 5.31
C3 HEX R . 29.41 9.88 6.23
C4 HEX R . 29.99 9.90 7.63
C5 HEX R . 29.36 10.92 8.55
C6 HEX R . 29.93 10.95 9.95
H11 HEX R . 29.89 8.19 3.38
H12 HEX R . 29.57 9.74 3.52
H13 HEX R . 28.50 8.66 3.97
H21 HEX R . 31.00 9.06 5.24
H22 HEX R . 29.94 7.98 5.70
H31 HEX R . 28.45 9.70 6.30
H32 HEX R . 29.51 10.78 5.83
H41 HEX R . 30.95 10.09 7.56
H42 HEX R . 29.89 9.01 8.02
H51 HEX R . 28.40 10.74 8.61
H52 HEX R . 29.46 11.81 8.15
H61 HEX R . 30.30 11.84 10.14
H62 HEX R . 30.64 10.29 10.04
H63 HEX R . 29.22 10.76 10.59
C1 NAG S . -45.13 -17.26 -12.37
C2 NAG S . -44.44 -18.49 -11.84
C3 NAG S . -45.01 -18.84 -10.49
C4 NAG S . -44.91 -17.65 -9.55
C5 NAG S . -45.38 -16.36 -10.22
C6 NAG S . -45.02 -15.16 -9.35
C7 NAG S . -43.46 -20.04 -13.38
C8 NAG S . -42.37 -20.56 -12.49
N2 NAG S . -44.54 -19.60 -12.76
O3 NAG S . -44.30 -19.95 -9.94
O4 NAG S . -45.70 -17.88 -8.39
O5 NAG S . -44.76 -16.20 -11.50
O6 NAG S . -43.67 -15.30 -8.92
O7 NAG S . -43.34 -20.01 -14.60
C1 UND T . -5.52 10.06 55.65
C2 UND T . -5.21 9.63 54.23
C3 UND T . -4.34 10.60 53.49
C4 UND T . -3.92 10.12 52.12
C5 UND T . -5.03 10.12 51.10
C6 UND T . -4.57 9.77 49.70
C7 UND T . -5.68 9.77 48.67
C8 UND T . -5.26 9.29 47.31
C9 UND T . -4.38 10.26 46.56
C10 UND T . -4.06 9.86 45.14
C11 UND T . -3.16 10.81 44.38
H11 UND T . -6.08 9.39 56.08
H12 UND T . -5.98 10.91 55.64
H13 UND T . -4.69 10.15 56.15
H21 UND T . -6.06 9.53 53.75
H22 UND T . -4.77 8.75 54.26
H31 UND T . -3.54 10.78 54.02
H32 UND T . -4.82 11.45 53.40
H41 UND T . -3.55 9.22 52.20
H42 UND T . -3.19 10.70 51.80
H51 UND T . -5.45 11.01 51.08
H52 UND T . -5.71 9.48 51.38
H61 UND T . -4.16 8.89 49.72
H62 UND T . -3.89 10.42 49.41
H71 UND T . -6.05 10.68 48.59
H72 UND T . -6.41 9.19 49.00
H81 UND T . -6.06 9.12 46.77
H82 UND T . -4.77 8.45 47.40
H91 UND T . -3.54 10.37 47.05
H92 UND T . -4.82 11.13 46.54
H101 UND T . -4.91 9.76 44.64
H102 UND T . -3.64 8.97 45.15
H111 UND T . -2.36 10.34 44.11
H112 UND T . -2.93 11.56 44.94
H113 UND T . -3.63 11.14 43.59
C1 UND U . -11.94 14.39 54.12
C2 UND U . -11.68 13.34 53.06
C3 UND U . -10.39 13.53 52.32
C4 UND U . -10.06 12.43 51.34
C5 UND U . -10.92 12.41 50.11
C6 UND U . -10.51 11.39 49.08
C7 UND U . -11.37 11.37 47.84
C8 UND U . -11.05 10.26 46.87
C9 UND U . -9.74 10.46 46.13
C10 UND U . -9.48 9.42 45.06
C11 UND U . -8.16 9.58 44.32
H11 UND U . -12.78 14.22 54.56
H12 UND U . -11.96 15.27 53.70
H13 UND U . -11.22 14.36 54.77
H21 UND U . -12.42 13.37 52.41
H22 UND U . -11.68 12.45 53.48
H31 UND U . -9.66 13.60 52.96
H32 UND U . -10.42 14.37 51.83
H41 UND U . -10.15 11.56 51.80
H42 UND U . -9.12 12.52 51.07
H51 UND U . -10.90 13.30 49.69
H52 UND U . -11.85 12.23 50.37
H61 UND U . -10.54 10.50 49.49
H62 UND U . -9.59 11.57 48.81
H71 UND U . -11.28 12.24 47.38
H72 UND U . -12.31 11.28 48.11
H81 UND U . -11.77 10.20 46.21
H82 UND U . -11.01 9.42 47.36
H91 UND U . -9.00 10.43 46.78
H92 UND U . -9.74 11.34 45.72
H101 UND U . -10.21 9.45 44.41
H102 UND U . -9.50 8.52 45.48
H111 UND U . -7.62 8.79 44.46
H112 UND U . -7.68 10.36 44.66
H113 UND U . -8.34 9.70 43.37
C20 HP6 V . -18.18 -2.04 29.51
C21 HP6 V . -17.62 -1.52 30.81
C22 HP6 V . -16.46 -0.57 30.64
C23 HP6 V . -15.89 -0.05 31.93
C24 HP6 V . -14.73 0.90 31.77
C25 HP6 V . -14.16 1.44 33.06
C26 HP6 V . -12.99 2.38 32.90
H201 HP6 V . -18.92 -2.64 29.68
H202 HP6 V . -17.48 -2.52 29.02
H203 HP6 V . -18.48 -1.28 28.97
H211 HP6 V . -17.33 -2.28 31.36
H212 HP6 V . -18.33 -1.06 31.30
H221 HP6 V . -16.75 0.19 30.09
H222 HP6 V . -15.74 -1.03 30.15
H231 HP6 V . -15.60 -0.81 32.48
H232 HP6 V . -16.61 0.41 32.43
H241 HP6 V . -15.02 1.66 31.22
H242 HP6 V . -14.01 0.44 31.27
H251 HP6 V . -13.88 0.67 33.60
H252 HP6 V . -14.88 1.89 33.54
H261 HP6 V . -13.22 3.25 33.30
H262 HP6 V . -12.80 2.51 31.96
H263 HP6 V . -12.21 2.02 33.35
C20 HP6 W . -23.31 -1.70 29.92
C21 HP6 W . -23.05 -1.36 31.36
C22 HP6 W . -22.19 -0.14 31.55
C23 HP6 W . -21.91 0.22 32.99
C24 HP6 W . -21.05 1.44 33.17
C25 HP6 W . -20.78 1.81 34.62
C26 HP6 W . -19.91 3.04 34.82
H201 HP6 W . -23.86 -2.50 29.87
H202 HP6 W . -22.46 -1.88 29.47
H203 HP6 W . -23.76 -0.96 29.48
H211 HP6 W . -22.61 -2.13 31.80
H212 HP6 W . -23.91 -1.21 31.82
H221 HP6 W . -22.61 0.63 31.11
H222 HP6 W . -21.33 -0.28 31.10
H231 HP6 W . -21.48 -0.53 33.43
H232 HP6 W . -22.78 0.38 33.44
H241 HP6 W . -21.48 2.21 32.73
H242 HP6 W . -20.19 1.29 32.72
H251 HP6 W . -20.35 1.04 35.06
H252 HP6 W . -21.65 1.96 35.06
H261 HP6 W . -20.40 3.70 35.33
H262 HP6 W . -19.66 3.41 33.95
H263 HP6 W . -19.11 2.79 35.30
C1 HEX X . -22.24 14.70 22.81
C2 HEX X . -21.48 14.25 24.03
C3 HEX X . -21.30 15.34 25.06
C4 HEX X . -20.56 14.92 26.30
C5 HEX X . -20.38 16.01 27.33
C6 HEX X . -19.63 15.60 28.58
H11 HEX X . -22.31 13.95 22.18
H12 HEX X . -21.76 15.43 22.37
H13 HEX X . -23.12 15.00 23.06
H21 HEX X . -20.60 13.93 23.77
H22 HEX X . -21.96 13.51 24.45
H31 HEX X . -22.19 15.67 25.33
H32 HEX X . -20.83 16.09 24.65
H41 HEX X . -19.67 14.59 26.03
H42 HEX X . -21.04 14.17 26.71
H51 HEX X . -21.27 16.34 27.59
H52 HEX X . -19.91 16.76 26.91
H61 HEX X . -18.84 16.16 28.68
H62 HEX X . -19.38 14.66 28.52
H63 HEX X . -20.20 15.74 29.36
C1 HEX Y . -17.53 18.52 19.99
C2 HEX Y . -17.85 18.40 21.47
C3 HEX Y . -16.69 18.73 22.36
C4 HEX Y . -16.98 18.62 23.84
C5 HEX Y . -15.81 18.94 24.73
C6 HEX Y . -16.09 18.84 26.22
H11 HEX Y . -18.32 18.29 19.48
H12 HEX Y . -16.82 17.90 19.77
H13 HEX Y . -17.26 19.42 19.79
H21 HEX Y . -18.16 17.49 21.66
H22 HEX Y . -18.59 19.01 21.69
H31 HEX Y . -16.39 19.64 22.17
H32 HEX Y . -15.94 18.12 22.15
H41 HEX Y . -17.28 17.70 24.03
H42 HEX Y . -17.72 19.22 24.05
H51 HEX Y . -15.51 19.86 24.53
H52 HEX Y . -15.07 18.33 24.52
H61 HEX Y . -15.50 18.18 26.61
H62 HEX Y . -17.02 18.57 26.37
H63 HEX Y . -15.94 19.70 26.64
C1 DD9 Z . -13.20 25.74 42.38
C2 DD9 Z . -12.12 24.76 41.99
C3 DD9 Z . -12.50 23.89 40.83
C4 DD9 Z . -13.61 22.92 41.14
C5 DD9 Z . -14.15 22.21 39.92
C6 DD9 Z . -13.12 21.42 39.17
C7 DD9 Z . -12.55 22.14 37.97
C8 DD9 Z . -13.39 21.97 36.74
C9 DD9 Z . -13.02 20.74 35.95
H1 DD9 Z . -12.76 26.70 42.61
H1A DD9 Z . -13.75 25.36 43.23
H1B DD9 Z . -13.89 25.86 41.54
H2 DD9 Z . -11.90 24.12 42.85
H2A DD9 Z . -11.21 25.30 41.74
H3 DD9 Z . -11.62 23.33 40.51
H3A DD9 Z . -12.81 24.52 40.00
H4 DD9 Z . -14.43 23.46 41.62
H4A DD9 Z . -13.25 22.18 41.84
H5 DD9 Z . -14.58 22.95 39.25
H5A DD9 Z . -14.95 21.54 40.23
H6 DD9 Z . -13.56 20.49 38.84
H6A DD9 Z . -12.30 21.18 39.84
H7 DD9 Z . -11.55 21.76 37.77
H7A DD9 Z . -12.47 23.20 38.20
H8 DD9 Z . -13.25 22.85 36.10
H8A DD9 Z . -14.43 21.91 37.03
H9 DD9 Z . -13.01 19.88 36.62
H9A DD9 Z . -12.04 20.88 35.49
H9B DD9 Z . -13.77 20.58 35.17
C1 UND AA . -10.93 34.66 44.65
C2 UND AA . -10.41 33.46 43.88
C3 UND AA . -10.69 33.53 42.40
C4 UND AA . -10.06 32.41 41.60
C5 UND AA . -10.71 31.07 41.81
C6 UND AA . -10.18 29.98 40.91
C7 UND AA . -10.82 28.63 41.12
C8 UND AA . -10.19 27.51 40.32
C9 UND AA . -10.47 27.58 38.84
C10 UND AA . -9.96 26.40 38.05
C11 UND AA . -10.21 26.46 36.56
H11 UND AA . -10.72 34.56 45.59
H12 UND AA . -11.90 34.73 44.53
H13 UND AA . -10.51 35.47 44.31
H21 UND AA . -10.82 32.65 44.24
H22 UND AA . -9.45 33.40 44.02
H31 UND AA . -10.35 34.38 42.06
H32 UND AA . -11.66 33.51 42.26
H41 UND AA . -9.12 32.35 41.84
H42 UND AA . -10.12 32.65 40.65
H51 UND AA . -11.67 31.15 41.64
H52 UND AA . -10.59 30.80 42.74
H61 UND AA . -9.21 29.89 41.07
H62 UND AA . -10.30 30.25 39.97
H71 UND AA . -11.77 28.70 40.87
H72 UND AA . -10.78 28.40 42.07
H81 UND AA . -10.53 26.65 40.67
H82 UND AA . -9.22 27.54 40.46
H91 UND AA . -10.06 28.39 38.47
H92 UND AA . -11.44 27.65 38.70
H101 UND AA . -10.38 25.58 38.41
H102 UND AA . -8.99 26.31 38.21
H111 UND AA . -9.36 26.43 36.08
H112 UND AA . -10.68 27.28 36.34
H113 UND AA . -10.75 25.69 36.29
C1 HEX BA . -9.12 38.41 41.51
C2 HEX BA . -7.87 38.13 40.72
C3 HEX BA . -7.77 36.71 40.22
C4 HEX BA . -6.52 36.41 39.44
C5 HEX BA . -6.43 34.99 38.93
C6 HEX BA . -5.18 34.66 38.14
H11 HEX BA . -9.11 39.34 41.81
H12 HEX BA . -9.15 37.83 42.30
H13 HEX BA . -9.90 38.26 40.96
H21 HEX BA . -7.08 38.31 41.30
H22 HEX BA . -7.83 38.74 39.96
H31 HEX BA . -8.55 36.53 39.65
H32 HEX BA . -7.81 36.10 40.99
H41 HEX BA . -5.75 36.59 40.00
H42 HEX BA . -6.48 37.02 38.66
H51 HEX BA . -7.22 34.81 38.36
H52 HEX BA . -6.47 34.38 39.70
H61 HEX BA . -4.70 33.95 38.58
H62 HEX BA . -4.62 35.45 38.08
H63 HEX BA . -5.44 34.38 37.24
C1 DD9 CA . -7.07 -1.63 35.70
C2 DD9 CA . -6.93 -2.71 34.67
C3 DD9 CA . -8.20 -2.98 33.90
C4 DD9 CA . -8.07 -4.07 32.86
C5 DD9 CA . -9.34 -4.33 32.08
C6 DD9 CA . -9.22 -5.41 31.04
C7 DD9 CA . -10.49 -5.68 30.27
C8 DD9 CA . -10.37 -6.77 29.23
C9 DD9 CA . -11.64 -7.04 28.45
H1 DD9 CA . -6.22 -1.49 36.16
H1A DD9 CA . -7.76 -1.88 36.35
H1B DD9 CA . -7.33 -0.79 35.27
H2 DD9 CA . -6.65 -3.54 35.11
H2A DD9 CA . -6.22 -2.46 34.03
H3 DD9 CA . -8.47 -2.14 33.45
H3A DD9 CA . -8.90 -3.23 34.53
H4 DD9 CA . -7.79 -4.90 33.30
H4A DD9 CA . -7.36 -3.82 32.22
H5 DD9 CA . -9.61 -3.50 31.64
H5A DD9 CA . -10.05 -4.58 32.72
H6 DD9 CA . -8.94 -6.25 31.48
H6A DD9 CA . -8.51 -5.17 30.42
H7 DD9 CA . -10.77 -4.85 29.83
H7A DD9 CA . -11.19 -5.93 30.90
H8 DD9 CA . -10.09 -7.60 29.68
H8A DD9 CA . -9.66 -6.52 28.60
H9 DD9 CA . -11.47 -6.88 27.50
H9A DD9 CA . -12.35 -6.46 28.75
H9B DD9 CA . -11.90 -7.97 28.57
C1 HEX DA . -14.43 -6.08 31.52
C2 HEX DA . -13.18 -5.60 32.21
C3 HEX DA . -13.37 -4.33 33.00
C4 HEX DA . -12.12 -3.83 33.70
C5 HEX DA . -12.32 -2.57 34.49
C6 HEX DA . -11.08 -2.05 35.19
H11 HEX DA . -14.24 -6.90 31.03
H12 HEX DA . -14.75 -5.40 30.90
H13 HEX DA . -15.12 -6.26 32.19
H21 HEX DA . -12.48 -5.45 31.53
H22 HEX DA . -12.86 -6.30 32.81
H31 HEX DA . -14.06 -4.48 33.68
H32 HEX DA . -13.70 -3.63 32.40
H41 HEX DA . -11.43 -3.68 33.02
H42 HEX DA . -11.80 -4.54 34.30
H51 HEX DA . -13.02 -2.73 35.16
H52 HEX DA . -12.65 -1.86 33.88
H61 HEX DA . -10.87 -1.16 34.87
H62 HEX DA . -10.33 -2.64 35.02
H63 HEX DA . -11.24 -2.02 36.15
C1 NAG EA . -28.59 18.74 -34.57
C2 NAG EA . -29.52 18.22 -35.65
C3 NAG EA . -29.13 18.79 -37.01
C4 NAG EA . -29.06 20.31 -36.94
C5 NAG EA . -28.15 20.76 -35.79
C6 NAG EA . -28.14 22.26 -35.59
C7 NAG EA . -30.59 16.04 -36.01
C8 NAG EA . -30.41 14.55 -36.00
N2 NAG EA . -29.52 16.76 -35.69
O3 NAG EA . -30.08 18.40 -37.99
O4 NAG EA . -28.55 20.83 -38.17
O5 NAG EA . -28.61 20.17 -34.57
O6 NAG EA . -29.32 22.69 -34.94
O7 NAG EA . -31.67 16.55 -36.28
C1 HEX FA . 17.40 45.53 22.45
C2 HEX FA . 17.52 44.51 21.34
C3 HEX FA . 16.69 43.27 21.55
C4 HEX FA . 16.80 42.25 20.45
C5 HEX FA . 15.97 41.01 20.66
C6 HEX FA . 16.06 39.98 19.56
H11 HEX FA . 17.96 46.29 22.26
H12 HEX FA . 17.68 45.12 23.29
H13 HEX FA . 16.47 45.81 22.53
H21 HEX FA . 18.46 44.24 21.25
H22 HEX FA . 17.25 44.93 20.50
H31 HEX FA . 15.74 43.54 21.63
H32 HEX FA . 16.95 42.86 22.39
H41 HEX FA . 17.74 41.99 20.36
H42 HEX FA . 16.53 42.67 19.61
H51 HEX FA . 15.02 41.28 20.75
H52 HEX FA . 16.24 40.60 21.51
H61 HEX FA . 16.40 39.15 19.93
H62 HEX FA . 16.68 40.29 18.86
H63 HEX FA . 15.19 39.83 19.17
C1 HEX GA . -18.12 24.13 15.81
C2 HEX GA . -17.97 23.70 17.25
C3 HEX GA . -17.34 24.75 18.13
C4 HEX GA . -17.18 24.35 19.57
C5 HEX GA . -16.55 25.40 20.45
C6 HEX GA . -16.38 25.01 21.90
H11 HEX GA . -18.53 23.42 15.30
H12 HEX GA . -17.25 24.33 15.43
H13 HEX GA . -18.69 24.92 15.76
H21 HEX GA . -17.42 22.89 17.29
H22 HEX GA . -18.85 23.48 17.61
H31 HEX GA . -17.89 25.56 18.09
H32 HEX GA . -16.46 24.99 17.76
H41 HEX GA . -16.63 23.54 19.61
H42 HEX GA . -18.06 24.12 19.93
H51 HEX GA . -17.10 26.22 20.41
H52 HEX GA . -15.67 25.63 20.08
H61 HEX GA . -15.44 25.04 22.14
H62 HEX GA . -16.72 24.11 22.04
H63 HEX GA . -16.88 25.63 22.47
C1 DD9 HA . -11.11 30.93 19.54
C2 DD9 HA . -11.18 29.93 18.40
C3 DD9 HA . -12.49 29.95 17.66
C4 DD9 HA . -12.59 28.96 16.52
C5 DD9 HA . -13.90 28.99 15.79
C6 DD9 HA . -13.99 27.99 14.66
C7 DD9 HA . -15.32 28.02 13.93
C8 DD9 HA . -15.41 27.03 12.78
C9 DD9 HA . -16.73 27.04 12.04
H1 DD9 HA . -10.23 30.87 19.97
H1A DD9 HA . -11.80 30.74 20.18
H1B DD9 HA . -11.22 31.83 19.18
H2 DD9 HA . -11.03 29.03 18.76
H2A DD9 HA . -10.46 30.12 17.76
H3 DD9 HA . -12.64 30.86 17.30
H3A DD9 HA . -13.21 29.76 18.30
H4 DD9 HA . -12.44 28.05 16.89
H4A DD9 HA . -11.87 29.14 15.89
H5 DD9 HA . -14.05 29.89 15.44
H5A DD9 HA . -14.62 28.80 16.43
H6 DD9 HA . -13.85 27.09 15.01
H6A DD9 HA . -13.28 28.18 14.02
H7 DD9 HA . -15.46 28.92 13.57
H7A DD9 HA . -16.04 27.83 14.57
H8 DD9 HA . -15.26 26.12 13.15
H8A DD9 HA . -14.69 27.21 12.15
H9 DD9 HA . -16.57 27.26 11.10
H9A DD9 HA . -17.33 27.70 12.42
H9B DD9 HA . -17.15 26.17 12.09
C1 DD9 IA . -12.82 35.51 16.78
C2 DD9 IA . -13.03 34.64 15.56
C3 DD9 IA . -14.39 34.79 14.94
C4 DD9 IA . -14.61 33.94 13.72
C5 DD9 IA . -15.97 34.09 13.08
C6 DD9 IA . -16.19 33.23 11.87
C7 DD9 IA . -17.55 33.38 11.24
C8 DD9 IA . -17.78 32.52 10.02
C9 DD9 IA . -19.14 32.67 9.38
H1 DD9 IA . -11.94 35.37 17.14
H1A DD9 IA . -13.49 35.27 17.46
H1B DD9 IA . -12.93 36.44 16.55
H2 DD9 IA . -12.89 33.70 15.81
H2A DD9 IA . -12.35 34.87 14.90
H3 DD9 IA . -14.52 35.73 14.69
H3A DD9 IA . -15.07 34.56 15.60
H4 DD9 IA . -14.48 32.99 13.96
H4A DD9 IA . -13.93 34.16 13.04
H5 DD9 IA . -16.10 35.03 12.84
H5A DD9 IA . -16.65 33.86 13.76
H6 DD9 IA . -16.06 32.29 12.12
H6A DD9 IA . -15.51 33.46 11.19
H7 DD9 IA . -17.69 34.32 10.99
H7A DD9 IA . -18.24 33.16 11.91
H8 DD9 IA . -17.65 31.58 10.27
H8A DD9 IA . -17.10 32.76 9.35
H9 DD9 IA . -19.04 32.98 8.46
H9A DD9 IA . -19.68 33.31 9.87
H9B DD9 IA . -19.59 31.81 9.38
C1 HEX JA . -6.08 40.50 33.22
C2 HEX JA . -5.87 39.61 32.01
C3 HEX JA . -6.46 38.24 32.15
C4 HEX JA . -6.26 37.35 30.96
C5 HEX JA . -6.86 35.96 31.10
C6 HEX JA . -6.66 35.06 29.91
H11 HEX JA . -5.67 41.36 33.07
H12 HEX JA . -5.69 40.08 34.00
H13 HEX JA . -7.04 40.61 33.37
H21 HEX JA . -4.89 39.52 31.86
H22 HEX JA . -6.25 40.05 31.23
H31 HEX JA . -7.43 38.33 32.31
H32 HEX JA . -6.08 37.81 32.94
H41 HEX JA . -5.29 37.25 30.81
H42 HEX JA . -6.64 37.78 30.17
H51 HEX JA . -7.83 36.06 31.25
H52 HEX JA . -6.48 35.54 31.89
H61 HEX JA . -6.17 34.26 30.19
H62 HEX JA . -6.15 35.51 29.21
H63 HEX JA . -7.52 34.79 29.55
C1 DD9 KA . 14.78 46.53 27.81
C2 DD9 KA . 14.78 45.12 27.29
C3 DD9 KA . 13.47 44.68 26.68
C4 DD9 KA . 13.46 43.27 26.16
C5 DD9 KA . 12.15 42.84 25.55
C6 DD9 KA . 12.13 41.43 25.03
C7 DD9 KA . 10.82 41.00 24.42
C8 DD9 KA . 10.81 39.59 23.90
C9 DD9 KA . 9.49 39.15 23.27
H1 DD9 KA . 15.64 46.75 28.19
H1A DD9 KA . 14.09 46.63 28.49
H1B DD9 KA . 14.59 47.14 27.08
H2 DD9 KA . 15.00 44.51 28.03
H2A DD9 KA . 15.49 45.02 26.62
H3 DD9 KA . 13.25 45.29 25.94
H3A DD9 KA . 12.77 44.78 27.35
H4 DD9 KA . 13.68 42.66 26.90
H4A DD9 KA . 14.17 43.18 25.49
H5 DD9 KA . 11.93 43.45 24.81
H5A DD9 KA . 11.44 42.93 26.22
H6 DD9 KA . 12.35 40.82 25.76
H6A DD9 KA . 12.84 41.34 24.35
H7 DD9 KA . 10.61 41.61 23.68
H7A DD9 KA . 10.12 41.10 25.10
H8 DD9 KA . 11.02 38.98 24.64
H8A DD9 KA . 11.52 39.49 23.22
H9 DD9 KA . 9.64 38.90 22.34
H9A DD9 KA . 8.85 39.87 23.32
H9B DD9 KA . 9.16 38.37 23.77
C1 NBU LA . -1.47 45.54 23.69
C2 NBU LA . -0.28 46.48 23.70
C3 NBU LA . 0.27 46.71 25.07
C4 NBU LA . -0.80 47.04 26.09
H11 NBU LA . -1.57 45.10 22.70
H12 NBU LA . -2.37 46.11 23.91
H13 NBU LA . -1.33 44.77 24.43
H21 NBU LA . -0.59 47.43 23.28
H22 NBU LA . 0.50 46.07 23.07
H31 NBU LA . 0.99 47.51 25.03
H32 NBU LA . 0.78 45.81 25.40
H41 NBU LA . -1.25 46.13 26.46
H42 NBU LA . -1.55 47.67 25.62
H43 NBU LA . -0.34 47.58 26.92
C1 DD9 MA . -1.29 36.57 10.57
C2 DD9 MA . -0.41 35.95 9.51
C3 DD9 MA . -1.08 35.82 8.16
C4 DD9 MA . -0.23 35.20 7.08
C5 DD9 MA . -0.90 35.08 5.74
C6 DD9 MA . -0.03 34.46 4.68
C7 DD9 MA . -0.72 34.34 3.33
C8 DD9 MA . 0.14 33.72 2.25
C9 DD9 MA . -0.53 33.60 0.90
H1 DD9 MA . -0.80 36.62 11.41
H1A DD9 MA . -2.09 36.03 10.70
H1B DD9 MA . -1.55 37.47 10.29
H2 DD9 MA . -0.14 35.06 9.81
H2A DD9 MA . 0.40 36.49 9.41
H3 DD9 MA . -1.36 36.73 7.87
H3A DD9 MA . -1.90 35.29 8.27
H4 DD9 MA . 0.05 34.31 7.38
H4A DD9 MA . 0.59 35.75 6.99
H5 DD9 MA . -1.18 35.98 5.45
H5A DD9 MA . -1.71 34.55 5.85
H6 DD9 MA . 0.24 33.57 4.97
H6A DD9 MA . 0.77 35.00 4.58
H7 DD9 MA . -0.99 35.24 3.03
H7A DD9 MA . -1.53 33.80 3.44
H8 DD9 MA . 0.41 32.82 2.55
H8A DD9 MA . 0.96 34.26 2.16
H9 DD9 MA . -0.01 34.10 0.24
H9A DD9 MA . -1.43 33.94 0.94
H9B DD9 MA . -0.55 32.66 0.63
C1 DD9 NA . 20.31 46.19 28.34
C2 DD9 NA . 20.79 44.84 27.88
C3 DD9 NA . 19.69 43.93 27.41
C4 DD9 NA . 20.15 42.57 26.95
C5 DD9 NA . 19.05 41.65 26.49
C6 DD9 NA . 19.51 40.29 26.02
C7 DD9 NA . 18.40 39.39 25.56
C8 DD9 NA . 18.86 38.02 25.10
C9 DD9 NA . 17.76 37.10 24.63
H1 DD9 NA . 21.07 46.73 28.62
H1A DD9 NA . 19.69 46.08 29.08
H1B DD9 NA . 19.85 46.64 27.59
H2 DD9 NA . 21.27 44.41 28.62
H2A DD9 NA . 21.43 44.96 27.14
H3 DD9 NA . 19.21 44.36 26.68
H3A DD9 NA . 19.05 43.80 28.15
H4 DD9 NA . 20.63 42.13 27.69
H4A DD9 NA . 20.79 42.68 26.22
H5 DD9 NA . 18.56 42.09 25.75
H5A DD9 NA . 18.41 41.53 27.22
H6 DD9 NA . 19.99 39.85 26.76
H6A DD9 NA . 20.15 40.41 25.28
H7 DD9 NA . 17.92 39.82 24.82
H7A DD9 NA . 17.76 39.26 26.30
H8 DD9 NA . 19.34 37.59 25.84
H8A DD9 NA . 19.50 38.15 24.36
H9 DD9 NA . 17.91 36.85 23.70
H9A DD9 NA . 16.90 37.53 24.71
H9B DD9 NA . 17.76 36.29 25.17
C1 DD9 OA . 3.66 33.99 10.23
C2 DD9 OA . 4.71 33.12 9.58
C3 DD9 OA . 4.65 33.12 8.08
C4 DD9 OA . 5.69 32.25 7.41
C5 DD9 OA . 5.62 32.25 5.90
C6 DD9 OA . 6.66 31.38 5.24
C7 DD9 OA . 6.60 31.38 3.73
C8 DD9 OA . 7.64 30.51 3.06
C9 DD9 OA . 7.58 30.50 1.55
H1 DD9 OA . 3.75 33.95 11.20
H1A DD9 OA . 2.78 33.67 9.98
H1B DD9 OA . 3.77 34.92 9.93
H2 DD9 OA . 4.60 32.20 9.90
H2A DD9 OA . 5.60 33.43 9.86
H3 DD9 OA . 4.75 34.04 7.75
H3A DD9 OA . 3.76 32.80 7.80
H4 DD9 OA . 5.59 31.33 7.73
H4A DD9 OA . 6.58 32.56 7.68
H5 DD9 OA . 5.73 33.17 5.59
H5A DD9 OA . 4.73 31.94 5.63
H6 DD9 OA . 6.56 30.46 5.56
H6A DD9 OA . 7.55 31.69 5.51
H7 DD9 OA . 6.70 32.30 3.41
H7A DD9 OA . 5.71 31.07 3.45
H8 DD9 OA . 7.53 29.59 3.39
H8A DD9 OA . 8.53 30.82 3.35
H9 DD9 OA . 8.43 30.82 1.19
H9A DD9 OA . 6.86 31.06 1.24
H9B DD9 OA . 7.43 29.59 1.24
C20 HP6 PA . 10.04 32.46 7.75
C21 HP6 PA . 10.82 31.97 8.93
C22 HP6 PA . 11.17 33.05 9.92
C23 HP6 PA . 11.96 32.58 11.13
C24 HP6 PA . 12.31 33.67 12.11
C25 HP6 PA . 13.09 33.19 13.31
C26 HP6 PA . 13.47 34.27 14.30
H201 HP6 PA . 9.84 31.72 7.15
H202 HP6 PA . 10.56 33.14 7.27
H203 HP6 PA . 9.21 32.87 8.05
H211 HP6 PA . 11.65 31.55 8.62
H212 HP6 PA . 10.30 31.28 9.41
H221 HP6 PA . 10.34 33.48 10.24
H222 HP6 PA . 11.70 33.75 9.46
H231 HP6 PA . 12.79 32.15 10.81
H232 HP6 PA . 11.44 31.89 11.58
H241 HP6 PA . 11.49 34.08 12.42
H242 HP6 PA . 12.84 34.35 11.64
H251 HP6 PA . 13.92 32.76 12.99
H252 HP6 PA . 12.58 32.50 13.77
H261 HP6 PA . 13.08 34.05 15.18
H262 HP6 PA . 13.11 35.13 14.00
H263 HP6 PA . 14.42 34.33 14.38
C1 NAG QA . 12.30 9.48 -45.22
C2 NAG QA . 13.77 9.43 -45.61
C3 NAG QA . 13.93 9.35 -47.11
C4 NAG QA . 13.11 8.20 -47.67
C5 NAG QA . 11.67 8.29 -47.22
C6 NAG QA . 10.91 7.05 -47.66
C7 NAG QA . 14.76 10.71 -43.81
C8 NAG QA . 14.35 12.00 -43.16
N2 NAG QA . 14.45 10.59 -45.10
O3 NAG QA . 15.31 9.15 -47.42
O4 NAG QA . 13.16 8.23 -49.10
O5 NAG QA . 11.59 8.39 -45.81
O6 NAG QA . 9.54 7.14 -47.23
O7 NAG QA . 15.35 9.83 -43.21
C1 HEX RA . 29.08 15.02 5.79
C2 HEX RA . 29.05 14.33 7.13
C3 HEX RA . 28.72 15.25 8.28
C4 HEX RA . 28.68 14.58 9.62
C5 HEX RA . 28.34 15.51 10.78
C6 HEX RA . 28.30 14.84 12.14
H11 HEX RA . 29.31 14.37 5.10
H12 HEX RA . 29.75 15.72 5.80
H13 HEX RA . 28.21 15.41 5.61
H21 HEX RA . 29.92 13.92 7.30
H22 HEX RA . 28.38 13.61 7.11
H31 HEX RA . 27.84 15.66 8.11
H32 HEX RA . 29.38 15.97 8.31
H41 HEX RA . 29.55 14.17 9.81
H42 HEX RA . 28.01 13.86 9.60
H51 HEX RA . 27.46 15.91 10.60
H52 HEX RA . 29.01 16.23 10.80
H61 HEX RA . 28.95 15.26 12.73
H62 HEX RA . 28.50 13.90 12.06
H63 HEX RA . 27.41 14.95 12.52
C1 UND SA . 40.42 21.41 33.95
C2 UND SA . 39.32 20.39 33.73
C3 UND SA . 39.34 19.77 32.36
C4 UND SA . 38.32 18.66 32.17
C5 UND SA . 36.90 19.13 32.09
C6 UND SA . 35.90 18.04 31.77
C7 UND SA . 34.48 18.51 31.69
C8 UND SA . 33.47 17.40 31.51
C9 UND SA . 33.49 16.78 30.13
C10 UND SA . 32.39 15.76 29.89
C11 UND SA . 32.41 15.11 28.52
H11 UND SA . 40.36 21.77 34.85
H12 UND SA . 40.33 22.13 33.31
H13 UND SA . 41.28 20.97 33.84
H21 UND SA . 38.45 20.83 33.87
H22 UND SA . 39.41 19.68 34.40
H31 UND SA . 40.23 19.42 32.18
H32 UND SA . 39.16 20.47 31.70
H41 UND SA . 38.41 18.03 32.91
H42 UND SA . 38.55 18.18 31.34
H51 UND SA . 36.83 19.83 31.40
H52 UND SA . 36.66 19.53 32.95
H61 UND SA . 35.97 17.34 32.46
H62 UND SA . 36.15 17.64 30.91
H71 UND SA . 34.39 19.14 30.95
H72 UND SA . 34.26 18.99 32.52
H81 UND SA . 32.57 17.76 31.67
H82 UND SA . 33.64 16.70 32.17
H91 UND SA . 34.35 16.34 30.00
H92 UND SA . 33.40 17.49 29.46
H101 UND SA . 31.53 16.21 30.02
H102 UND SA . 32.46 15.06 30.57
H111 UND SA . 32.52 14.16 28.62
H112 UND SA . 33.14 15.46 27.99
H113 UND SA . 31.57 15.29 28.07
C1 HEX TA . 38.46 17.99 24.63
C2 HEX TA . 39.73 18.53 25.22
C3 HEX TA . 39.61 18.87 26.69
C4 HEX TA . 40.88 19.41 27.29
C5 HEX TA . 40.75 19.76 28.76
C6 HEX TA . 42.03 20.31 29.40
H11 HEX TA . 38.60 17.78 23.68
H12 HEX TA . 37.75 18.65 24.70
H13 HEX TA . 38.19 17.18 25.08
H21 HEX TA . 40.00 19.33 24.72
H22 HEX TA . 40.44 17.85 25.11
H31 HEX TA . 39.34 18.07 27.18
H32 HEX TA . 38.90 19.54 26.78
H41 HEX TA . 41.15 20.22 26.81
H42 HEX TA . 41.59 18.75 27.19
H51 HEX TA . 40.49 18.96 29.25
H52 HEX TA . 40.04 20.43 28.86
H61 HEX TA . 41.85 21.20 29.74
H62 HEX TA . 42.74 20.34 28.74
H63 HEX TA . 42.30 19.72 30.13
C1 D10 UA . 30.04 22.52 7.96
C2 D10 UA . 29.09 21.91 6.94
C3 D10 UA . 29.64 21.93 5.54
C4 D10 UA . 28.73 21.27 4.52
C5 D10 UA . 29.31 21.23 3.12
C6 D10 UA . 28.34 20.76 2.05
C7 D10 UA . 27.82 19.34 2.20
C8 D10 UA . 28.88 18.26 2.14
C9 D10 UA . 28.34 16.86 2.08
C10 D10 UA . 29.39 15.76 2.09
H11 D10 UA . 29.62 22.50 8.84
H12 D10 UA . 30.22 23.45 7.71
H13 D10 UA . 30.87 22.02 7.98
H21 D10 UA . 28.25 22.40 6.96
H22 D10 UA . 28.92 20.98 7.20
H31 D10 UA . 30.50 21.48 5.53
H32 D10 UA . 29.78 22.87 5.27
H41 D10 UA . 27.88 21.75 4.49
H42 D10 UA . 28.55 20.35 4.81
H51 D10 UA . 30.09 20.63 3.12
H52 D10 UA . 29.61 22.13 2.88
H61 D10 UA . 28.78 20.83 1.18
H62 D10 UA . 27.56 21.37 2.04
H71 D10 UA . 27.16 19.17 1.50
H72 D10 UA . 27.35 19.26 3.06
H81 D10 UA . 29.45 18.34 2.93
H82 D10 UA . 29.43 18.42 1.35
H91 D10 UA . 27.80 16.77 1.26
H92 D10 UA . 27.74 16.72 2.84
H101 D10 UA . 29.29 15.23 2.90
H102 D10 UA . 30.27 16.15 2.06
H103 D10 UA . 29.26 15.19 1.31
C1 HEX VA . 35.85 35.94 20.70
C2 HEX VA . 35.01 35.54 19.49
C3 HEX VA . 35.27 34.12 19.04
C4 HEX VA . 34.45 33.71 17.84
C5 HEX VA . 34.71 32.29 17.38
C6 HEX VA . 33.89 31.85 16.17
H11 HEX VA . 35.63 36.86 20.94
H12 HEX VA . 36.79 35.87 20.47
H13 HEX VA . 35.65 35.36 21.44
H21 HEX VA . 35.21 36.15 18.76
H22 HEX VA . 34.06 35.62 19.73
H31 HEX VA . 35.09 33.51 19.77
H32 HEX VA . 36.22 34.03 18.81
H41 HEX VA . 34.64 34.31 17.10
H42 HEX VA . 33.50 33.79 18.07
H51 HEX VA . 34.52 31.68 18.13
H52 HEX VA . 35.66 32.20 17.16
H61 HEX VA . 34.48 31.61 15.45
H62 HEX VA . 33.31 32.58 15.89
H63 HEX VA . 33.35 31.08 16.42
C1 UND WA . 36.92 29.99 26.28
C2 UND WA . 35.87 29.11 25.63
C3 UND WA . 36.27 28.60 24.27
C4 UND WA . 35.29 27.63 23.68
C5 UND WA . 33.99 28.25 23.21
C6 UND WA . 33.08 27.30 22.49
C7 UND WA . 31.78 27.92 22.02
C8 UND WA . 30.80 26.95 21.43
C9 UND WA . 31.20 26.43 20.07
C10 UND WA . 30.16 25.56 19.40
C11 UND WA . 30.56 25.01 18.04
H11 UND WA . 36.60 30.29 27.15
H12 UND WA . 37.10 30.76 25.72
H13 UND WA . 37.74 29.48 26.39
H21 UND WA . 35.04 29.64 25.55
H22 UND WA . 35.69 28.36 26.22
H31 UND WA . 37.14 28.16 24.35
H32 UND WA . 36.37 29.36 23.66
H41 UND WA . 35.09 26.94 24.34
H42 UND WA . 35.71 27.18 22.91
H51 UND WA . 34.21 28.99 22.62
H52 UND WA . 33.52 28.62 23.99
H61 UND WA . 32.87 26.55 23.09
H62 UND WA . 33.54 26.94 21.71
H71 UND WA . 31.98 28.62 21.37
H72 UND WA . 31.35 28.37 22.79
H81 UND WA . 29.92 27.39 21.35
H82 UND WA . 30.70 26.19 22.04
H91 UND WA . 32.02 25.92 20.16
H92 UND WA . 31.39 27.19 19.48
H101 UND WA . 29.33 26.08 19.30
H102 UND WA . 29.96 24.80 20.01
H111 UND WA . 30.55 24.04 18.08
H112 UND WA . 31.44 25.32 17.80
H113 UND WA . 29.92 25.32 17.37
C1 UND XA . 40.97 26.86 31.43
C2 UND XA . 40.16 25.95 30.52
C3 UND XA . 39.63 26.63 29.30
C4 UND XA . 38.92 25.70 28.33
C5 UND XA . 37.59 25.19 28.80
C6 UND XA . 36.84 24.38 27.78
C7 UND XA . 35.50 23.86 28.26
C8 UND XA . 34.81 22.95 27.29
C9 UND XA . 34.27 23.63 26.06
C10 UND XA . 33.46 22.73 25.15
C11 UND XA . 32.92 23.40 23.90
H11 UND XA . 41.29 26.35 32.19
H12 UND XA . 40.41 27.60 31.72
H13 UND XA . 41.73 27.21 30.93
H21 UND XA . 39.41 25.58 31.04
H22 UND XA . 40.73 25.19 30.24
H31 UND XA . 40.36 27.07 28.83
H32 UND XA . 38.99 27.32 29.58
H41 UND XA . 39.52 24.94 28.15
H42 UND XA . 38.80 26.18 27.48
H51 UND XA . 37.04 25.96 29.07
H52 UND XA . 37.74 24.64 29.60
H61 UND XA . 37.39 23.61 27.53
H62 UND XA . 36.70 24.93 26.98
H71 UND XA . 34.91 24.64 28.43
H72 UND XA . 35.63 23.39 29.11
H81 UND XA . 34.06 22.50 27.75
H82 UND XA . 35.45 22.24 27.01
H91 UND XA . 35.02 23.99 25.55
H92 UND XA . 33.70 24.38 26.34
H101 UND XA . 32.70 22.37 25.66
H102 UND XA . 34.02 21.97 24.89
H111 UND XA . 33.28 22.94 23.11
H112 UND XA . 33.20 24.33 23.88
H113 UND XA . 31.95 23.34 23.89
C20 HP6 YA . 19.88 36.25 18.20
C21 HP6 YA . 20.38 36.72 19.54
C22 HP6 YA . 21.71 37.42 19.48
C23 HP6 YA . 22.23 37.89 20.80
C24 HP6 YA . 23.57 38.59 20.74
C25 HP6 YA . 24.10 39.07 22.07
C26 HP6 YA . 25.44 39.77 22.02
H201 HP6 YA . 19.01 35.81 18.31
H202 HP6 YA . 20.51 35.62 17.82
H203 HP6 YA . 19.77 37.01 17.61
H211 HP6 YA . 20.46 35.94 20.15
H212 HP6 YA . 19.72 37.33 19.94
H221 HP6 YA . 21.64 38.19 18.88
H222 HP6 YA . 22.38 36.80 19.08
H231 HP6 YA . 22.31 37.12 21.41
H232 HP6 YA . 21.57 38.51 21.20
H241 HP6 YA . 23.49 39.37 20.14
H242 HP6 YA . 24.22 37.98 20.34
H251 HP6 YA . 24.17 38.30 22.68
H252 HP6 YA . 23.43 39.68 22.46
H261 HP6 YA . 25.34 40.67 22.37
H262 HP6 YA . 25.76 39.81 21.10
H263 HP6 YA . 26.07 39.29 22.56
C1 DD9 ZA . 21.70 34.25 6.81
C2 DD9 ZA . 22.25 33.77 5.49
C3 DD9 ZA . 21.28 33.89 4.35
C4 DD9 ZA . 21.83 33.42 3.02
C5 DD9 ZA . 20.85 33.53 1.88
C6 DD9 ZA . 21.39 33.06 0.55
C7 DD9 ZA . 20.41 33.18 -0.59
C8 DD9 ZA . 20.94 32.71 -1.92
C9 DD9 ZA . 19.98 32.82 -3.08
H1 DD9 ZA . 22.37 34.15 7.51
H1A DD9 ZA . 20.92 33.72 7.05
H1B DD9 ZA . 21.45 35.19 6.75
H2 DD9 ZA . 22.53 32.84 5.58
H2A DD9 ZA . 23.06 34.30 5.28
H3 DD9 ZA . 21.01 34.83 4.27
H3A DD9 ZA . 20.48 33.37 4.57
H4 DD9 ZA . 22.10 32.48 3.11
H4A DD9 ZA . 22.62 33.94 2.81
H5 DD9 ZA . 20.57 34.47 1.79
H5A DD9 ZA . 20.04 33.01 2.09
H6 DD9 ZA . 21.66 32.13 0.64
H6A DD9 ZA . 22.19 33.58 0.34
H7 DD9 ZA . 20.14 34.12 -0.68
H7A DD9 ZA . 19.60 32.66 -0.37
H8 DD9 ZA . 21.22 31.77 -1.83
H8A DD9 ZA . 21.75 33.23 -2.13
H9 DD9 ZA . 20.34 33.40 -3.76
H9A DD9 ZA . 19.12 33.18 -2.77
H9B DD9 ZA . 19.82 31.94 -3.46
C1 DD9 AB . 17.14 32.42 8.52
C2 DD9 AB . 17.56 31.94 7.16
C3 DD9 AB . 16.46 31.99 6.13
C4 DD9 AB . 16.86 31.51 4.77
C5 DD9 AB . 15.75 31.58 3.74
C6 DD9 AB . 16.15 31.09 2.36
C7 DD9 AB . 15.04 31.15 1.34
C8 DD9 AB . 15.44 30.68 -0.03
C9 DD9 AB . 14.34 30.72 -1.08
H1 DD9 AB . 17.89 32.36 9.13
H1A DD9 AB . 16.41 31.86 8.86
H1B DD9 AB . 16.84 33.34 8.47
H2 DD9 AB . 17.87 31.01 7.23
H2A DD9 AB . 18.31 32.48 6.85
H3 DD9 AB . 16.13 32.92 6.07
H3A DD9 AB . 15.70 31.45 6.44
H4 DD9 AB . 17.17 30.59 4.83
H4A DD9 AB . 17.61 32.06 4.45
H5 DD9 AB . 15.43 32.50 3.67
H5A DD9 AB . 15.00 31.03 4.06
H6 DD9 AB . 16.46 30.17 2.43
H6A DD9 AB . 16.90 31.63 2.05
H7 DD9 AB . 14.73 32.08 1.27
H7A DD9 AB . 14.29 30.61 1.66
H8 DD9 AB . 15.76 29.75 0.04
H8A DD9 AB . 16.19 31.22 -0.35
H9 DD9 AB . 14.61 31.31 -1.80
H9A DD9 AB . 13.52 31.06 -0.67
H9B DD9 AB . 14.18 29.82 -1.42
C20 HP6 BB . 21.58 -12.69 20.66
C21 HP6 BB . 21.32 -11.88 21.91
C22 HP6 BB . 22.35 -10.80 22.15
C23 HP6 BB . 22.11 -9.98 23.40
C24 HP6 BB . 23.14 -8.90 23.64
C25 HP6 BB . 22.90 -8.08 24.88
C26 HP6 BB . 23.92 -6.99 25.14
H201 HP6 BB . 20.89 -13.37 20.56
H202 HP6 BB . 22.45 -13.11 20.72
H203 HP6 BB . 21.57 -12.09 19.88
H211 HP6 BB . 21.32 -12.49 22.69
H212 HP6 BB . 20.44 -11.47 21.85
H221 HP6 BB . 22.35 -10.20 21.38
H222 HP6 BB . 23.24 -11.21 22.21
H231 HP6 BB . 22.10 -10.58 24.18
H232 HP6 BB . 21.22 -9.57 23.34
H241 HP6 BB . 23.14 -8.30 22.86
H242 HP6 BB . 24.02 -9.32 23.70
H251 HP6 BB . 22.89 -8.68 25.65
H252 HP6 BB . 22.00 -7.67 24.82
H261 HP6 BB . 23.47 -6.13 25.16
H262 HP6 BB . 24.58 -6.98 24.43
H263 HP6 BB . 24.35 -7.15 25.99
C1 HEX CB . 19.31 -9.14 26.58
C2 HEX CB . 18.39 -10.25 26.15
C3 HEX CB . 18.74 -10.84 24.80
C4 HEX CB . 17.82 -11.95 24.36
C5 HEX CB . 18.16 -12.54 23.01
C6 HEX CB . 17.25 -13.66 22.55
H11 HEX CB . 19.04 -8.81 27.46
H12 HEX CB . 19.28 -8.42 25.94
H13 HEX CB . 20.23 -9.48 26.64
H21 HEX CB . 17.47 -9.91 26.12
H22 HEX CB . 18.42 -10.97 26.82
H31 HEX CB . 19.65 -11.18 24.84
H32 HEX CB . 18.70 -10.12 24.14
H41 HEX CB . 16.90 -11.62 24.33
H42 HEX CB . 17.85 -12.67 25.03
H51 HEX CB . 19.08 -12.88 23.04
H52 HEX CB . 18.13 -11.82 22.34
H61 HEX CB . 16.82 -13.41 21.71
H62 HEX CB . 16.57 -13.83 23.22
H63 HEX CB . 17.78 -14.47 22.42
C20 HP6 DB . 17.40 -4.88 43.88
C21 HP6 DB . 16.59 -5.12 45.13
C22 HP6 DB . 17.35 -4.85 46.41
C23 HP6 DB . 16.55 -5.10 47.66
C24 HP6 DB . 17.30 -4.83 48.94
C25 HP6 DB . 16.50 -5.07 50.20
C26 HP6 DB . 17.25 -4.81 51.50
H201 HP6 DB . 16.85 -5.06 43.10
H202 HP6 DB . 18.18 -5.46 43.88
H203 HP6 DB . 17.69 -3.95 43.86
H211 HP6 DB . 16.28 -6.06 45.13
H212 HP6 DB . 15.79 -4.54 45.11
H221 HP6 DB . 17.65 -3.93 46.40
H222 HP6 DB . 18.14 -5.43 46.42
H231 HP6 DB . 16.23 -6.03 47.67
H232 HP6 DB . 15.75 -4.53 47.64
H241 HP6 DB . 17.61 -3.90 48.94
H242 HP6 DB . 18.10 -5.41 48.96
H251 HP6 DB . 16.19 -6.00 50.20
H252 HP6 DB . 15.71 -4.50 50.17
H261 HP6 DB . 16.79 -4.12 52.01
H262 HP6 DB . 18.16 -4.52 51.30
H263 HP6 DB . 17.29 -5.63 52.01
C1 NAG EB . -11.14 -42.08 3.65
C2 NAG EB . -10.80 -43.56 3.61
C3 NAG EB . -12.00 -44.37 3.08
C4 NAG EB . -13.03 -43.50 2.36
C5 NAG EB . -13.42 -42.25 3.13
C6 NAG EB . -14.74 -42.37 3.86
C7 NAG EB . -9.44 -43.51 1.54
C8 NAG EB . -8.12 -43.89 0.94
N2 NAG EB . -9.60 -43.83 2.83
O3 NAG EB . -12.61 -45.05 4.17
O4 NAG EB . -12.55 -43.15 1.06
O5 NAG EB . -12.43 -41.91 4.12
O6 NAG EB . -15.35 -41.10 4.07
O7 NAG EB . -10.31 -42.95 0.88
C1 NBU FB . 12.59 -16.66 27.63
C2 NBU FB . 13.60 -15.76 28.30
C3 NBU FB . 13.90 -16.12 29.73
C4 NBU FB . 12.78 -15.84 30.72
H11 NBU FB . 12.45 -16.37 26.73
H12 NBU FB . 11.75 -16.61 28.12
H13 NBU FB . 12.91 -17.57 27.64
H21 NBU FB . 13.28 -14.83 28.28
H22 NBU FB . 14.44 -15.79 27.79
H31 NBU FB . 14.70 -15.62 30.01
H32 NBU FB . 14.12 -17.08 29.77
H41 NBU FB . 12.51 -16.69 31.14
H42 NBU FB . 12.02 -15.45 30.27
H43 NBU FB . 13.10 -15.22 31.40
C1 UND GB . 12.19 -13.37 38.17
C2 UND GB . 12.20 -14.71 37.46
C3 UND GB . 12.22 -14.61 35.96
C4 UND GB . 12.37 -15.93 35.25
C5 UND GB . 11.14 -16.82 35.32
C6 UND GB . 11.24 -18.07 34.50
C7 UND GB . 10.01 -18.96 34.57
C8 UND GB . 10.16 -20.28 33.86
C9 UND GB . 10.18 -20.18 32.35
C10 UND GB . 10.19 -21.52 31.64
C11 UND GB . 10.23 -21.43 30.13
H11 UND GB . 12.19 -13.51 39.13
H12 UND GB . 11.40 -12.87 37.90
H13 UND GB . 12.99 -12.87 37.92
H21 UND GB . 11.41 -15.22 37.74
H22 UND GB . 13.00 -15.22 37.76
H31 UND GB . 12.96 -14.03 35.70
H32 UND GB . 11.39 -14.19 35.66
H41 UND GB . 13.12 -16.43 35.65
H42 UND GB . 12.57 -15.76 34.31
H51 UND GB . 10.36 -16.30 35.01
H52 UND GB . 10.98 -17.06 36.25
H61 UND GB . 12.02 -18.60 34.81
H62 UND GB . 11.40 -17.83 33.56
H71 UND GB . 9.26 -18.48 34.18
H72 UND GB . 9.80 -19.13 35.51
H81 UND GB . 9.42 -20.87 34.13
H82 UND GB . 10.99 -20.71 34.16
H91 UND GB . 10.97 -19.67 32.08
H92 UND GB . 9.40 -19.68 32.06
H101 UND GB . 9.39 -22.01 31.91
H102 UND GB . 10.97 -22.02 31.94
H111 UND GB . 11.03 -21.87 29.80
H112 UND GB . 10.24 -20.49 29.85
H113 UND GB . 9.45 -21.87 29.76
C1 DD9 HB . 8.80 -6.20 55.98
C2 DD9 HB . 8.62 -7.01 54.72
C3 DD9 HB . 7.25 -6.88 54.10
C4 DD9 HB . 7.05 -7.69 52.84
C5 DD9 HB . 5.68 -7.55 52.22
C6 DD9 HB . 5.48 -8.36 50.97
C7 DD9 HB . 4.11 -8.22 50.35
C8 DD9 HB . 3.91 -9.04 49.10
C9 DD9 HB . 2.54 -8.90 48.46
H1 DD9 HB . 9.70 -6.33 56.32
H1A DD9 HB . 8.16 -6.48 56.64
H1B DD9 HB . 8.67 -5.26 55.77
H2 DD9 HB . 8.78 -7.96 54.93
H2A DD9 HB . 9.29 -6.74 54.06
H3 DD9 HB . 7.09 -5.93 53.89
H3A DD9 HB . 6.58 -7.16 54.76
H4 DD9 HB . 7.21 -8.63 53.05
H4A DD9 HB . 7.73 -7.42 52.18
H5 DD9 HB . 5.52 -6.60 52.02
H5A DD9 HB . 5.01 -7.83 52.89
H6 DD9 HB . 5.64 -9.31 51.18
H6A DD9 HB . 6.15 -8.09 50.31
H7 DD9 HB . 3.96 -7.28 50.15
H7A DD9 HB . 3.44 -8.50 51.01
H8 DD9 HB . 4.07 -9.98 49.31
H8A DD9 HB . 4.58 -8.76 48.44
H9 DD9 HB . 2.62 -8.55 47.57
H9A DD9 HB . 1.98 -8.31 49.00
H9B DD9 HB . 2.11 -9.78 48.43
C1 DD9 IB . 3.28 -0.27 55.83
C2 DD9 IB . 3.46 -0.51 54.35
C3 DD9 IB . 2.48 0.26 53.49
C4 DD9 IB . 2.64 0.02 52.00
C5 DD9 IB . 1.65 0.79 51.16
C6 DD9 IB . 1.81 0.55 49.67
C7 DD9 IB . 0.83 1.32 48.81
C8 DD9 IB . 0.99 1.09 47.33
C9 DD9 IB . 0.01 1.85 46.46
H1 DD9 IB . 3.94 -0.78 56.33
H1A DD9 IB . 2.39 -0.54 56.10
H1B DD9 IB . 3.39 0.68 56.02
H2 DD9 IB . 3.36 -1.47 54.16
H2A DD9 IB . 4.37 -0.25 54.09
H3 DD9 IB . 2.58 1.21 53.68
H3A DD9 IB . 1.57 -0.01 53.75
H4 DD9 IB . 2.54 -0.94 51.82
H4A DD9 IB . 3.55 0.28 51.75
H5 DD9 IB . 1.75 1.74 51.34
H5A DD9 IB . 0.75 0.52 51.41
H6 DD9 IB . 1.72 -0.40 49.49
H6A DD9 IB . 2.72 0.82 49.41
H7 DD9 IB . 0.93 2.27 49.00
H7A DD9 IB . -0.08 1.06 49.08
H8 DD9 IB . 0.89 0.13 47.15
H8A DD9 IB . 1.90 1.35 47.08
H9 DD9 IB . 0.49 2.44 45.86
H9A DD9 IB . -0.59 2.38 47.01
H9B DD9 IB . -0.51 1.22 45.93
C1 HEX JB . -1.62 3.90 51.58
C2 HEX JB . -1.62 3.39 53.00
C3 HEX JB . -1.65 4.50 54.03
C4 HEX JB . -1.65 4.01 55.46
C5 HEX JB . -1.68 5.12 56.49
C6 HEX JB . -1.68 4.65 57.93
H11 HEX JB . -1.60 3.13 50.97
H12 HEX JB . -0.83 4.45 51.43
H13 HEX JB . -2.42 4.42 51.41
H21 HEX JB . -0.81 2.85 53.15
H22 HEX JB . -2.40 2.82 53.14
H31 HEX JB . -2.45 5.04 53.88
H32 HEX JB . -0.87 5.08 53.89
H41 HEX JB . -0.85 3.47 55.61
H42 HEX JB . -2.43 3.43 55.60
H51 HEX JB . -2.48 5.66 56.34
H52 HEX JB . -0.90 5.69 56.35
H61 HEX JB . -0.89 5.01 58.39
H62 HEX JB . -1.66 3.68 57.97
H63 HEX JB . -2.48 4.97 58.38
C1 NBU KB . -5.17 -13.69 32.92
C2 NBU KB . -4.12 -13.01 32.07
C3 NBU KB . -2.74 -13.06 32.64
C4 NBU KB . -2.51 -12.23 33.88
H11 NBU KB . -6.04 -13.62 32.49
H12 NBU KB . -5.21 -13.28 33.79
H13 NBU KB . -4.94 -14.63 33.01
H21 NBU KB . -4.38 -12.07 31.96
H22 NBU KB . -4.11 -13.42 31.18
H31 NBU KB . -2.11 -12.78 31.95
H32 NBU KB . -2.53 -14.00 32.86
H41 NBU KB . -2.25 -12.80 34.62
H42 NBU KB . -3.32 -11.75 34.12
H43 NBU KB . -1.80 -11.58 33.71
C1 UND LB . -5.02 -5.81 34.44
C2 UND LB . -5.31 -7.06 33.65
C3 UND LB . -5.63 -6.82 32.21
C4 UND LB . -5.77 -8.07 31.38
C5 UND LB . -7.04 -8.85 31.66
C6 UND LB . -7.26 -10.03 30.75
C7 UND LB . -8.53 -10.80 31.03
C8 UND LB . -8.68 -12.06 30.21
C9 UND LB . -8.99 -11.81 28.75
C10 UND LB . -9.28 -13.05 27.95
C11 UND LB . -9.56 -12.83 26.48
H11 UND LB . -4.84 -6.03 35.37
H12 UND LB . -5.80 -5.22 34.40
H13 UND LB . -4.26 -5.35 34.06
H21 UND LB . -6.07 -7.53 34.07
H22 UND LB . -4.53 -7.66 33.72
H31 UND LB . -4.89 -6.27 31.81
H32 UND LB . -6.45 -6.30 32.15
H41 UND LB . -5.01 -8.66 31.55
H42 UND LB . -5.76 -7.83 30.43
H51 UND LB . -7.80 -8.24 31.59
H52 UND LB . -7.02 -9.17 32.59
H61 UND LB . -6.49 -10.64 30.83
H62 UND LB . -7.28 -9.71 29.82
H71 UND LB . -9.29 -10.22 30.87
H72 UND LB . -8.54 -11.05 31.98
H81 UND LB . -9.39 -12.60 30.59
H82 UND LB . -7.85 -12.58 30.27
H91 UND LB . -8.22 -11.34 28.34
H92 UND LB . -9.76 -11.21 28.69
H101 UND LB . -10.04 -13.52 28.35
H102 UND LB . -8.51 -13.66 28.02
H111 UND LB . -8.91 -13.30 25.94
H112 UND LB . -9.52 -11.88 26.28
H113 UND LB . -10.46 -13.16 26.27
CL CL MB . 12.70 19.00 34.56
CL CL NB . 6.74 10.29 19.40
#